data_6IFR
#
_entry.id   6IFR
#
loop_
_entity.id
_entity.type
_entity.pdbx_description
1 polymer 'Type III-A CRISPR-associated protein Csm1'
2 polymer 'Type III-A CRISPR-associated protein Csm2'
3 polymer 'Type III-A CRISPR-associated RAMP protein Csm3'
4 polymer 'Type III-A CRISPR-associated RAMP protein Csm4'
5 polymer 'Type III-A CRISPR-associated RAMP protein Csm5'
6 polymer 'type III-A CRISPR-Cas interference complex, crRNA'
7 polymer 'type III-A CRISPR-Cas interference complex, NTR'
8 non-polymer "ADENOSINE-5'-TRIPHOSPHATE"
9 non-polymer 'MAGNESIUM ION'
#
loop_
_entity_poly.entity_id
_entity_poly.type
_entity_poly.pdbx_seq_one_letter_code
_entity_poly.pdbx_strand_id
1 'polypeptide(L)'
;MKKEKIDLFYGALLHNIGKVIQRATGERKKHALVGADWFDEIADNQVISDQIRYHMANYQSDKLGNDHLAYITYIADNIA
SGVDRRQSNEESDEDTSAKIWDTYTNQADIFNVFGAQTDKRYFKPTVLNLKSKPNFASATYEPFSKGDYAAIATRIKNEL
AEFEFNQVQIDSLLNLFEATLSFVPSSTNTKEIADISLADHSRLTAAFALAIYDYLEDKGRHNYKEDLFTKVSAFYEEEA
FLLASFDLSGIQDFIYNINIATNGAAKQLKARSLYLDFMSEYIADSLLDKLGLNRANMLYVGGGHAYFVLANTEKTVETL
VQFEKDFNQFLLANFQTRLYVAFGWGSFAAKDIMSELNSPESYRQVYQKASRMISKKKISRYDYQTLMLLNRGGKSSERE
CEICHSVENLVSYHDQKVCDICRGLYQFSKEIAHDHFIITENEGLPIGPNACLKGVAFEKLSQEAFSRVYVKNDYKAGTV
KATHVFVGDYQCDEIYNYAALSKNENGLGIKRLAVVRLDVDDLGAAFMAGFSQQGNGQYSTLSRSATFSRSMSLFFKVYI
NQFASDKKLSIIYAGGDDVFAIGSWQDIIAFTVELRENFIKWTNGKLTLSAGIGLFADKTPISLMAHQTGELEEAAKGNE
KDSISLFSSDYTFKFDRFITNVYDDKLEQIRYFFNHQDERGKNFIYKLIELLRNHDRMNMARLAYYLTRLEELTRETDRD
KFKTFKNLFYSWYTNKNDKDRKEAELALLLYIYEIRKD
;
A
2 'polypeptide(L)'
;MTILTDENYVDIAEKAILKLERNTRNRKNPDAFFLTTSKLRNLLSLTSTLFDESKVKEYDALLDRIAYLRVQFVYQAGRE
IAVKDLIEKAQILEALKEIKDRETLQRFCRYMEALVAYFKFYGGKD
;
D,C
3 'polypeptide(L)'
;MTFAKIKFSAQIRLETGLHIGGSDAFAAIGAINSPVIKDPITNLPIIPGSSLKGKMRTLLAKVYNEKVAEKPSDDSDILS
RLFGNSKDKRFKMGRLIFRDAFLSNADELDSLGVRSYTEVKFENTIDRITAEANPRQIERAIRNSTFDFELIYEITDENE
NQVEEDFKVIRDGLKLLELDYLGGSGSRGYGKVAFENLKATTVFGNYDVKTLNELLTAEV
;
G,F,E
4 'polypeptide(L)'
;MTYKLYIMTFQNAHFGSGTLDSSKLTFSADRIFSALVLEALKMGKLDAFLAEANQDKFTLTDAFPFQFGPFLPKPIGYPK
HDQIDQSVDVKEVRRQAKLSKKLQFLALENVDDYLNGELFENEEHAVIDTVTKNQPHKDDNLYQVATTRFSNDTSLYVIA
NESDLLNELMSSLQYSGLGGKRSSGFGRFELDIQNIPLELSDRLTKNHSDKVMSLTTALPVDADLEEAMEDGHYLLTKSS
GFAFSHATNENYRKQDLYKFASGSTFSKTFEGQIVDVRPLDFPHAVLNYAKPLFFKLEV
;
B
5 'polypeptide(L)'
;MKNDYRTFKLSLLTLAPIHIGNGEKYTSREFIYENKKFYFPDMGKFYNKMVEKRLAEKFEAFLIQTRPNARNNRLISFLN
DNRIAERSFGGYSISETGLESDKNPNSAGAINEVNKFIRDAFGNPYIPGSSLKGAIRTILMNTTPKWNNENAVNDFGRFP
KENKNLIPWGPKKGKEYDDLFNAIRVSDSKPFDNKSLILVQKWDYSAKTNKAKPLPLYRESISPLTKIEFEITTTTDEAG
RLIEELGKRAQAFYKDYKAFFLSEFPDDKIQANLQYPIYLGAGSGAWTKTLFKQADGILQRRYSRMKTKMVKKGVLKLTK
APLKTVKIPSGNHSLVKNHESFYEMGKANFMIKEIDK
;
H
6 'polyribonucleotide' ACGGAAACGCUUUCUAGCUCGCUAUAAUUACCCAUU N
7 'polyribonucleotide' GGUAGGAAUGGGUAAUUAUAGCGAGCUAGAAAGCGUUUCCGUC J
#
# COMPACT_ATOMS: atom_id res chain seq x y z
N LYS A 2 22.32 -13.24 70.49
CA LYS A 2 21.35 -12.50 69.70
C LYS A 2 20.17 -12.01 70.55
N LYS A 3 20.36 -11.94 71.85
CA LYS A 3 19.27 -11.48 72.71
C LYS A 3 19.19 -9.96 72.74
N GLU A 4 20.33 -9.29 72.88
CA GLU A 4 20.34 -7.82 72.88
C GLU A 4 20.06 -7.24 71.50
N LYS A 5 20.28 -8.01 70.44
CA LYS A 5 19.97 -7.53 69.10
C LYS A 5 18.48 -7.46 68.85
N ILE A 6 17.69 -8.27 69.58
CA ILE A 6 16.25 -8.19 69.48
C ILE A 6 15.75 -6.88 70.08
N ASP A 7 16.20 -6.58 71.29
CA ASP A 7 15.68 -5.41 72.01
C ASP A 7 16.24 -4.11 71.46
N LEU A 8 17.43 -4.13 70.87
CA LEU A 8 17.96 -2.96 70.18
C LEU A 8 17.24 -2.68 68.86
N PHE A 9 16.62 -3.69 68.25
CA PHE A 9 16.03 -3.50 66.94
C PHE A 9 14.64 -2.88 67.00
N TYR A 10 13.80 -3.38 67.91
CA TYR A 10 12.42 -2.89 67.97
C TYR A 10 12.37 -1.44 68.45
N GLY A 11 13.10 -1.13 69.51
CA GLY A 11 13.16 0.24 70.00
C GLY A 11 13.77 1.23 69.03
N ALA A 12 14.59 0.75 68.09
CA ALA A 12 15.05 1.61 67.00
C ALA A 12 13.91 1.93 66.04
N LEU A 13 13.07 0.94 65.74
CA LEU A 13 11.87 1.18 64.95
C LEU A 13 10.85 1.99 65.70
N LEU A 14 10.84 1.90 67.03
CA LEU A 14 9.80 2.49 67.85
C LEU A 14 10.26 3.70 68.63
N HIS A 15 11.44 4.26 68.32
CA HIS A 15 11.87 5.46 69.02
C HIS A 15 11.10 6.68 68.53
N ASN A 16 10.59 6.60 67.30
CA ASN A 16 9.66 7.60 66.78
C ASN A 16 8.28 7.00 66.52
N ILE A 17 7.85 6.07 67.38
CA ILE A 17 6.45 5.67 67.39
C ILE A 17 5.63 6.68 68.18
N GLY A 18 6.27 7.61 68.87
CA GLY A 18 5.53 8.64 69.58
C GLY A 18 4.82 9.61 68.64
N LYS A 19 5.49 10.02 67.56
CA LYS A 19 4.97 11.06 66.68
C LYS A 19 3.77 10.63 65.86
N VAL A 20 3.44 9.35 65.80
CA VAL A 20 2.14 8.96 65.27
C VAL A 20 1.10 8.87 66.38
N ILE A 21 1.52 8.59 67.61
CA ILE A 21 0.62 8.69 68.75
C ILE A 21 0.51 10.14 69.20
N GLN A 22 1.51 10.97 68.88
CA GLN A 22 1.43 12.38 69.23
C GLN A 22 0.42 13.12 68.36
N ARG A 23 0.65 13.15 67.05
CA ARG A 23 -0.12 14.00 66.16
C ARG A 23 -1.53 13.48 65.91
N ALA A 24 -1.82 12.24 66.26
CA ALA A 24 -3.19 11.77 66.38
C ALA A 24 -3.62 11.97 67.83
N THR A 25 -4.71 12.71 68.04
CA THR A 25 -5.16 13.20 69.35
C THR A 25 -4.04 13.98 70.04
N GLY A 26 -3.74 15.13 69.44
CA GLY A 26 -2.59 15.95 69.80
C GLY A 26 -2.46 16.44 71.22
N GLU A 27 -1.42 15.95 71.91
CA GLU A 27 -1.05 16.47 73.21
C GLU A 27 -0.06 17.63 73.01
N ARG A 28 0.57 18.06 74.10
CA ARG A 28 1.52 19.17 74.06
C ARG A 28 2.94 18.75 74.41
N LYS A 29 3.11 17.68 75.19
CA LYS A 29 4.40 17.28 75.73
C LYS A 29 5.24 16.59 74.66
N LYS A 30 6.39 16.05 75.07
CA LYS A 30 7.36 15.51 74.12
C LYS A 30 6.94 14.15 73.58
N HIS A 31 7.44 13.84 72.39
CA HIS A 31 6.97 12.69 71.64
C HIS A 31 7.73 11.42 72.01
N ALA A 32 8.99 11.56 72.44
CA ALA A 32 9.78 10.39 72.80
C ALA A 32 9.27 9.75 74.09
N LEU A 33 8.63 10.53 74.96
CA LEU A 33 8.10 9.97 76.19
C LEU A 33 6.74 9.32 75.98
N VAL A 34 5.86 9.95 75.20
CA VAL A 34 4.54 9.39 74.96
C VAL A 34 4.55 8.17 74.05
N GLY A 35 5.68 7.91 73.38
CA GLY A 35 5.81 6.66 72.66
C GLY A 35 5.87 5.47 73.60
N ALA A 36 6.77 5.53 74.59
CA ALA A 36 6.88 4.45 75.55
C ALA A 36 5.72 4.42 76.53
N ASP A 37 5.03 5.55 76.72
CA ASP A 37 3.82 5.56 77.55
C ASP A 37 2.72 4.74 76.88
N TRP A 38 2.51 4.94 75.59
CA TRP A 38 1.60 4.11 74.82
C TRP A 38 2.11 2.69 74.66
N PHE A 39 3.43 2.50 74.65
CA PHE A 39 4.02 1.18 74.44
C PHE A 39 3.98 0.32 75.69
N ASP A 40 4.07 0.92 76.87
CA ASP A 40 4.10 0.14 78.11
C ASP A 40 2.77 -0.55 78.41
N GLU A 41 1.68 -0.09 77.81
CA GLU A 41 0.39 -0.76 77.98
C GLU A 41 0.33 -2.07 77.20
N ILE A 42 1.22 -2.28 76.24
CA ILE A 42 1.29 -3.50 75.46
C ILE A 42 2.55 -4.26 75.88
N ALA A 43 2.34 -5.37 76.60
CA ALA A 43 3.32 -6.40 76.95
C ALA A 43 4.37 -5.97 77.98
N ASP A 44 4.39 -4.67 78.32
CA ASP A 44 5.16 -4.08 79.42
C ASP A 44 6.65 -4.38 79.34
N ASN A 45 7.22 -4.45 78.14
CA ASN A 45 8.62 -4.80 78.00
C ASN A 45 9.49 -3.61 78.34
N GLN A 46 10.59 -3.88 79.05
CA GLN A 46 11.37 -2.84 79.69
C GLN A 46 12.48 -2.31 78.80
N VAL A 47 13.30 -3.21 78.24
CA VAL A 47 14.52 -2.80 77.54
C VAL A 47 14.19 -2.09 76.23
N ILE A 48 13.14 -2.52 75.55
CA ILE A 48 12.67 -1.80 74.36
C ILE A 48 12.14 -0.42 74.76
N SER A 49 11.40 -0.35 75.87
CA SER A 49 10.88 0.94 76.33
C SER A 49 11.98 1.84 76.85
N ASP A 50 13.05 1.27 77.41
CA ASP A 50 14.19 2.06 77.84
C ASP A 50 14.91 2.73 76.68
N GLN A 51 14.84 2.12 75.49
CA GLN A 51 15.36 2.73 74.29
C GLN A 51 14.48 3.89 73.83
N ILE A 52 13.22 3.89 74.23
CA ILE A 52 12.30 4.95 73.83
C ILE A 52 12.32 6.12 74.82
N ARG A 53 12.52 5.85 76.12
CA ARG A 53 12.46 6.89 77.14
C ARG A 53 13.60 7.91 77.03
N TYR A 54 14.83 7.46 76.80
CA TYR A 54 15.99 8.34 76.97
C TYR A 54 16.91 8.26 75.75
N HIS A 55 16.36 8.39 74.55
CA HIS A 55 17.19 8.44 73.35
C HIS A 55 17.31 9.85 72.77
N MET A 56 16.71 10.85 73.39
CA MET A 56 16.83 12.24 72.97
C MET A 56 17.12 13.09 74.20
N ALA A 57 18.40 13.34 74.46
CA ALA A 57 18.80 14.16 75.60
C ALA A 57 20.10 14.92 75.29
N ASP A 67 22.12 3.76 80.86
CA ASP A 67 21.63 2.78 79.91
C ASP A 67 22.52 2.71 78.67
N HIS A 68 23.27 1.63 78.54
CA HIS A 68 24.18 1.44 77.41
C HIS A 68 23.48 0.74 76.25
N LEU A 69 22.32 1.24 75.86
CA LEU A 69 21.62 0.71 74.69
C LEU A 69 21.02 1.77 73.79
N ALA A 70 20.71 2.97 74.30
CA ALA A 70 20.00 3.97 73.53
C ALA A 70 20.92 4.99 72.87
N TYR A 71 22.23 4.91 73.12
CA TYR A 71 23.15 5.78 72.41
C TYR A 71 23.38 5.29 70.99
N ILE A 72 23.18 3.99 70.74
CA ILE A 72 23.20 3.47 69.37
C ILE A 72 22.05 4.06 68.57
N THR A 73 20.90 4.22 69.22
CA THR A 73 19.74 4.81 68.54
C THR A 73 19.96 6.30 68.30
N TYR A 74 20.64 6.97 69.23
CA TYR A 74 20.85 8.41 69.09
C TYR A 74 21.85 8.72 67.98
N ILE A 75 22.85 7.87 67.81
CA ILE A 75 23.78 8.10 66.70
C ILE A 75 23.14 7.71 65.38
N ALA A 76 22.38 6.61 65.36
CA ALA A 76 21.76 6.15 64.11
C ALA A 76 20.59 7.01 63.68
N ASP A 77 19.96 7.73 64.61
CA ASP A 77 18.95 8.70 64.22
C ASP A 77 19.58 9.89 63.51
N ASN A 78 20.84 10.20 63.82
CA ASN A 78 21.55 11.23 63.09
C ASN A 78 22.04 10.75 61.74
N ILE A 79 22.46 9.48 61.63
CA ILE A 79 22.94 8.94 60.36
C ILE A 79 21.77 8.70 59.40
N ALA A 80 20.54 8.68 59.90
CA ALA A 80 19.39 8.71 59.00
C ALA A 80 19.34 10.02 58.23
N SER A 81 19.40 11.15 58.93
CA SER A 81 19.48 12.45 58.28
C SER A 81 20.09 13.44 59.27
N GLY A 82 21.24 14.00 58.93
CA GLY A 82 21.92 14.92 59.83
C GLY A 82 22.29 16.24 59.18
N TYR A 104 2.45 19.35 62.05
CA TYR A 104 2.35 20.77 61.75
C TYR A 104 2.41 21.00 60.24
N THR A 105 3.06 20.10 59.53
CA THR A 105 3.20 20.18 58.08
C THR A 105 3.08 18.77 57.53
N ASN A 106 2.33 18.62 56.44
CA ASN A 106 2.13 17.32 55.81
C ASN A 106 3.42 16.89 55.11
N GLN A 107 3.51 15.62 54.70
CA GLN A 107 4.75 15.07 54.16
C GLN A 107 5.05 15.65 52.79
N ALA A 108 6.25 16.24 52.64
CA ALA A 108 6.66 16.80 51.37
C ALA A 108 6.97 15.69 50.37
N ASP A 109 7.06 16.08 49.10
CA ASP A 109 7.22 15.11 48.03
C ASP A 109 8.69 14.87 47.75
N ILE A 110 9.01 13.62 47.43
CA ILE A 110 10.38 13.25 47.12
C ILE A 110 10.81 13.78 45.76
N PHE A 111 9.88 14.13 44.88
CA PHE A 111 10.24 14.72 43.60
C PHE A 111 10.19 16.24 43.64
N ASN A 112 10.38 16.83 44.80
CA ASN A 112 10.56 18.28 44.86
C ASN A 112 12.01 18.66 44.57
N VAL A 113 12.96 17.97 45.17
CA VAL A 113 14.38 18.35 45.07
C VAL A 113 14.92 17.67 43.82
N PHE A 114 14.74 18.33 42.69
CA PHE A 114 15.28 17.90 41.41
C PHE A 114 15.53 19.14 40.57
N GLY A 115 15.66 18.94 39.26
CA GLY A 115 15.72 20.03 38.31
C GLY A 115 14.36 20.66 38.03
N ALA A 116 13.73 21.18 39.07
CA ALA A 116 12.44 21.85 39.05
C ALA A 116 12.28 22.54 40.39
N GLN A 117 11.73 23.75 40.38
CA GLN A 117 11.74 24.58 41.58
C GLN A 117 10.40 25.27 41.82
N THR A 118 9.30 24.70 41.33
CA THR A 118 7.98 25.24 41.67
C THR A 118 6.98 24.09 41.72
N ASP A 119 6.84 23.50 42.91
CA ASP A 119 5.88 22.46 43.27
C ASP A 119 6.03 22.22 44.77
N LYS A 120 4.93 21.79 45.38
CA LYS A 120 5.03 21.26 46.74
C LYS A 120 4.64 19.79 46.71
N ARG A 121 3.41 19.53 46.24
CA ARG A 121 2.83 18.19 46.09
C ARG A 121 2.91 17.38 47.38
N TYR A 122 2.28 17.88 48.42
CA TYR A 122 2.35 17.20 49.71
C TYR A 122 1.45 15.98 49.70
N PHE A 123 1.87 14.92 50.38
CA PHE A 123 1.19 13.63 50.30
C PHE A 123 -0.11 13.67 51.11
N LYS A 124 -1.16 13.13 50.52
CA LYS A 124 -2.34 12.75 51.29
C LYS A 124 -1.94 11.67 52.29
N PRO A 125 -2.15 11.88 53.58
CA PRO A 125 -1.47 11.05 54.58
C PRO A 125 -2.10 9.68 54.85
N THR A 126 -2.93 9.18 53.94
CA THR A 126 -3.60 7.89 54.11
C THR A 126 -2.64 6.70 54.09
N VAL A 127 -3.19 5.51 54.29
CA VAL A 127 -2.38 4.31 54.43
C VAL A 127 -2.32 3.57 53.10
N LEU A 128 -1.42 2.60 53.02
CA LEU A 128 -1.38 1.71 51.88
C LEU A 128 -2.56 0.75 51.94
N ASN A 129 -3.17 0.52 50.79
CA ASN A 129 -4.44 -0.20 50.76
C ASN A 129 -4.41 -1.44 49.88
N LEU A 130 -3.69 -1.39 48.75
CA LEU A 130 -3.46 -2.45 47.75
C LEU A 130 -4.72 -2.73 46.91
N LYS A 131 -5.85 -2.13 47.27
CA LYS A 131 -7.07 -2.25 46.47
C LYS A 131 -7.70 -0.88 46.28
N SER A 132 -6.88 0.17 46.32
CA SER A 132 -7.34 1.54 46.15
C SER A 132 -6.42 2.27 45.19
N LYS A 133 -6.84 3.47 44.82
CA LYS A 133 -6.07 4.29 43.91
C LYS A 133 -4.87 4.88 44.63
N PRO A 134 -3.77 5.11 43.90
CA PRO A 134 -2.61 5.76 44.50
C PRO A 134 -2.90 7.21 44.85
N ASN A 135 -2.52 7.60 46.06
CA ASN A 135 -2.64 9.00 46.47
C ASN A 135 -1.59 9.86 45.77
N PHE A 136 -1.91 10.21 44.52
CA PHE A 136 -1.13 11.14 43.72
C PHE A 136 -1.02 12.47 44.43
N ALA A 137 0.18 12.80 44.88
CA ALA A 137 0.38 13.92 45.78
C ALA A 137 0.22 15.22 45.02
N SER A 138 -0.76 16.03 45.42
CA SER A 138 -1.02 17.33 44.84
C SER A 138 -0.65 18.41 45.84
N ALA A 139 -0.56 19.64 45.34
CA ALA A 139 -0.19 20.79 46.17
C ALA A 139 -1.33 21.30 47.03
N THR A 140 -2.50 20.67 46.97
CA THR A 140 -3.66 21.06 47.75
C THR A 140 -3.82 20.22 49.02
N TYR A 141 -2.71 19.76 49.59
CA TYR A 141 -2.73 18.88 50.76
C TYR A 141 -1.74 19.36 51.81
N GLU A 142 -1.76 20.66 52.10
CA GLU A 142 -0.88 21.22 53.13
C GLU A 142 -1.58 21.29 54.48
N PRO A 143 -2.89 21.55 54.51
CA PRO A 143 -3.57 21.80 55.76
C PRO A 143 -3.88 20.53 56.53
N PHE A 144 -4.02 19.39 55.84
CA PHE A 144 -4.37 18.13 56.49
C PHE A 144 -3.15 17.57 57.21
N SER A 145 -2.87 18.16 58.37
CA SER A 145 -1.72 17.77 59.17
C SER A 145 -2.10 17.32 60.57
N LYS A 146 -3.37 17.37 60.94
CA LYS A 146 -3.81 17.06 62.29
C LYS A 146 -5.00 16.10 62.28
N GLY A 147 -5.83 16.19 61.25
CA GLY A 147 -7.14 15.57 61.27
C GLY A 147 -7.19 14.05 61.18
N ASP A 148 -6.80 13.50 60.03
CA ASP A 148 -7.08 12.11 59.69
C ASP A 148 -6.04 11.13 60.21
N TYR A 149 -5.15 11.56 61.12
CA TYR A 149 -4.17 10.65 61.69
C TYR A 149 -4.80 9.65 62.64
N ALA A 150 -6.02 9.90 63.13
CA ALA A 150 -6.69 8.96 64.00
C ALA A 150 -7.13 7.70 63.27
N ALA A 151 -7.34 7.77 61.96
CA ALA A 151 -7.58 6.57 61.18
C ALA A 151 -6.31 5.72 61.04
N ILE A 152 -5.14 6.35 61.14
CA ILE A 152 -3.89 5.61 61.08
C ILE A 152 -3.65 4.86 62.39
N ALA A 153 -3.72 5.57 63.52
CA ALA A 153 -3.33 5.00 64.80
C ALA A 153 -4.32 3.95 65.31
N THR A 154 -5.54 3.93 64.75
CA THR A 154 -6.50 2.89 65.12
C THR A 154 -6.04 1.52 64.62
N ARG A 155 -5.53 1.46 63.39
CA ARG A 155 -5.06 0.21 62.82
C ARG A 155 -3.77 -0.29 63.49
N ILE A 156 -3.00 0.62 64.10
CA ILE A 156 -1.74 0.24 64.74
C ILE A 156 -2.00 -0.64 65.95
N LYS A 157 -3.08 -0.34 66.69
CA LYS A 157 -3.47 -1.12 67.87
C LYS A 157 -3.80 -2.58 67.54
N ASN A 158 -4.19 -2.86 66.29
CA ASN A 158 -4.65 -4.20 65.92
C ASN A 158 -3.49 -5.20 65.93
N GLU A 159 -2.38 -4.86 65.31
CA GLU A 159 -1.29 -5.82 65.15
C GLU A 159 -0.21 -5.64 66.22
N LEU A 160 -0.04 -4.43 66.75
CA LEU A 160 0.99 -4.20 67.76
C LEU A 160 0.61 -4.78 69.11
N ALA A 161 -0.68 -5.01 69.38
CA ALA A 161 -1.10 -5.49 70.69
C ALA A 161 -0.69 -6.94 70.91
N GLU A 162 -1.22 -7.85 70.11
CA GLU A 162 -0.86 -9.27 70.21
C GLU A 162 0.44 -9.48 69.45
N PHE A 163 1.54 -9.09 70.08
CA PHE A 163 2.85 -9.12 69.43
C PHE A 163 3.85 -9.72 70.39
N GLU A 164 4.58 -10.74 69.95
CA GLU A 164 5.43 -11.55 70.82
C GLU A 164 6.86 -11.03 70.92
N PHE A 165 7.26 -10.10 70.05
CA PHE A 165 8.56 -9.42 70.03
C PHE A 165 9.75 -10.38 69.89
N ASN A 166 9.55 -11.55 69.29
CA ASN A 166 10.66 -12.43 68.99
C ASN A 166 11.21 -12.08 67.61
N GLN A 167 12.20 -12.86 67.17
CA GLN A 167 12.66 -12.74 65.79
C GLN A 167 11.81 -13.56 64.82
N VAL A 168 10.74 -14.17 65.31
CA VAL A 168 9.85 -14.93 64.43
C VAL A 168 8.89 -14.01 63.70
N GLN A 169 8.32 -13.04 64.41
CA GLN A 169 7.48 -12.02 63.83
C GLN A 169 8.27 -10.76 63.49
N ILE A 170 9.54 -10.93 63.11
CA ILE A 170 10.45 -9.78 63.02
C ILE A 170 10.13 -8.93 61.81
N ASP A 171 9.45 -9.49 60.81
CA ASP A 171 9.09 -8.74 59.61
C ASP A 171 7.62 -8.34 59.61
N SER A 172 6.80 -8.96 60.46
CA SER A 172 5.39 -8.59 60.53
C SER A 172 5.20 -7.19 61.09
N LEU A 173 6.14 -6.70 61.89
CA LEU A 173 6.09 -5.30 62.28
C LEU A 173 6.57 -4.40 61.14
N LEU A 174 7.44 -4.92 60.27
CA LEU A 174 7.89 -4.13 59.13
C LEU A 174 6.79 -3.99 58.08
N ASN A 175 5.84 -4.92 58.04
CA ASN A 175 4.58 -4.68 57.33
C ASN A 175 3.86 -3.49 57.94
N LEU A 176 3.83 -3.44 59.27
CA LEU A 176 2.94 -2.51 59.97
C LEU A 176 3.44 -1.07 59.84
N PHE A 177 4.70 -0.89 59.47
CA PHE A 177 5.16 0.46 59.20
C PHE A 177 5.02 0.83 57.73
N GLU A 178 5.28 -0.10 56.80
CA GLU A 178 5.20 0.26 55.40
C GLU A 178 3.76 0.38 54.92
N ALA A 179 2.83 -0.34 55.55
CA ALA A 179 1.44 -0.28 55.12
C ALA A 179 0.72 0.91 55.72
N THR A 180 1.13 1.38 56.89
CA THR A 180 0.42 2.44 57.60
C THR A 180 1.25 3.69 57.80
N LEU A 181 2.47 3.55 58.33
CA LEU A 181 3.32 4.69 58.66
C LEU A 181 4.03 5.26 57.44
N SER A 182 3.63 4.88 56.23
CA SER A 182 4.34 5.31 55.02
C SER A 182 4.15 6.79 54.75
N PHE A 183 2.90 7.22 54.54
CA PHE A 183 2.65 8.56 54.06
C PHE A 183 2.54 9.59 55.18
N VAL A 184 2.95 9.24 56.39
CA VAL A 184 3.08 10.25 57.45
C VAL A 184 4.55 10.64 57.53
N PRO A 185 4.80 11.93 57.78
CA PRO A 185 6.13 12.54 57.89
C PRO A 185 6.80 12.20 59.21
N SER A 186 8.07 12.56 59.36
CA SER A 186 8.81 12.25 60.58
C SER A 186 8.71 13.38 61.60
N SER A 187 9.81 14.11 61.82
CA SER A 187 9.80 15.21 62.78
C SER A 187 8.81 16.28 62.33
N THR A 188 8.84 16.57 61.04
CA THR A 188 7.92 17.53 60.41
C THR A 188 7.85 18.93 61.02
N ASN A 189 8.99 19.46 61.47
CA ASN A 189 9.02 20.81 62.00
C ASN A 189 9.59 21.75 60.94
N THR A 190 9.97 22.95 61.35
CA THR A 190 10.65 23.88 60.44
C THR A 190 12.15 23.58 60.39
N LYS A 191 12.45 22.31 60.09
CA LYS A 191 13.84 21.83 59.99
C LYS A 191 14.33 21.88 58.55
N GLU A 192 15.43 21.19 58.26
CA GLU A 192 16.03 21.17 56.94
C GLU A 192 15.74 19.90 56.16
N ILE A 193 15.39 18.81 56.83
CA ILE A 193 15.15 17.55 56.12
C ILE A 193 13.77 17.56 55.45
N ALA A 194 12.69 17.62 56.23
CA ALA A 194 11.33 17.94 55.81
C ALA A 194 10.70 17.03 54.74
N ASP A 195 11.41 16.01 54.29
CA ASP A 195 11.04 15.30 53.06
C ASP A 195 10.83 13.82 53.26
N ILE A 196 11.68 13.16 54.05
CA ILE A 196 11.61 11.71 54.16
C ILE A 196 10.45 11.30 55.05
N SER A 197 10.08 10.03 54.94
CA SER A 197 8.89 9.51 55.61
C SER A 197 9.19 9.20 57.07
N LEU A 198 8.26 8.49 57.72
CA LEU A 198 8.48 7.93 59.03
C LEU A 198 8.62 6.42 58.99
N ALA A 199 8.05 5.77 57.98
CA ALA A 199 8.25 4.33 57.79
C ALA A 199 9.69 4.04 57.42
N ASP A 200 10.19 4.70 56.37
CA ASP A 200 11.57 4.46 55.94
C ASP A 200 12.58 5.00 56.94
N HIS A 201 12.26 6.12 57.60
CA HIS A 201 13.14 6.64 58.64
C HIS A 201 13.18 5.71 59.85
N SER A 202 12.11 4.94 60.07
CA SER A 202 12.19 3.89 61.07
C SER A 202 13.02 2.73 60.57
N ARG A 203 12.89 2.37 59.29
CA ARG A 203 13.64 1.25 58.74
C ARG A 203 15.12 1.57 58.64
N LEU A 204 15.46 2.71 58.02
CA LEU A 204 16.84 3.06 57.74
C LEU A 204 17.61 3.43 59.00
N THR A 205 16.92 3.79 60.07
CA THR A 205 17.60 3.94 61.36
C THR A 205 17.82 2.59 62.01
N ALA A 206 16.81 1.73 61.99
CA ALA A 206 16.95 0.38 62.51
C ALA A 206 17.83 -0.49 61.63
N ALA A 207 17.99 -0.13 60.35
CA ALA A 207 19.00 -0.78 59.53
C ALA A 207 20.39 -0.43 60.01
N PHE A 208 20.60 0.82 60.41
CA PHE A 208 21.89 1.25 60.88
C PHE A 208 22.24 0.71 62.26
N ALA A 209 21.27 0.71 63.19
CA ALA A 209 21.55 0.43 64.59
C ALA A 209 22.04 -0.99 64.84
N LEU A 210 21.53 -1.97 64.07
CA LEU A 210 22.09 -3.31 64.15
C LEU A 210 23.48 -3.38 63.51
N ALA A 211 23.70 -2.59 62.46
CA ALA A 211 25.03 -2.56 61.84
C ALA A 211 26.02 -1.80 62.71
N ILE A 212 25.54 -0.85 63.52
CA ILE A 212 26.43 -0.25 64.51
C ILE A 212 26.79 -1.26 65.58
N TYR A 213 25.84 -2.13 65.95
CA TYR A 213 26.10 -3.13 66.97
C TYR A 213 27.14 -4.14 66.52
N ASP A 214 27.01 -4.64 65.30
CA ASP A 214 27.95 -5.64 64.80
C ASP A 214 29.33 -5.04 64.53
N TYR A 215 29.40 -3.74 64.20
CA TYR A 215 30.69 -3.09 64.06
C TYR A 215 31.36 -2.88 65.41
N LEU A 216 30.58 -2.57 66.44
CA LEU A 216 31.15 -2.38 67.76
C LEU A 216 31.43 -3.70 68.47
N GLU A 217 30.69 -4.75 68.13
CA GLU A 217 30.93 -6.04 68.78
C GLU A 217 32.12 -6.77 68.15
N ASP A 218 32.19 -6.80 66.81
CA ASP A 218 33.30 -7.46 66.14
C ASP A 218 34.60 -6.70 66.29
N LYS A 219 34.55 -5.41 66.63
CA LYS A 219 35.76 -4.71 67.02
C LYS A 219 36.24 -5.21 68.38
N GLY A 220 35.33 -5.53 69.28
CA GLY A 220 35.66 -6.11 70.56
C GLY A 220 35.63 -5.17 71.74
N ARG A 221 34.79 -4.15 71.72
CA ARG A 221 34.66 -3.24 72.85
C ARG A 221 33.20 -2.84 73.01
N HIS A 222 32.74 -3.01 74.24
CA HIS A 222 31.37 -2.73 74.64
C HIS A 222 31.34 -1.88 75.88
N ASN A 223 32.47 -1.23 76.20
CA ASN A 223 32.55 -0.40 77.41
C ASN A 223 31.98 1.00 77.22
N TYR A 224 30.65 1.04 77.09
CA TYR A 224 29.79 2.20 77.29
C TYR A 224 29.74 3.09 76.06
N LYS A 225 28.54 3.15 75.49
CA LYS A 225 28.28 3.89 74.28
C LYS A 225 28.49 5.40 74.37
N GLU A 226 28.09 6.04 75.47
CA GLU A 226 28.19 7.50 75.44
C GLU A 226 29.61 7.96 75.11
N ASP A 227 30.61 7.13 75.44
CA ASP A 227 32.01 7.52 75.31
C ASP A 227 32.45 7.67 73.86
N LEU A 228 31.80 7.00 72.92
CA LEU A 228 32.14 7.12 71.51
C LEU A 228 31.11 7.92 70.72
N PHE A 229 29.88 8.01 71.22
CA PHE A 229 28.76 8.55 70.45
C PHE A 229 28.34 9.96 70.88
N THR A 230 28.23 10.20 72.19
CA THR A 230 27.81 11.50 72.69
C THR A 230 28.96 12.30 73.28
N LYS A 231 29.92 11.64 73.94
CA LYS A 231 31.08 12.37 74.45
C LYS A 231 31.97 12.86 73.32
N VAL A 232 32.13 12.05 72.27
CA VAL A 232 32.82 12.48 71.06
C VAL A 232 31.92 12.19 69.86
N SER A 233 32.20 12.87 68.75
CA SER A 233 31.46 12.69 67.51
C SER A 233 32.37 12.26 66.37
N ALA A 234 33.50 11.65 66.69
CA ALA A 234 34.44 11.17 65.68
C ALA A 234 34.12 9.76 65.19
N PHE A 235 32.91 9.27 65.46
CA PHE A 235 32.48 8.00 64.91
C PHE A 235 32.25 8.07 63.40
N TYR A 236 31.96 9.27 62.88
CA TYR A 236 31.76 9.43 61.45
C TYR A 236 33.05 9.25 60.66
N GLU A 237 34.20 9.49 61.28
CA GLU A 237 35.48 9.42 60.59
C GLU A 237 36.13 8.03 60.69
N GLU A 238 35.36 6.99 60.38
CA GLU A 238 35.93 5.67 60.09
C GLU A 238 34.93 4.90 59.22
N GLU A 239 35.48 4.06 58.34
CA GLU A 239 34.68 3.33 57.37
C GLU A 239 34.00 2.15 58.08
N ALA A 240 32.86 2.44 58.68
CA ALA A 240 32.02 1.44 59.31
C ALA A 240 30.75 1.24 58.49
N PHE A 241 30.05 0.15 58.80
CA PHE A 241 28.81 -0.34 58.21
C PHE A 241 28.77 -0.26 56.67
N LEU A 242 29.57 -1.12 56.03
CA LEU A 242 29.77 -1.12 54.59
C LEU A 242 28.49 -1.46 53.84
N LEU A 243 28.46 -1.06 52.57
CA LEU A 243 27.31 -1.26 51.69
C LEU A 243 27.57 -2.45 50.77
N ALA A 244 26.87 -3.55 51.02
CA ALA A 244 26.93 -4.69 50.13
C ALA A 244 25.88 -4.57 49.04
N SER A 245 25.98 -5.45 48.05
CA SER A 245 25.08 -5.49 46.91
C SER A 245 25.29 -6.83 46.22
N PHE A 246 24.32 -7.21 45.38
CA PHE A 246 24.56 -8.29 44.44
C PHE A 246 23.81 -8.02 43.16
N ASP A 247 23.91 -8.99 42.24
CA ASP A 247 23.39 -8.84 40.89
C ASP A 247 23.15 -10.23 40.33
N LEU A 248 21.88 -10.61 40.20
CA LEU A 248 21.53 -11.89 39.61
C LEU A 248 21.60 -11.75 38.10
N SER A 249 22.78 -12.00 37.55
CA SER A 249 23.02 -11.83 36.13
C SER A 249 22.42 -12.98 35.33
N GLY A 250 22.34 -12.79 34.03
CA GLY A 250 21.69 -13.77 33.17
C GLY A 250 20.21 -13.86 33.36
N ILE A 251 19.59 -12.81 33.90
CA ILE A 251 18.20 -12.87 34.30
C ILE A 251 17.25 -12.72 33.11
N GLN A 252 17.73 -12.13 32.02
CA GLN A 252 16.92 -11.89 30.84
C GLN A 252 16.90 -13.10 29.93
N ASP A 253 18.07 -13.68 29.66
CA ASP A 253 18.21 -14.78 28.72
C ASP A 253 17.69 -16.09 29.29
N PHE A 254 17.51 -16.18 30.60
CA PHE A 254 16.94 -17.38 31.19
C PHE A 254 15.47 -17.54 30.87
N ILE A 255 14.71 -16.45 30.87
CA ILE A 255 13.26 -16.49 30.92
C ILE A 255 12.65 -16.69 29.54
N TYR A 256 13.04 -15.86 28.58
CA TYR A 256 12.32 -15.80 27.31
C TYR A 256 12.82 -16.79 26.27
N ASN A 257 13.82 -17.61 26.59
CA ASN A 257 14.31 -18.61 25.64
C ASN A 257 13.68 -19.97 25.93
N ILE A 258 12.37 -20.04 25.71
CA ILE A 258 11.63 -21.27 25.94
C ILE A 258 10.99 -21.77 24.66
N ALA A 265 -0.89 -22.78 26.81
CA ALA A 265 0.25 -23.31 26.08
C ALA A 265 1.43 -22.36 26.18
N ALA A 266 1.21 -21.22 26.83
CA ALA A 266 2.23 -20.19 26.94
C ALA A 266 2.38 -19.55 28.30
N LYS A 267 1.47 -19.77 29.25
CA LYS A 267 1.52 -19.13 30.57
C LYS A 267 2.55 -19.74 31.50
N GLN A 268 3.33 -20.72 31.04
CA GLN A 268 4.47 -21.25 31.77
C GLN A 268 5.57 -20.21 31.98
N LEU A 269 5.61 -19.18 31.14
CA LEU A 269 6.60 -18.12 31.29
C LEU A 269 6.31 -17.21 32.48
N LYS A 270 5.06 -17.14 32.94
CA LYS A 270 4.75 -16.31 34.10
C LYS A 270 5.36 -16.90 35.36
N ALA A 271 5.31 -18.22 35.51
CA ALA A 271 5.92 -18.85 36.67
C ALA A 271 7.44 -18.83 36.59
N ARG A 272 8.00 -18.80 35.38
CA ARG A 272 9.44 -18.73 35.24
C ARG A 272 9.98 -17.35 35.62
N SER A 273 9.24 -16.30 35.29
CA SER A 273 9.65 -14.96 35.70
C SER A 273 9.32 -14.66 37.14
N LEU A 274 8.43 -15.44 37.76
CA LEU A 274 8.13 -15.30 39.18
C LEU A 274 9.02 -16.19 40.03
N TYR A 275 9.54 -17.27 39.46
CA TYR A 275 10.49 -18.11 40.18
C TYR A 275 11.78 -17.35 40.49
N LEU A 276 12.16 -16.44 39.60
CA LEU A 276 13.40 -15.70 39.78
C LEU A 276 13.22 -14.45 40.63
N ASP A 277 12.02 -14.20 41.13
CA ASP A 277 11.80 -13.20 42.16
C ASP A 277 11.97 -13.78 43.55
N PHE A 278 11.41 -14.96 43.78
CA PHE A 278 11.63 -15.63 45.05
C PHE A 278 13.05 -16.15 45.18
N MET A 279 13.72 -16.42 44.06
CA MET A 279 15.16 -16.62 44.13
C MET A 279 15.86 -15.32 44.44
N SER A 280 15.41 -14.22 43.86
CA SER A 280 16.01 -12.92 44.13
C SER A 280 15.76 -12.45 45.55
N GLU A 281 14.73 -12.96 46.22
CA GLU A 281 14.51 -12.63 47.62
C GLU A 281 15.21 -13.60 48.55
N TYR A 282 15.31 -14.87 48.17
CA TYR A 282 15.97 -15.84 49.03
C TYR A 282 17.46 -15.59 49.12
N ILE A 283 18.06 -15.05 48.06
CA ILE A 283 19.42 -14.55 48.14
C ILE A 283 19.50 -13.39 49.12
N ALA A 284 18.51 -12.49 49.06
CA ALA A 284 18.49 -11.35 49.96
C ALA A 284 18.10 -11.73 51.37
N ASP A 285 17.49 -12.89 51.58
CA ASP A 285 17.12 -13.30 52.93
C ASP A 285 18.11 -14.26 53.57
N SER A 286 18.70 -15.17 52.79
CA SER A 286 19.71 -16.05 53.35
C SER A 286 21.01 -15.33 53.62
N LEU A 287 21.28 -14.23 52.91
CA LEU A 287 22.43 -13.40 53.24
C LEU A 287 22.20 -12.70 54.57
N LEU A 288 20.95 -12.41 54.90
CA LEU A 288 20.62 -11.84 56.19
C LEU A 288 20.29 -12.91 57.23
N ASP A 289 20.23 -14.18 56.83
CA ASP A 289 20.15 -15.25 57.82
C ASP A 289 21.53 -15.65 58.31
N LYS A 290 22.53 -15.61 57.41
CA LYS A 290 23.92 -15.85 57.80
C LYS A 290 24.49 -14.69 58.60
N LEU A 291 23.83 -13.54 58.59
CA LEU A 291 24.09 -12.45 59.50
C LEU A 291 22.94 -12.35 60.49
N GLY A 292 23.00 -11.36 61.36
CA GLY A 292 21.93 -11.14 62.30
C GLY A 292 21.07 -9.97 61.91
N LEU A 293 20.77 -9.88 60.62
CA LEU A 293 20.06 -8.74 60.07
C LEU A 293 18.75 -9.23 59.45
N ASN A 294 18.00 -8.29 58.87
CA ASN A 294 16.69 -8.60 58.30
C ASN A 294 16.34 -7.55 57.25
N ARG A 295 15.08 -7.54 56.85
CA ARG A 295 14.58 -6.72 55.74
C ARG A 295 14.68 -5.22 56.00
N ALA A 296 14.91 -4.82 57.26
CA ALA A 296 15.27 -3.44 57.54
C ALA A 296 16.63 -3.12 56.94
N ASN A 297 17.61 -4.00 57.15
CA ASN A 297 18.95 -3.87 56.58
C ASN A 297 18.94 -4.15 55.08
N MET A 298 18.31 -3.27 54.31
CA MET A 298 17.99 -3.48 52.91
C MET A 298 17.45 -2.17 52.36
N LEU A 299 17.82 -1.85 51.13
CA LEU A 299 17.35 -0.63 50.51
C LEU A 299 16.60 -0.87 49.21
N TYR A 300 16.71 -2.06 48.63
CA TYR A 300 16.20 -2.38 47.31
C TYR A 300 16.32 -3.89 47.14
N VAL A 301 15.33 -4.52 46.50
CA VAL A 301 15.45 -5.90 46.04
C VAL A 301 14.89 -6.14 44.65
N GLY A 302 14.47 -5.09 43.97
CA GLY A 302 13.72 -5.26 42.75
C GLY A 302 14.45 -5.83 41.56
N GLY A 303 14.19 -7.10 41.24
CA GLY A 303 14.67 -7.69 40.01
C GLY A 303 16.16 -7.92 39.91
N GLY A 304 16.68 -8.87 40.66
CA GLY A 304 18.07 -9.25 40.53
C GLY A 304 19.00 -8.38 41.35
N HIS A 305 19.05 -7.09 41.02
CA HIS A 305 19.82 -6.14 41.80
C HIS A 305 19.21 -5.97 43.18
N ALA A 306 20.06 -5.86 44.19
CA ALA A 306 19.59 -5.59 45.54
C ALA A 306 20.71 -4.97 46.35
N TYR A 307 20.42 -3.86 47.02
CA TYR A 307 21.39 -3.15 47.83
C TYR A 307 21.14 -3.41 49.30
N PHE A 308 22.15 -3.17 50.12
CA PHE A 308 22.10 -3.49 51.53
C PHE A 308 22.89 -2.47 52.32
N VAL A 309 22.74 -2.52 53.64
CA VAL A 309 23.65 -1.86 54.56
C VAL A 309 24.04 -2.92 55.58
N LEU A 310 25.23 -3.49 55.41
CA LEU A 310 25.79 -4.46 56.33
C LEU A 310 26.64 -3.74 57.37
N ALA A 311 27.46 -4.47 58.10
CA ALA A 311 28.40 -3.89 59.06
C ALA A 311 29.82 -4.17 58.61
N ASN A 312 30.64 -3.11 58.49
CA ASN A 312 32.01 -3.23 57.99
C ASN A 312 32.89 -3.84 59.06
N THR A 313 32.88 -5.16 59.17
CA THR A 313 33.57 -5.84 60.25
C THR A 313 34.72 -6.65 59.69
N GLU A 314 35.39 -7.36 60.59
CA GLU A 314 36.31 -8.43 60.25
C GLU A 314 35.58 -9.76 60.09
N LYS A 315 34.25 -9.74 60.11
CA LYS A 315 33.39 -10.92 60.05
C LYS A 315 32.49 -10.94 58.83
N THR A 316 31.92 -9.78 58.46
CA THR A 316 30.98 -9.75 57.36
C THR A 316 31.64 -9.80 55.98
N VAL A 317 32.95 -9.54 55.91
CA VAL A 317 33.58 -9.55 54.60
C VAL A 317 33.90 -10.96 54.15
N GLU A 318 34.07 -11.90 55.07
CA GLU A 318 34.33 -13.27 54.68
C GLU A 318 33.11 -14.16 54.75
N THR A 319 32.01 -13.70 55.35
CA THR A 319 30.77 -14.43 55.18
C THR A 319 30.07 -14.06 53.88
N LEU A 320 30.55 -13.03 53.19
CA LEU A 320 30.08 -12.71 51.86
C LEU A 320 30.79 -13.55 50.82
N VAL A 321 32.11 -13.67 50.95
CA VAL A 321 32.91 -14.52 50.07
C VAL A 321 32.45 -15.97 50.19
N GLN A 322 32.13 -16.39 51.41
CA GLN A 322 31.69 -17.76 51.62
C GLN A 322 30.30 -18.00 51.05
N PHE A 323 29.40 -17.03 51.17
CA PHE A 323 28.05 -17.22 50.66
C PHE A 323 28.01 -17.04 49.15
N GLU A 324 28.91 -16.23 48.60
CA GLU A 324 29.05 -16.14 47.15
C GLU A 324 29.60 -17.44 46.57
N LYS A 325 30.59 -18.02 47.25
CA LYS A 325 31.11 -19.33 46.85
C LYS A 325 30.08 -20.43 47.06
N ASP A 326 29.23 -20.31 48.09
CA ASP A 326 28.23 -21.33 48.34
C ASP A 326 27.11 -21.27 47.32
N PHE A 327 26.75 -20.07 46.86
CA PHE A 327 25.58 -19.95 46.02
C PHE A 327 25.91 -20.14 44.55
N ASN A 328 27.13 -19.79 44.14
CA ASN A 328 27.48 -19.90 42.72
C ASN A 328 27.69 -21.35 42.31
N GLN A 329 28.12 -22.20 43.26
CA GLN A 329 28.22 -23.62 42.95
C GLN A 329 26.84 -24.26 42.94
N PHE A 330 25.87 -23.61 43.59
CA PHE A 330 24.48 -24.06 43.51
C PHE A 330 23.91 -23.79 42.12
N LEU A 331 24.32 -22.69 41.50
CA LEU A 331 23.85 -22.36 40.17
C LEU A 331 24.51 -23.20 39.09
N LEU A 332 25.68 -23.77 39.36
CA LEU A 332 26.34 -24.63 38.39
C LEU A 332 25.68 -25.98 38.28
N ALA A 333 25.32 -26.58 39.43
CA ALA A 333 24.70 -27.89 39.43
C ALA A 333 23.29 -27.89 38.89
N ASN A 334 22.66 -26.71 38.76
CA ASN A 334 21.30 -26.59 38.28
C ASN A 334 21.22 -25.86 36.95
N PHE A 335 21.77 -24.66 36.88
CA PHE A 335 21.53 -23.77 35.76
C PHE A 335 22.73 -23.63 34.83
N GLN A 336 23.88 -24.23 35.20
CA GLN A 336 25.09 -24.42 34.39
C GLN A 336 25.52 -23.12 33.68
N THR A 337 25.96 -22.18 34.53
CA THR A 337 26.39 -20.80 34.27
C THR A 337 25.48 -20.02 33.30
N ARG A 338 24.19 -20.31 33.31
CA ARG A 338 23.22 -19.37 32.75
C ARG A 338 22.90 -18.25 33.73
N LEU A 339 23.12 -18.48 35.03
CA LEU A 339 22.91 -17.49 36.06
C LEU A 339 24.20 -17.33 36.87
N TYR A 340 24.36 -16.15 37.45
CA TYR A 340 25.52 -15.87 38.31
C TYR A 340 25.16 -14.73 39.24
N VAL A 341 25.63 -14.80 40.48
CA VAL A 341 25.40 -13.76 41.47
C VAL A 341 26.75 -13.18 41.86
N ALA A 342 26.88 -11.87 41.73
CA ALA A 342 28.14 -11.17 41.98
C ALA A 342 28.01 -10.26 43.18
N PHE A 343 28.37 -10.77 44.36
CA PHE A 343 28.31 -9.97 45.58
C PHE A 343 29.48 -8.99 45.61
N GLY A 344 29.18 -7.72 45.37
CA GLY A 344 30.13 -6.66 45.58
C GLY A 344 29.77 -5.86 46.80
N TRP A 345 30.79 -5.30 47.46
CA TRP A 345 30.56 -4.53 48.67
C TRP A 345 31.40 -3.27 48.65
N GLY A 346 30.86 -2.20 49.23
CA GLY A 346 31.57 -0.94 49.32
C GLY A 346 31.76 -0.48 50.73
N SER A 347 33.00 -0.43 51.19
CA SER A 347 33.32 -0.01 52.55
C SER A 347 33.28 1.51 52.63
N PHE A 348 32.11 2.05 52.94
CA PHE A 348 31.99 3.51 53.08
C PHE A 348 31.99 3.89 54.55
N ALA A 349 32.07 5.20 54.78
CA ALA A 349 32.12 5.76 56.12
C ALA A 349 30.86 6.57 56.41
N ALA A 350 30.60 6.76 57.70
CA ALA A 350 29.42 7.49 58.16
C ALA A 350 29.46 8.97 57.82
N LYS A 351 30.65 9.52 57.58
CA LYS A 351 30.76 10.92 57.22
C LYS A 351 30.29 11.14 55.78
N ASP A 352 30.37 10.11 54.94
CA ASP A 352 30.07 10.21 53.52
C ASP A 352 28.60 9.95 53.23
N ILE A 353 27.72 10.26 54.17
CA ILE A 353 26.31 9.93 53.99
C ILE A 353 25.50 11.18 54.27
N MET A 354 26.17 12.24 54.74
CA MET A 354 25.51 13.44 55.23
C MET A 354 25.26 14.47 54.15
N SER A 355 24.90 15.68 54.58
CA SER A 355 24.68 16.81 53.69
C SER A 355 25.49 18.04 54.04
N GLU A 356 26.23 18.05 55.15
CA GLU A 356 26.91 19.26 55.60
C GLU A 356 28.18 19.52 54.78
N LEU A 357 29.06 18.53 54.71
CA LEU A 357 30.32 18.66 54.00
C LEU A 357 30.10 18.42 52.51
N ASN A 358 31.18 18.29 51.75
CA ASN A 358 31.10 17.94 50.33
C ASN A 358 31.13 16.43 50.13
N SER A 359 30.30 15.74 50.90
CA SER A 359 29.96 14.32 50.78
C SER A 359 29.01 13.95 49.62
N PRO A 360 28.07 14.81 49.14
CA PRO A 360 27.38 14.44 47.89
C PRO A 360 28.29 14.31 46.68
N GLU A 361 29.44 14.98 46.66
CA GLU A 361 30.41 14.77 45.61
C GLU A 361 31.11 13.42 45.74
N SER A 362 30.99 12.78 46.91
CA SER A 362 31.50 11.43 47.12
C SER A 362 30.39 10.44 47.47
N TYR A 363 29.13 10.87 47.38
CA TYR A 363 28.03 9.98 47.71
C TYR A 363 27.81 8.92 46.64
N ARG A 364 28.09 9.25 45.38
CA ARG A 364 28.04 8.24 44.32
C ARG A 364 29.12 7.19 44.51
N GLN A 365 30.26 7.59 45.08
CA GLN A 365 31.37 6.68 45.33
C GLN A 365 31.01 5.59 46.33
N VAL A 366 30.03 5.85 47.20
CA VAL A 366 29.51 4.82 48.10
C VAL A 366 28.91 3.67 47.30
N TYR A 367 28.02 3.99 46.36
CA TYR A 367 27.48 2.96 45.49
C TYR A 367 28.50 2.47 44.46
N GLN A 368 29.43 3.32 44.04
CA GLN A 368 30.35 2.98 42.98
C GLN A 368 31.37 1.93 43.43
N LYS A 369 31.81 2.00 44.69
CA LYS A 369 32.79 1.05 45.19
C LYS A 369 32.23 -0.36 45.21
N ALA A 370 30.95 -0.51 45.53
CA ALA A 370 30.31 -1.81 45.39
C ALA A 370 29.96 -2.10 43.94
N SER A 371 29.73 -1.07 43.12
CA SER A 371 29.42 -1.32 41.73
C SER A 371 30.68 -1.61 40.92
N ARG A 372 31.83 -1.07 41.31
CA ARG A 372 33.07 -1.46 40.66
C ARG A 372 33.47 -2.87 41.03
N MET A 373 33.09 -3.33 42.22
CA MET A 373 33.43 -4.70 42.60
C MET A 373 32.56 -5.71 41.88
N ILE A 374 31.27 -5.38 41.68
CA ILE A 374 30.39 -6.27 40.92
C ILE A 374 30.84 -6.34 39.47
N SER A 375 31.07 -5.18 38.85
CA SER A 375 31.52 -5.14 37.46
C SER A 375 32.91 -5.73 37.27
N LYS A 376 33.71 -5.83 38.34
CA LYS A 376 34.92 -6.63 38.27
C LYS A 376 34.64 -8.10 38.54
N LYS A 377 33.70 -8.41 39.43
CA LYS A 377 33.31 -9.80 39.64
C LYS A 377 32.42 -10.35 38.56
N LYS A 378 31.77 -9.49 37.77
CA LYS A 378 31.03 -10.00 36.62
C LYS A 378 31.98 -10.41 35.51
N ILE A 379 33.20 -9.91 35.53
CA ILE A 379 34.23 -10.26 34.56
C ILE A 379 34.95 -11.52 35.03
N SER A 380 35.59 -11.46 36.19
CA SER A 380 36.37 -12.58 36.71
C SER A 380 35.43 -13.48 37.52
N ARG A 381 34.73 -14.36 36.82
CA ARG A 381 33.77 -15.26 37.43
C ARG A 381 34.40 -16.64 37.59
N TYR A 382 33.83 -17.44 38.50
CA TYR A 382 34.06 -18.88 38.59
C TYR A 382 35.52 -19.28 38.81
N ASP A 383 36.03 -19.07 40.02
CA ASP A 383 37.43 -19.35 40.37
C ASP A 383 37.82 -20.82 40.23
N TYR A 384 39.10 -21.10 40.49
CA TYR A 384 39.85 -22.23 39.90
C TYR A 384 39.15 -23.58 40.05
N GLN A 385 38.90 -24.02 41.27
CA GLN A 385 38.36 -25.35 41.48
C GLN A 385 36.86 -25.43 41.21
N THR A 386 36.21 -24.34 40.83
CA THR A 386 34.87 -24.42 40.25
C THR A 386 34.93 -24.61 38.74
N LEU A 387 36.12 -24.66 38.16
CA LEU A 387 36.30 -24.82 36.74
C LEU A 387 37.13 -26.05 36.39
N MET A 388 38.18 -26.34 37.17
CA MET A 388 38.93 -27.57 37.00
C MET A 388 38.07 -28.79 37.32
N LEU A 389 37.18 -28.67 38.32
CA LEU A 389 36.19 -29.70 38.59
C LEU A 389 35.15 -29.78 37.48
N LEU A 390 34.98 -28.70 36.70
CA LEU A 390 33.93 -28.66 35.69
C LEU A 390 34.37 -29.36 34.41
N ASN A 391 35.61 -29.17 33.99
CA ASN A 391 36.08 -29.68 32.70
C ASN A 391 36.34 -31.18 32.83
N ARG A 392 35.28 -31.97 32.71
CA ARG A 392 35.36 -33.43 32.71
C ARG A 392 34.10 -34.05 32.12
N ASP A 420 14.07 -33.32 35.67
CA ASP A 420 14.90 -32.43 36.48
C ASP A 420 14.11 -31.19 36.91
N ILE A 421 14.80 -30.05 36.97
CA ILE A 421 14.12 -28.77 37.13
C ILE A 421 13.41 -28.40 35.84
N CYS A 422 13.92 -28.91 34.70
CA CYS A 422 13.26 -28.74 33.41
C CYS A 422 11.86 -29.35 33.40
N ARG A 423 11.67 -30.44 34.15
CA ARG A 423 10.36 -31.03 34.34
C ARG A 423 9.72 -30.61 35.65
N GLY A 424 10.52 -30.34 36.69
CA GLY A 424 9.99 -30.01 37.99
C GLY A 424 9.31 -28.66 38.06
N LEU A 425 9.82 -27.66 37.31
CA LEU A 425 9.24 -26.32 37.30
C LEU A 425 7.87 -26.29 36.63
N TYR A 426 7.52 -27.31 35.85
CA TYR A 426 6.17 -27.45 35.34
C TYR A 426 5.16 -27.62 36.46
N GLN A 427 5.57 -28.28 37.55
CA GLN A 427 4.69 -28.43 38.71
C GLN A 427 4.49 -27.09 39.42
N PHE A 428 5.49 -26.21 39.38
CA PHE A 428 5.34 -24.88 39.95
C PHE A 428 4.41 -23.99 39.13
N SER A 429 4.24 -24.30 37.84
CA SER A 429 3.37 -23.50 36.99
C SER A 429 1.91 -23.66 37.37
N LYS A 430 1.54 -24.82 37.90
CA LYS A 430 0.20 -25.04 38.42
C LYS A 430 0.03 -24.55 39.85
N GLU A 431 1.12 -24.08 40.47
CA GLU A 431 1.06 -23.52 41.81
C GLU A 431 1.04 -21.99 41.79
N ILE A 432 0.60 -21.40 40.69
CA ILE A 432 0.60 -19.94 40.58
C ILE A 432 -0.69 -19.34 41.11
N ALA A 433 -1.79 -20.10 41.16
CA ALA A 433 -3.01 -19.63 41.79
C ALA A 433 -2.91 -19.63 43.30
N HIS A 434 -1.98 -20.38 43.86
CA HIS A 434 -1.72 -20.32 45.29
C HIS A 434 -1.05 -18.99 45.63
N ASP A 435 -1.14 -18.61 46.90
CA ASP A 435 -0.62 -17.33 47.33
C ASP A 435 0.34 -17.43 48.50
N HIS A 436 0.61 -18.62 49.02
CA HIS A 436 1.51 -18.81 50.13
C HIS A 436 2.66 -19.69 49.68
N PHE A 437 3.87 -19.14 49.69
CA PHE A 437 5.05 -19.81 49.17
C PHE A 437 5.97 -20.17 50.33
N ILE A 438 6.43 -21.42 50.33
CA ILE A 438 7.10 -22.01 51.49
C ILE A 438 8.55 -22.27 51.13
N ILE A 439 9.44 -22.12 52.11
CA ILE A 439 10.84 -22.50 51.96
C ILE A 439 10.96 -23.86 52.64
N THR A 440 10.75 -24.91 51.85
CA THR A 440 10.86 -26.28 52.33
C THR A 440 12.29 -26.76 52.11
N GLU A 441 12.52 -28.06 52.26
CA GLU A 441 13.86 -28.61 52.16
C GLU A 441 13.84 -29.88 51.33
N ASN A 442 14.56 -29.87 50.21
CA ASN A 442 14.79 -31.02 49.33
C ASN A 442 13.49 -31.61 48.80
N GLU A 443 12.48 -30.76 48.63
CA GLU A 443 11.15 -31.19 48.15
C GLU A 443 11.05 -30.92 46.65
N GLY A 444 10.99 -29.64 46.26
CA GLY A 444 10.72 -29.26 44.89
C GLY A 444 11.02 -27.81 44.58
N LEU A 445 11.60 -27.57 43.39
CA LEU A 445 12.07 -26.28 42.89
C LEU A 445 13.15 -25.68 43.79
N PRO A 446 14.38 -26.19 43.72
CA PRO A 446 15.45 -25.69 44.59
C PRO A 446 15.80 -24.23 44.29
N ILE A 447 15.98 -23.46 45.36
CA ILE A 447 16.26 -22.03 45.26
C ILE A 447 17.50 -21.66 46.05
N GLY A 448 18.01 -22.60 46.84
CA GLY A 448 19.19 -22.36 47.63
C GLY A 448 19.92 -23.66 47.92
N PRO A 449 21.10 -23.56 48.53
CA PRO A 449 22.02 -24.72 48.59
C PRO A 449 21.50 -25.93 49.35
N ASN A 450 20.45 -25.78 50.15
CA ASN A 450 19.78 -26.92 50.73
C ASN A 450 18.26 -26.77 50.76
N ALA A 451 17.72 -25.71 50.19
CA ALA A 451 16.30 -25.40 50.32
C ALA A 451 15.59 -25.56 48.98
N CYS A 452 14.27 -25.44 49.04
CA CYS A 452 13.41 -25.54 47.87
C CYS A 452 12.31 -24.50 48.00
N LEU A 453 11.32 -24.56 47.11
CA LEU A 453 10.31 -23.50 47.03
C LEU A 453 9.04 -24.07 46.45
N LYS A 454 7.94 -24.00 47.19
CA LYS A 454 6.67 -24.58 46.77
C LYS A 454 5.56 -23.60 47.07
N GLY A 455 4.58 -23.52 46.17
CA GLY A 455 3.40 -22.71 46.41
C GLY A 455 2.27 -23.50 47.03
N VAL A 456 2.14 -23.44 48.34
CA VAL A 456 1.15 -24.24 49.04
C VAL A 456 -0.15 -23.46 49.15
N ALA A 457 -1.23 -24.18 49.42
CA ALA A 457 -2.55 -23.59 49.55
C ALA A 457 -2.77 -23.07 50.97
N PHE A 458 -4.04 -22.82 51.32
CA PHE A 458 -4.39 -22.44 52.68
C PHE A 458 -4.08 -23.55 53.69
N GLU A 459 -3.98 -24.80 53.25
CA GLU A 459 -3.52 -25.88 54.11
C GLU A 459 -2.03 -25.76 54.35
N LYS A 460 -1.65 -24.79 55.17
CA LYS A 460 -0.27 -24.47 55.50
C LYS A 460 0.11 -25.21 56.78
N LEU A 461 1.21 -24.77 57.42
CA LEU A 461 1.81 -25.41 58.59
C LEU A 461 2.26 -26.84 58.25
N SER A 462 3.10 -26.94 57.22
CA SER A 462 3.78 -28.17 56.87
C SER A 462 5.26 -27.85 56.68
N GLN A 463 5.99 -27.77 57.80
CA GLN A 463 7.45 -27.62 57.87
C GLN A 463 7.97 -26.41 57.08
N GLU A 464 7.58 -25.22 57.54
CA GLU A 464 7.93 -23.99 56.86
C GLU A 464 9.16 -23.34 57.49
N ALA A 465 9.93 -22.64 56.67
CA ALA A 465 10.99 -21.73 57.12
C ALA A 465 10.59 -20.27 56.94
N PHE A 466 10.22 -19.90 55.71
CA PHE A 466 9.59 -18.62 55.43
C PHE A 466 8.24 -18.88 54.78
N SER A 467 7.23 -18.12 55.22
CA SER A 467 5.92 -18.17 54.59
C SER A 467 5.82 -16.94 53.69
N ARG A 468 6.23 -17.12 52.44
CA ARG A 468 6.22 -16.01 51.48
C ARG A 468 4.80 -15.83 50.96
N VAL A 469 4.06 -14.94 51.62
CA VAL A 469 2.67 -14.69 51.28
C VAL A 469 2.61 -13.69 50.12
N TYR A 470 1.41 -13.48 49.59
CA TYR A 470 1.16 -12.68 48.39
C TYR A 470 1.20 -11.19 48.73
N VAL A 471 0.68 -10.34 47.85
CA VAL A 471 0.93 -8.90 47.85
C VAL A 471 0.04 -8.15 48.85
N LYS A 472 -0.68 -8.88 49.70
CA LYS A 472 -1.81 -8.36 50.47
C LYS A 472 -1.53 -7.18 51.39
N ASN A 473 -0.72 -7.43 52.43
CA ASN A 473 -0.39 -6.57 53.59
C ASN A 473 -1.56 -6.41 54.56
N ASP A 474 -2.73 -6.89 54.19
CA ASP A 474 -3.95 -6.61 54.93
C ASP A 474 -4.79 -7.85 55.19
N TYR A 475 -4.85 -8.77 54.24
CA TYR A 475 -5.70 -9.96 54.35
C TYR A 475 -4.98 -11.12 55.03
N LYS A 476 -3.78 -11.46 54.54
CA LYS A 476 -2.97 -12.50 55.15
C LYS A 476 -2.04 -11.97 56.22
N ALA A 477 -2.25 -10.74 56.69
CA ALA A 477 -1.41 -10.14 57.72
C ALA A 477 -1.97 -10.39 59.12
N GLY A 478 -2.28 -11.65 59.40
CA GLY A 478 -2.76 -12.05 60.71
C GLY A 478 -2.14 -13.37 61.15
N THR A 479 -1.34 -13.96 60.27
CA THR A 479 -0.67 -15.22 60.55
C THR A 479 0.78 -14.94 60.97
N VAL A 480 1.56 -15.99 61.13
CA VAL A 480 2.94 -15.87 61.57
C VAL A 480 3.83 -15.81 60.33
N LYS A 481 4.96 -15.09 60.46
CA LYS A 481 6.01 -14.92 59.44
C LYS A 481 5.45 -14.27 58.18
N ALA A 482 5.01 -13.02 58.35
CA ALA A 482 4.54 -12.24 57.22
C ALA A 482 5.70 -11.74 56.39
N THR A 483 6.25 -12.59 55.51
CA THR A 483 7.30 -12.21 54.58
C THR A 483 6.67 -11.96 53.22
N HIS A 484 6.96 -10.80 52.64
CA HIS A 484 6.16 -10.25 51.55
C HIS A 484 6.98 -10.13 50.27
N VAL A 485 6.45 -10.68 49.19
CA VAL A 485 7.03 -10.51 47.85
C VAL A 485 5.91 -9.96 46.96
N PHE A 486 6.12 -8.76 46.43
CA PHE A 486 5.08 -8.02 45.70
C PHE A 486 5.28 -8.24 44.21
N VAL A 487 4.51 -9.16 43.63
CA VAL A 487 4.69 -9.56 42.23
C VAL A 487 3.34 -9.67 41.53
N GLY A 488 3.30 -9.21 40.28
CA GLY A 488 2.43 -9.67 39.21
C GLY A 488 0.98 -10.07 39.42
N ASP A 489 0.12 -9.13 39.80
CA ASP A 489 -1.30 -9.43 39.88
C ASP A 489 -1.95 -9.24 38.50
N TYR A 490 -3.19 -9.72 38.37
CA TYR A 490 -4.04 -9.66 37.18
C TYR A 490 -3.39 -10.39 36.00
N GLN A 491 -3.29 -11.71 36.18
CA GLN A 491 -3.04 -12.64 35.09
C GLN A 491 -4.41 -13.15 34.65
N CYS A 492 -5.05 -12.34 33.80
CA CYS A 492 -6.48 -12.51 33.50
C CYS A 492 -6.76 -13.80 32.74
N ASP A 493 -6.21 -13.92 31.54
CA ASP A 493 -6.54 -15.03 30.67
C ASP A 493 -5.24 -15.78 30.36
N GLU A 494 -5.39 -16.96 29.78
CA GLU A 494 -4.23 -17.62 29.19
C GLU A 494 -3.79 -16.86 27.95
N ILE A 495 -2.50 -17.00 27.63
CA ILE A 495 -1.86 -16.12 26.65
C ILE A 495 -2.37 -16.39 25.24
N TYR A 496 -2.69 -17.64 24.91
CA TYR A 496 -3.20 -17.90 23.56
C TYR A 496 -4.66 -17.40 23.33
N ASN A 497 -5.33 -16.68 24.22
CA ASN A 497 -6.68 -16.20 23.97
C ASN A 497 -6.80 -14.70 24.18
N TYR A 498 -5.72 -13.96 23.99
CA TYR A 498 -5.83 -12.50 24.00
C TYR A 498 -6.05 -11.94 22.61
N ALA A 499 -5.72 -12.71 21.57
CA ALA A 499 -6.03 -12.27 20.22
C ALA A 499 -7.52 -12.39 19.93
N ALA A 500 -8.10 -13.54 20.27
CA ALA A 500 -9.49 -13.81 19.96
C ALA A 500 -10.46 -12.99 20.81
N LEU A 501 -9.99 -12.39 21.91
CA LEU A 501 -10.81 -11.53 22.74
C LEU A 501 -10.61 -10.06 22.45
N SER A 502 -10.38 -9.71 21.19
CA SER A 502 -10.31 -8.30 20.83
C SER A 502 -11.59 -7.80 20.17
N LYS A 503 -12.48 -8.70 19.76
CA LYS A 503 -13.79 -8.29 19.29
C LYS A 503 -14.70 -8.00 20.47
N ASN A 504 -15.47 -6.92 20.38
CA ASN A 504 -16.40 -6.53 21.43
C ASN A 504 -17.71 -7.31 21.29
N GLU A 505 -18.74 -6.88 22.01
CA GLU A 505 -20.07 -7.47 21.86
C GLU A 505 -20.63 -7.21 20.47
N ASN A 506 -20.34 -6.04 19.90
CA ASN A 506 -20.74 -5.74 18.54
C ASN A 506 -19.99 -6.56 17.50
N GLY A 507 -18.84 -7.13 17.87
CA GLY A 507 -18.13 -8.04 17.01
C GLY A 507 -17.26 -7.38 15.97
N LEU A 508 -16.46 -6.40 16.38
CA LEU A 508 -15.56 -5.72 15.46
C LEU A 508 -14.31 -5.31 16.22
N GLY A 509 -13.17 -5.51 15.60
CA GLY A 509 -11.88 -5.39 16.24
C GLY A 509 -11.06 -6.49 15.59
N ILE A 510 -9.74 -6.30 15.57
CA ILE A 510 -8.87 -7.18 14.82
C ILE A 510 -8.23 -8.21 15.77
N LYS A 511 -8.12 -9.45 15.31
CA LYS A 511 -7.71 -10.56 16.18
C LYS A 511 -6.19 -10.59 16.29
N ARG A 512 -5.64 -9.72 17.14
CA ARG A 512 -4.20 -9.73 17.37
C ARG A 512 -3.89 -9.41 18.82
N LEU A 513 -3.08 -10.27 19.43
CA LEU A 513 -2.43 -9.99 20.70
C LEU A 513 -1.43 -8.86 20.53
N ALA A 514 -1.08 -8.17 21.61
CA ALA A 514 -0.02 -7.17 21.56
C ALA A 514 0.66 -7.08 22.91
N VAL A 515 1.97 -6.86 22.89
CA VAL A 515 2.84 -7.04 24.05
C VAL A 515 3.61 -5.75 24.34
N VAL A 516 3.50 -5.25 25.57
CA VAL A 516 4.19 -4.05 26.03
C VAL A 516 5.50 -4.45 26.71
N ARG A 517 6.57 -3.79 26.34
CA ARG A 517 7.86 -3.92 27.01
C ARG A 517 8.38 -2.50 27.23
N LEU A 518 8.33 -2.02 28.46
CA LEU A 518 8.74 -0.64 28.75
C LEU A 518 9.77 -0.62 29.88
N ASP A 519 10.43 0.53 30.03
CA ASP A 519 11.26 0.78 31.21
C ASP A 519 11.43 2.28 31.41
N VAL A 520 11.77 2.63 32.64
CA VAL A 520 12.02 4.02 33.03
C VAL A 520 13.46 4.37 32.69
N ASP A 521 13.65 5.54 32.07
CA ASP A 521 14.89 5.87 31.40
C ASP A 521 16.11 6.02 32.30
N ASP A 522 16.21 7.15 32.97
CA ASP A 522 17.41 7.44 33.74
C ASP A 522 17.15 7.18 35.22
N LEU A 523 16.74 5.94 35.51
CA LEU A 523 16.38 5.60 36.88
C LEU A 523 17.62 5.39 37.73
N GLY A 524 18.61 4.67 37.20
CA GLY A 524 19.87 4.54 37.91
C GLY A 524 20.66 5.83 37.96
N ALA A 525 20.44 6.71 36.98
CA ALA A 525 21.08 8.02 37.00
C ALA A 525 20.47 8.92 38.07
N ALA A 526 19.13 8.96 38.14
CA ALA A 526 18.45 9.80 39.11
C ALA A 526 18.48 9.22 40.51
N PHE A 527 18.72 7.91 40.64
CA PHE A 527 18.90 7.32 41.96
C PHE A 527 20.21 7.78 42.59
N MET A 528 21.31 7.70 41.83
CA MET A 528 22.63 8.03 42.37
C MET A 528 22.91 9.53 42.23
N ALA A 529 22.94 10.02 40.99
CA ALA A 529 23.18 11.45 40.76
C ALA A 529 21.86 12.20 40.61
N GLY A 530 20.96 12.00 41.57
CA GLY A 530 19.80 12.84 41.74
C GLY A 530 19.96 13.64 43.02
N PHE A 531 19.00 14.54 43.23
CA PHE A 531 18.93 15.43 44.39
C PHE A 531 20.21 16.28 44.51
N SER A 532 20.73 16.67 43.35
CA SER A 532 22.07 17.21 43.27
C SER A 532 22.10 18.49 42.44
N GLN A 533 21.19 19.41 42.72
CA GLN A 533 21.17 20.68 42.00
C GLN A 533 21.16 21.91 42.90
N GLN A 534 21.21 21.75 44.21
CA GLN A 534 20.91 22.84 45.15
C GLN A 534 22.05 23.03 46.15
N GLY A 535 23.09 23.75 45.74
CA GLY A 535 24.20 24.07 46.61
C GLY A 535 25.32 23.04 46.54
N ASN A 536 26.43 23.39 47.20
CA ASN A 536 27.56 22.48 47.34
C ASN A 536 27.46 21.59 48.56
N GLY A 537 26.85 22.07 49.64
CA GLY A 537 26.43 21.24 50.74
C GLY A 537 24.99 20.79 50.53
N GLN A 538 24.72 20.22 49.36
CA GLN A 538 23.37 19.91 48.91
C GLN A 538 22.80 18.72 49.67
N TYR A 539 21.51 18.49 49.43
CA TYR A 539 20.71 17.58 50.26
C TYR A 539 21.18 16.14 50.15
N SER A 540 20.95 15.51 48.99
CA SER A 540 21.54 14.26 48.48
C SER A 540 21.78 13.15 49.50
N THR A 541 20.83 12.96 50.42
CA THR A 541 21.01 12.03 51.51
C THR A 541 20.74 10.61 51.00
N LEU A 542 21.31 9.62 51.68
CA LEU A 542 20.89 8.24 51.51
C LEU A 542 19.40 8.07 51.79
N SER A 543 18.89 8.77 52.81
CA SER A 543 17.47 8.73 53.12
C SER A 543 16.64 9.33 51.99
N ARG A 544 17.17 10.35 51.31
CA ARG A 544 16.49 10.87 50.13
C ARG A 544 16.63 9.93 48.93
N SER A 545 17.55 8.97 48.99
CA SER A 545 17.65 7.98 47.94
C SER A 545 17.00 6.66 48.30
N ALA A 546 16.88 6.35 49.59
CA ALA A 546 16.16 5.16 50.00
C ALA A 546 14.66 5.34 49.78
N THR A 547 14.13 6.51 50.14
CA THR A 547 12.72 6.80 49.88
C THR A 547 12.41 6.95 48.41
N PHE A 548 13.39 7.39 47.61
CA PHE A 548 13.23 7.36 46.16
C PHE A 548 13.14 5.93 45.66
N SER A 549 14.06 5.07 46.11
CA SER A 549 14.04 3.67 45.74
C SER A 549 12.84 2.94 46.32
N ARG A 550 12.29 3.43 47.43
CA ARG A 550 11.03 2.88 47.92
C ARG A 550 9.85 3.34 47.08
N SER A 551 9.89 4.59 46.58
CA SER A 551 8.76 5.14 45.86
C SER A 551 8.57 4.46 44.51
N MET A 552 9.66 4.17 43.80
CA MET A 552 9.56 3.42 42.57
C MET A 552 9.20 1.97 42.81
N SER A 553 9.75 1.37 43.87
CA SER A 553 9.42 -0.02 44.17
C SER A 553 7.98 -0.17 44.65
N LEU A 554 7.45 0.84 45.33
CA LEU A 554 6.04 0.83 45.68
C LEU A 554 5.16 1.16 44.49
N PHE A 555 5.71 1.80 43.47
CA PHE A 555 4.93 2.06 42.26
C PHE A 555 4.83 0.79 41.43
N PHE A 556 5.97 0.18 41.09
CA PHE A 556 5.97 -0.92 40.15
C PHE A 556 5.42 -2.20 40.76
N LYS A 557 5.87 -2.54 41.96
CA LYS A 557 5.49 -3.82 42.54
C LYS A 557 4.09 -3.80 43.16
N VAL A 558 3.43 -2.65 43.23
CA VAL A 558 2.08 -2.56 43.79
C VAL A 558 1.10 -1.88 42.84
N TYR A 559 1.43 -0.66 42.40
CA TYR A 559 0.41 0.20 41.77
C TYR A 559 0.11 -0.19 40.34
N ILE A 560 0.97 -0.98 39.70
CA ILE A 560 0.71 -1.42 38.33
C ILE A 560 -0.49 -2.35 38.30
N ASN A 561 -0.70 -3.09 39.38
CA ASN A 561 -1.73 -4.11 39.43
C ASN A 561 -3.13 -3.50 39.44
N GLN A 562 -3.28 -2.30 39.99
CA GLN A 562 -4.55 -1.59 39.91
C GLN A 562 -4.70 -0.81 38.63
N PHE A 563 -3.58 -0.52 37.95
CA PHE A 563 -3.67 0.04 36.60
C PHE A 563 -4.11 -1.02 35.62
N ALA A 564 -3.83 -2.28 35.95
CA ALA A 564 -4.38 -3.43 35.24
C ALA A 564 -5.60 -3.94 36.02
N SER A 565 -6.62 -3.09 36.08
CA SER A 565 -7.82 -3.40 36.86
C SER A 565 -8.61 -4.51 36.19
N ASP A 566 -9.14 -4.23 35.01
CA ASP A 566 -9.81 -5.21 34.18
C ASP A 566 -9.40 -5.00 32.73
N LYS A 567 -8.12 -4.73 32.51
CA LYS A 567 -7.67 -4.34 31.18
C LYS A 567 -7.23 -5.52 30.33
N LYS A 568 -7.78 -6.71 30.57
CA LYS A 568 -7.71 -7.87 29.68
C LYS A 568 -6.30 -8.28 29.27
N LEU A 569 -5.37 -8.29 30.22
CA LEU A 569 -3.96 -8.49 29.94
C LEU A 569 -3.36 -9.25 31.10
N SER A 570 -2.08 -9.62 30.98
CA SER A 570 -1.39 -10.32 32.05
C SER A 570 -0.05 -9.66 32.28
N ILE A 571 0.10 -8.99 33.42
CA ILE A 571 1.37 -8.36 33.77
C ILE A 571 2.37 -9.45 34.10
N ILE A 572 3.49 -9.44 33.41
CA ILE A 572 4.63 -10.29 33.74
C ILE A 572 5.76 -9.38 34.16
N TYR A 573 6.15 -9.46 35.43
CA TYR A 573 7.29 -8.73 36.00
C TYR A 573 7.12 -7.21 35.88
N ALA A 574 6.27 -6.69 36.75
CA ALA A 574 6.34 -5.26 37.06
C ALA A 574 7.36 -5.09 38.17
N GLY A 575 8.62 -4.95 37.77
CA GLY A 575 9.73 -5.14 38.68
C GLY A 575 10.57 -3.92 39.02
N GLY A 576 11.67 -3.75 38.30
CA GLY A 576 12.59 -2.67 38.59
C GLY A 576 12.13 -1.46 37.82
N ASP A 577 12.77 -1.11 36.71
CA ASP A 577 12.11 -0.19 35.80
C ASP A 577 11.27 -0.91 34.75
N ASP A 578 11.47 -2.21 34.57
CA ASP A 578 10.82 -2.96 33.52
C ASP A 578 9.36 -3.24 33.85
N VAL A 579 8.53 -3.22 32.80
CA VAL A 579 7.21 -3.81 32.78
C VAL A 579 7.10 -4.61 31.48
N PHE A 580 6.69 -5.87 31.57
CA PHE A 580 6.49 -6.71 30.39
C PHE A 580 5.04 -7.19 30.41
N ALA A 581 4.15 -6.42 29.81
CA ALA A 581 2.74 -6.76 29.75
C ALA A 581 2.41 -7.39 28.41
N ILE A 582 1.43 -8.29 28.42
CA ILE A 582 0.97 -8.98 27.22
C ILE A 582 -0.53 -9.26 27.29
N GLY A 583 -1.28 -8.72 26.35
CA GLY A 583 -2.72 -8.86 26.39
C GLY A 583 -3.35 -8.49 25.08
N SER A 584 -4.66 -8.28 25.12
CA SER A 584 -5.41 -7.87 23.94
C SER A 584 -4.98 -6.47 23.53
N TRP A 585 -5.00 -6.20 22.22
CA TRP A 585 -4.27 -5.05 21.69
C TRP A 585 -4.94 -3.74 22.04
N GLN A 586 -6.27 -3.74 22.17
CA GLN A 586 -6.99 -2.51 22.49
C GLN A 586 -6.66 -2.03 23.88
N ASP A 587 -6.66 -2.95 24.84
CA ASP A 587 -6.42 -2.62 26.23
C ASP A 587 -4.97 -2.78 26.63
N ILE A 588 -4.09 -3.11 25.69
CA ILE A 588 -2.67 -3.05 25.98
C ILE A 588 -2.15 -1.64 25.74
N ILE A 589 -2.90 -0.82 25.00
CA ILE A 589 -2.50 0.53 24.65
C ILE A 589 -3.23 1.44 25.62
N ALA A 590 -4.44 1.04 26.00
CA ALA A 590 -5.16 1.72 27.06
C ALA A 590 -4.47 1.53 28.40
N PHE A 591 -3.74 0.42 28.56
CA PHE A 591 -2.91 0.25 29.74
C PHE A 591 -1.73 1.20 29.73
N THR A 592 -1.06 1.33 28.58
CA THR A 592 0.14 2.15 28.51
C THR A 592 -0.17 3.63 28.61
N VAL A 593 -1.31 4.06 28.07
CA VAL A 593 -1.75 5.43 28.23
C VAL A 593 -2.10 5.71 29.69
N GLU A 594 -2.76 4.77 30.35
CA GLU A 594 -3.01 4.88 31.78
C GLU A 594 -1.87 4.33 32.63
N LEU A 595 -0.68 4.18 32.06
CA LEU A 595 0.51 3.82 32.80
C LEU A 595 1.39 5.02 33.06
N ARG A 596 1.79 5.73 32.02
CA ARG A 596 2.69 6.85 32.21
C ARG A 596 1.95 8.12 32.65
N GLU A 597 0.71 8.30 32.20
CA GLU A 597 -0.10 9.42 32.69
C GLU A 597 -0.36 9.32 34.19
N ASN A 598 -0.45 8.11 34.71
CA ASN A 598 -0.44 7.93 36.15
C ASN A 598 0.97 8.09 36.71
N PHE A 599 1.98 7.77 35.92
CA PHE A 599 3.35 7.82 36.42
C PHE A 599 3.88 9.24 36.45
N ILE A 600 3.51 10.07 35.46
CA ILE A 600 3.98 11.45 35.47
C ILE A 600 3.28 12.29 36.54
N LYS A 601 2.07 11.92 36.93
CA LYS A 601 1.49 12.46 38.15
C LYS A 601 2.28 12.02 39.36
N TRP A 602 2.67 10.75 39.39
CA TRP A 602 3.45 10.18 40.48
C TRP A 602 4.86 10.74 40.56
N THR A 603 5.43 11.18 39.44
CA THR A 603 6.82 11.62 39.45
C THR A 603 7.00 13.10 39.16
N ASN A 604 5.89 13.87 39.04
CA ASN A 604 5.87 15.30 38.75
C ASN A 604 6.64 15.59 37.47
N GLY A 605 6.13 15.11 36.33
CA GLY A 605 6.93 14.49 35.29
C GLY A 605 8.23 15.16 34.88
N LYS A 606 9.29 14.53 35.37
CA LYS A 606 10.66 14.96 35.21
C LYS A 606 11.58 13.77 35.03
N LEU A 607 11.02 12.57 34.96
CA LEU A 607 11.79 11.34 35.01
C LEU A 607 10.89 10.30 34.34
N THR A 608 11.18 10.00 33.09
CA THR A 608 10.20 9.47 32.15
C THR A 608 10.50 8.01 31.81
N LEU A 609 9.56 7.40 31.08
CA LEU A 609 9.68 6.03 30.62
C LEU A 609 9.43 5.99 29.12
N SER A 610 9.58 4.79 28.54
CA SER A 610 9.49 4.60 27.11
C SER A 610 9.02 3.20 26.81
N ALA A 611 7.97 3.09 25.99
CA ALA A 611 7.33 1.80 25.76
C ALA A 611 7.52 1.34 24.33
N GLY A 612 7.45 0.03 24.15
CA GLY A 612 7.44 -0.54 22.83
C GLY A 612 6.39 -1.61 22.72
N ILE A 613 5.42 -1.43 21.82
CA ILE A 613 4.31 -2.35 21.67
C ILE A 613 4.46 -3.06 20.33
N GLY A 614 4.27 -4.37 20.33
CA GLY A 614 4.33 -5.14 19.10
C GLY A 614 3.08 -5.98 18.89
N LEU A 615 2.44 -5.82 17.75
CA LEU A 615 1.17 -6.47 17.46
C LEU A 615 1.44 -7.76 16.72
N PHE A 616 1.11 -8.88 17.34
CA PHE A 616 1.37 -10.19 16.78
C PHE A 616 0.08 -10.96 16.66
N ALA A 617 0.11 -12.02 15.87
CA ALA A 617 -1.04 -12.89 15.78
C ALA A 617 -1.01 -13.89 16.93
N ASP A 618 -1.96 -14.81 16.92
CA ASP A 618 -1.93 -15.87 17.91
C ASP A 618 -0.90 -16.92 17.49
N LYS A 619 -0.44 -17.67 18.50
CA LYS A 619 0.49 -18.80 18.35
C LYS A 619 1.83 -18.40 17.73
N THR A 620 2.21 -17.13 17.81
CA THR A 620 3.60 -16.81 17.54
C THR A 620 4.41 -17.11 18.78
N PRO A 621 5.67 -17.52 18.64
CA PRO A 621 6.48 -17.83 19.83
C PRO A 621 6.85 -16.58 20.59
N ILE A 622 6.93 -16.74 21.92
CA ILE A 622 7.15 -15.62 22.82
C ILE A 622 8.58 -15.13 22.70
N SER A 623 9.51 -16.02 22.34
CA SER A 623 10.87 -15.60 22.06
C SER A 623 10.93 -14.71 20.82
N LEU A 624 10.00 -14.90 19.89
CA LEU A 624 9.87 -13.94 18.79
C LEU A 624 9.08 -12.72 19.22
N MET A 625 8.12 -12.88 20.14
CA MET A 625 7.37 -11.74 20.66
C MET A 625 8.28 -10.82 21.46
N ALA A 626 8.88 -11.35 22.52
CA ALA A 626 9.59 -10.52 23.49
C ALA A 626 10.88 -9.94 22.95
N HIS A 627 11.43 -10.51 21.87
CA HIS A 627 12.61 -9.90 21.26
C HIS A 627 12.23 -8.81 20.29
N GLN A 628 11.21 -9.06 19.44
CA GLN A 628 10.85 -8.08 18.43
C GLN A 628 10.13 -6.88 19.01
N THR A 629 9.65 -6.97 20.25
CA THR A 629 9.29 -5.77 21.00
C THR A 629 10.37 -5.36 21.97
N GLY A 630 11.37 -6.21 22.20
CA GLY A 630 12.49 -5.86 23.04
C GLY A 630 13.45 -4.99 22.27
N GLU A 631 13.63 -5.28 20.99
CA GLU A 631 14.42 -4.44 20.10
C GLU A 631 13.56 -3.43 19.36
N LEU A 632 12.33 -3.23 19.83
CA LEU A 632 11.46 -2.17 19.35
C LEU A 632 11.31 -1.06 20.37
N GLU A 633 11.50 -1.35 21.66
CA GLU A 633 11.73 -0.27 22.61
C GLU A 633 13.14 0.27 22.52
N GLU A 634 14.08 -0.48 21.92
CA GLU A 634 15.41 0.06 21.70
C GLU A 634 15.39 1.17 20.66
N ALA A 635 14.45 1.11 19.72
CA ALA A 635 14.18 2.25 18.86
C ALA A 635 13.51 3.39 19.60
N ALA A 636 12.87 3.09 20.73
CA ALA A 636 12.30 4.12 21.59
C ALA A 636 13.27 4.59 22.67
N LYS A 637 14.37 3.88 22.88
CA LYS A 637 15.46 4.37 23.71
C LYS A 637 16.44 5.22 22.92
N GLY A 638 16.15 5.48 21.65
CA GLY A 638 17.07 6.23 20.82
C GLY A 638 16.41 7.40 20.15
N ASN A 639 15.09 7.50 20.27
CA ASN A 639 14.38 8.67 19.78
C ASN A 639 14.78 9.91 20.58
N GLU A 640 14.35 9.97 21.83
CA GLU A 640 14.90 10.92 22.79
C GLU A 640 14.92 10.25 24.17
N LYS A 641 14.67 8.94 24.23
CA LYS A 641 14.42 8.05 25.35
C LYS A 641 13.06 8.26 26.00
N ASP A 642 12.30 9.28 25.61
CA ASP A 642 10.95 9.50 26.14
C ASP A 642 9.98 9.34 24.99
N SER A 643 9.61 8.09 24.69
CA SER A 643 8.92 7.86 23.43
C SER A 643 8.27 6.48 23.44
N ILE A 644 7.08 6.40 22.88
CA ILE A 644 6.49 5.11 22.54
C ILE A 644 6.96 4.78 21.14
N SER A 645 7.01 3.49 20.83
CA SER A 645 7.19 3.01 19.47
C SER A 645 6.16 1.92 19.23
N LEU A 646 5.38 2.08 18.17
CA LEU A 646 4.24 1.21 17.93
C LEU A 646 4.49 0.32 16.72
N PHE A 647 4.53 -0.98 16.99
CA PHE A 647 4.32 -2.08 16.06
C PHE A 647 5.46 -2.27 15.06
N SER A 648 6.41 -1.35 15.03
CA SER A 648 7.41 -1.30 13.98
C SER A 648 8.52 -0.37 14.43
N SER A 649 9.59 -0.32 13.64
CA SER A 649 10.73 0.52 13.98
C SER A 649 10.46 2.00 13.74
N ASP A 650 9.49 2.33 12.90
CA ASP A 650 9.00 3.70 12.81
C ASP A 650 7.81 3.85 13.75
N TYR A 651 7.02 4.91 13.58
CA TYR A 651 5.96 5.35 14.49
C TYR A 651 6.50 5.59 15.90
N THR A 652 7.72 6.10 15.99
CA THR A 652 8.34 6.36 17.29
C THR A 652 8.01 7.78 17.74
N PHE A 653 6.80 7.93 18.24
CA PHE A 653 6.33 9.23 18.72
C PHE A 653 6.86 9.48 20.11
N LYS A 654 7.17 10.74 20.42
CA LYS A 654 7.34 11.16 21.80
C LYS A 654 6.07 10.84 22.58
N PHE A 655 6.23 10.35 23.81
CA PHE A 655 5.11 9.75 24.52
C PHE A 655 4.11 10.81 24.94
N ASP A 656 4.60 11.94 25.42
CA ASP A 656 3.73 13.03 25.82
C ASP A 656 3.00 13.61 24.62
N ARG A 657 3.65 13.57 23.46
CA ARG A 657 3.05 13.95 22.20
C ARG A 657 2.14 12.87 21.63
N PHE A 658 2.35 11.61 22.00
CA PHE A 658 1.50 10.53 21.54
C PHE A 658 0.08 10.59 22.10
N ILE A 659 -0.10 11.10 23.30
CA ILE A 659 -1.41 11.12 23.93
C ILE A 659 -2.18 12.40 23.60
N THR A 660 -1.53 13.54 23.70
CA THR A 660 -2.20 14.79 23.44
C THR A 660 -2.31 15.13 21.96
N ASN A 661 -1.69 14.36 21.08
CA ASN A 661 -1.76 14.68 19.66
C ASN A 661 -2.05 13.48 18.76
N VAL A 662 -2.14 12.27 19.28
CA VAL A 662 -2.57 11.14 18.46
C VAL A 662 -3.76 10.46 19.10
N TYR A 663 -3.58 9.95 20.32
CA TYR A 663 -4.52 9.02 20.93
C TYR A 663 -5.80 9.72 21.38
N ASP A 664 -5.75 11.02 21.63
CA ASP A 664 -6.93 11.73 22.11
C ASP A 664 -7.28 12.89 21.22
N ASP A 665 -6.29 13.51 20.59
CA ASP A 665 -6.59 14.59 19.65
C ASP A 665 -7.16 14.04 18.36
N LYS A 666 -6.38 13.24 17.64
CA LYS A 666 -6.77 12.88 16.29
C LYS A 666 -7.69 11.69 16.28
N LEU A 667 -7.40 10.69 17.11
CA LEU A 667 -8.13 9.43 17.02
C LEU A 667 -9.56 9.59 17.53
N GLU A 668 -9.82 10.55 18.42
CA GLU A 668 -11.19 10.87 18.77
C GLU A 668 -11.89 11.54 17.60
N GLN A 669 -11.23 12.48 16.94
CA GLN A 669 -11.87 13.22 15.84
C GLN A 669 -12.03 12.37 14.60
N ILE A 670 -11.20 11.34 14.44
CA ILE A 670 -11.45 10.35 13.40
C ILE A 670 -12.60 9.44 13.81
N ARG A 671 -12.65 9.07 15.09
CA ARG A 671 -13.79 8.31 15.61
C ARG A 671 -15.06 9.14 15.59
N TYR A 672 -14.97 10.44 15.88
CA TYR A 672 -16.15 11.29 15.92
C TYR A 672 -16.75 11.49 14.53
N PHE A 673 -15.94 11.44 13.49
CA PHE A 673 -16.49 11.60 12.15
C PHE A 673 -17.25 10.37 11.69
N PHE A 674 -16.57 9.22 11.60
CA PHE A 674 -17.14 8.05 10.95
C PHE A 674 -18.21 7.35 11.77
N ASN A 675 -18.35 7.68 13.06
CA ASN A 675 -19.45 7.17 13.85
C ASN A 675 -20.59 8.17 13.96
N HIS A 676 -20.48 9.31 13.30
CA HIS A 676 -21.55 10.30 13.21
C HIS A 676 -21.80 10.71 11.77
N GLN A 677 -21.62 9.78 10.83
CA GLN A 677 -22.02 9.98 9.44
C GLN A 677 -22.45 8.63 8.88
N ASP A 678 -22.80 8.62 7.60
CA ASP A 678 -23.37 7.41 7.03
C ASP A 678 -22.69 6.94 5.75
N GLU A 679 -22.29 7.87 4.88
CA GLU A 679 -21.98 7.52 3.49
C GLU A 679 -20.50 7.23 3.22
N ARG A 680 -19.59 7.68 4.08
CA ARG A 680 -18.18 7.35 3.89
C ARG A 680 -17.90 5.98 4.49
N GLY A 681 -16.63 5.59 4.58
CA GLY A 681 -16.33 4.30 5.18
C GLY A 681 -14.88 3.94 5.11
N LYS A 682 -14.62 2.64 5.00
CA LYS A 682 -13.24 2.16 5.01
C LYS A 682 -12.53 2.47 3.71
N ASN A 683 -13.26 2.64 2.62
CA ASN A 683 -12.64 3.00 1.35
C ASN A 683 -12.09 4.41 1.41
N PHE A 684 -12.80 5.32 2.07
CA PHE A 684 -12.29 6.67 2.24
C PHE A 684 -11.09 6.69 3.18
N ILE A 685 -11.12 5.85 4.21
CA ILE A 685 -10.00 5.79 5.17
C ILE A 685 -8.76 5.24 4.49
N TYR A 686 -8.92 4.20 3.67
CA TYR A 686 -7.79 3.53 3.06
C TYR A 686 -7.07 4.42 2.04
N LYS A 687 -7.81 5.26 1.32
CA LYS A 687 -7.16 6.17 0.41
C LYS A 687 -6.56 7.37 1.11
N LEU A 688 -6.97 7.65 2.35
CA LEU A 688 -6.27 8.67 3.12
C LEU A 688 -4.95 8.13 3.66
N ILE A 689 -4.90 6.85 4.01
CA ILE A 689 -3.66 6.27 4.50
C ILE A 689 -2.63 6.18 3.38
N GLU A 690 -3.07 5.80 2.18
CA GLU A 690 -2.16 5.69 1.06
C GLU A 690 -1.60 7.04 0.62
N LEU A 691 -2.39 8.11 0.75
CA LEU A 691 -1.86 9.44 0.52
C LEU A 691 -1.03 9.95 1.68
N LEU A 692 -1.17 9.37 2.86
CA LEU A 692 -0.34 9.72 4.00
C LEU A 692 0.98 8.96 4.03
N ARG A 693 1.05 7.78 3.43
CA ARG A 693 2.31 7.04 3.44
C ARG A 693 3.32 7.64 2.48
N ASN A 694 2.89 7.98 1.28
CA ASN A 694 3.83 8.43 0.25
C ASN A 694 4.25 9.88 0.49
N HIS A 695 3.30 10.81 0.39
CA HIS A 695 3.51 12.24 0.54
C HIS A 695 4.59 12.78 -0.41
N ASP A 696 4.24 12.80 -1.69
CA ASP A 696 4.99 13.68 -2.57
C ASP A 696 4.45 15.10 -2.43
N ARG A 697 5.12 16.06 -3.09
CA ARG A 697 4.51 17.37 -3.25
C ARG A 697 3.32 17.31 -4.18
N MET A 698 3.33 16.36 -5.11
CA MET A 698 2.18 16.15 -5.98
C MET A 698 0.98 15.62 -5.20
N ASN A 699 1.25 14.79 -4.19
CA ASN A 699 0.16 14.25 -3.39
C ASN A 699 -0.45 15.27 -2.43
N MET A 700 0.17 16.43 -2.23
CA MET A 700 -0.54 17.51 -1.55
C MET A 700 -1.66 18.05 -2.41
N ALA A 701 -1.38 18.29 -3.69
CA ALA A 701 -2.40 18.81 -4.60
C ALA A 701 -3.40 17.72 -4.96
N ARG A 702 -2.94 16.49 -5.11
CA ARG A 702 -3.82 15.38 -5.47
C ARG A 702 -4.79 15.05 -4.34
N LEU A 703 -4.41 15.31 -3.11
CA LEU A 703 -5.32 15.18 -1.97
C LEU A 703 -6.23 16.39 -1.84
N ALA A 704 -5.81 17.55 -2.34
CA ALA A 704 -6.66 18.71 -2.32
C ALA A 704 -7.82 18.55 -3.28
N TYR A 705 -7.62 17.82 -4.37
CA TYR A 705 -8.71 17.49 -5.28
C TYR A 705 -9.61 16.42 -4.66
N TYR A 706 -9.00 15.42 -4.01
CA TYR A 706 -9.76 14.27 -3.52
C TYR A 706 -10.67 14.63 -2.38
N LEU A 707 -10.29 15.59 -1.54
CA LEU A 707 -11.17 16.00 -0.45
C LEU A 707 -12.22 16.99 -0.92
N THR A 708 -11.89 17.85 -1.89
CA THR A 708 -12.86 18.81 -2.40
C THR A 708 -13.89 18.13 -3.28
N ARG A 709 -13.52 17.03 -3.94
CA ARG A 709 -14.45 16.30 -4.78
C ARG A 709 -15.52 15.60 -3.95
N LEU A 710 -15.23 15.31 -2.68
CA LEU A 710 -16.17 14.59 -1.85
C LEU A 710 -17.12 15.50 -1.08
N GLU A 711 -16.82 16.80 -1.00
CA GLU A 711 -17.86 17.76 -0.61
C GLU A 711 -18.99 17.77 -1.61
N GLU A 712 -18.65 17.75 -2.90
CA GLU A 712 -19.63 17.75 -3.97
C GLU A 712 -20.51 16.49 -3.96
N LEU A 713 -20.02 15.39 -3.38
CA LEU A 713 -20.77 14.13 -3.46
C LEU A 713 -21.67 13.90 -2.26
N THR A 714 -21.44 14.57 -1.13
CA THR A 714 -22.30 14.37 0.04
C THR A 714 -23.67 15.00 -0.15
N ARG A 715 -24.56 14.74 0.80
CA ARG A 715 -25.99 14.98 0.65
C ARG A 715 -26.42 16.36 1.16
N GLU A 716 -25.46 17.25 1.43
CA GLU A 716 -25.63 18.66 1.80
C GLU A 716 -26.25 18.88 3.18
N THR A 717 -26.65 17.81 3.86
CA THR A 717 -26.91 17.83 5.28
C THR A 717 -25.71 17.31 6.06
N ASP A 718 -24.68 16.86 5.35
CA ASP A 718 -23.42 16.45 5.94
C ASP A 718 -22.23 17.18 5.34
N ARG A 719 -22.46 18.13 4.42
CA ARG A 719 -21.35 18.76 3.71
C ARG A 719 -20.53 19.66 4.63
N ASP A 720 -21.21 20.46 5.46
CA ASP A 720 -20.49 21.29 6.43
C ASP A 720 -19.85 20.46 7.54
N LYS A 721 -20.40 19.27 7.81
CA LYS A 721 -19.74 18.37 8.75
C LYS A 721 -18.46 17.80 8.14
N PHE A 722 -18.52 17.39 6.88
CA PHE A 722 -17.34 16.94 6.17
C PHE A 722 -16.37 18.09 5.92
N LYS A 723 -16.89 19.31 5.78
CA LYS A 723 -16.02 20.47 5.56
C LYS A 723 -15.20 20.80 6.80
N THR A 724 -15.75 20.55 7.99
CA THR A 724 -14.95 20.65 9.20
C THR A 724 -14.00 19.49 9.38
N PHE A 725 -14.18 18.41 8.61
CA PHE A 725 -13.22 17.32 8.63
C PHE A 725 -12.07 17.58 7.67
N LYS A 726 -12.38 17.99 6.44
CA LYS A 726 -11.32 18.15 5.46
C LYS A 726 -10.54 19.43 5.63
N ASN A 727 -11.11 20.48 6.24
CA ASN A 727 -10.31 21.65 6.54
C ASN A 727 -9.40 21.38 7.73
N LEU A 728 -9.73 20.38 8.54
CA LEU A 728 -8.91 19.95 9.67
C LEU A 728 -7.97 18.80 9.27
N PHE A 729 -8.36 18.00 8.28
CA PHE A 729 -7.46 16.94 7.82
C PHE A 729 -6.33 17.54 6.98
N TYR A 730 -6.68 18.34 5.96
CA TYR A 730 -5.71 18.96 5.08
C TYR A 730 -4.83 19.96 5.82
N SER A 731 -5.27 20.43 6.99
CA SER A 731 -4.43 21.27 7.84
C SER A 731 -3.20 20.52 8.32
N TRP A 732 -3.39 19.32 8.87
CA TRP A 732 -2.23 18.59 9.36
C TRP A 732 -1.48 17.83 8.28
N TYR A 733 -2.04 17.71 7.08
CA TYR A 733 -1.30 17.04 6.01
C TYR A 733 -0.21 17.93 5.44
N THR A 734 -0.51 19.19 5.17
CA THR A 734 0.43 20.11 4.55
C THR A 734 1.11 20.92 5.66
N ASN A 735 2.32 20.52 6.03
CA ASN A 735 3.11 21.24 7.01
C ASN A 735 4.57 21.18 6.59
N LYS A 736 5.42 21.83 7.40
CA LYS A 736 6.86 21.81 7.22
C LYS A 736 7.57 21.04 8.32
N ASN A 737 7.01 21.00 9.53
CA ASN A 737 7.62 20.29 10.65
C ASN A 737 7.57 18.77 10.49
N ASP A 738 6.72 18.25 9.58
CA ASP A 738 6.52 16.83 9.29
C ASP A 738 6.07 16.07 10.53
N LYS A 739 5.36 16.73 11.44
CA LYS A 739 5.08 16.14 12.74
C LYS A 739 3.69 15.52 12.80
N ASP A 740 2.65 16.31 12.51
CA ASP A 740 1.27 15.86 12.63
C ASP A 740 0.86 14.90 11.51
N ARG A 741 1.70 14.72 10.50
CA ARG A 741 1.36 13.87 9.37
C ARG A 741 1.44 12.41 9.74
N LYS A 742 2.59 11.99 10.28
CA LYS A 742 2.75 10.60 10.69
C LYS A 742 1.93 10.29 11.93
N GLU A 743 1.53 11.30 12.70
CA GLU A 743 0.58 11.11 13.78
C GLU A 743 -0.76 10.64 13.23
N ALA A 744 -1.26 11.32 12.19
CA ALA A 744 -2.51 10.91 11.57
C ALA A 744 -2.34 9.69 10.68
N GLU A 745 -1.12 9.39 10.25
CA GLU A 745 -0.87 8.11 9.61
C GLU A 745 -1.03 6.98 10.62
N LEU A 746 -0.68 7.22 11.87
CA LEU A 746 -0.86 6.21 12.91
C LEU A 746 -2.28 6.20 13.43
N ALA A 747 -2.89 7.38 13.59
CA ALA A 747 -4.23 7.48 14.16
C ALA A 747 -5.29 6.83 13.29
N LEU A 748 -5.04 6.72 11.99
CA LEU A 748 -5.91 5.97 11.11
C LEU A 748 -5.68 4.48 11.20
N LEU A 749 -4.48 4.04 11.61
CA LEU A 749 -4.24 2.61 11.75
C LEU A 749 -5.02 2.04 12.92
N LEU A 750 -4.99 2.72 14.06
CA LEU A 750 -5.67 2.21 15.24
C LEU A 750 -7.18 2.35 15.11
N TYR A 751 -7.65 3.28 14.28
CA TYR A 751 -9.08 3.33 14.04
C TYR A 751 -9.52 2.24 13.07
N ILE A 752 -8.73 1.98 12.03
CA ILE A 752 -9.15 0.96 11.08
C ILE A 752 -8.87 -0.44 11.64
N TYR A 753 -8.02 -0.56 12.67
CA TYR A 753 -7.88 -1.84 13.35
C TYR A 753 -9.13 -2.20 14.13
N GLU A 754 -9.66 -1.23 14.87
CA GLU A 754 -10.73 -1.53 15.82
C GLU A 754 -12.10 -1.66 15.18
N ILE A 755 -12.20 -1.51 13.85
CA ILE A 755 -13.48 -1.59 13.17
C ILE A 755 -13.53 -2.74 12.17
N ARG A 756 -12.56 -3.64 12.19
CA ARG A 756 -12.52 -4.71 11.20
C ARG A 756 -13.39 -5.88 11.63
N LYS A 757 -14.38 -6.20 10.81
CA LYS A 757 -15.20 -7.38 10.96
C LYS A 757 -14.39 -8.63 10.62
N ASP A 758 -14.83 -9.78 11.12
CA ASP A 758 -14.27 -11.07 10.72
C ASP A 758 -14.54 -11.31 9.24
N ILE B 3 8.54 20.73 -46.70
CA ILE B 3 8.72 19.51 -45.93
C ILE B 3 8.38 19.79 -44.48
N LEU B 4 7.81 18.80 -43.80
CA LEU B 4 7.46 18.90 -42.39
C LEU B 4 7.47 17.52 -41.78
N THR B 5 8.14 17.38 -40.64
CA THR B 5 8.27 16.12 -39.93
C THR B 5 7.39 16.14 -38.70
N ASP B 6 7.48 15.08 -37.88
CA ASP B 6 6.65 14.98 -36.69
C ASP B 6 7.08 15.95 -35.59
N GLU B 7 8.26 16.55 -35.70
CA GLU B 7 8.70 17.51 -34.71
C GLU B 7 8.30 18.94 -35.08
N ASN B 8 8.42 19.30 -36.36
CA ASN B 8 8.37 20.69 -36.76
C ASN B 8 7.10 21.08 -37.50
N TYR B 9 6.05 20.27 -37.46
CA TYR B 9 4.87 20.63 -38.23
C TYR B 9 3.99 21.66 -37.53
N VAL B 10 4.43 22.26 -36.43
CA VAL B 10 3.64 23.24 -35.70
C VAL B 10 4.30 24.61 -35.74
N ASP B 11 5.61 24.67 -35.46
CA ASP B 11 6.30 25.95 -35.51
C ASP B 11 6.54 26.43 -36.93
N ILE B 12 6.54 25.52 -37.92
CA ILE B 12 6.42 25.94 -39.30
C ILE B 12 5.05 26.59 -39.52
N ALA B 13 4.00 25.99 -38.96
CA ALA B 13 2.66 26.53 -39.11
C ALA B 13 2.46 27.80 -38.30
N GLU B 14 3.20 27.97 -37.19
CA GLU B 14 3.12 29.22 -36.46
C GLU B 14 3.82 30.34 -37.22
N LYS B 15 5.02 30.06 -37.74
CA LYS B 15 5.76 31.05 -38.51
C LYS B 15 5.08 31.37 -39.82
N ALA B 16 4.26 30.45 -40.34
CA ALA B 16 3.53 30.72 -41.57
C ALA B 16 2.46 31.78 -41.35
N ILE B 17 1.69 31.68 -40.26
CA ILE B 17 0.63 32.64 -39.98
C ILE B 17 1.20 34.02 -39.69
N LEU B 18 2.37 34.10 -39.04
CA LEU B 18 2.99 35.39 -38.78
C LEU B 18 3.49 36.05 -40.06
N LYS B 19 3.78 35.26 -41.09
CA LYS B 19 4.22 35.82 -42.36
C LYS B 19 3.08 36.26 -43.26
N LEU B 20 1.82 35.91 -42.93
CA LEU B 20 0.67 36.48 -43.62
C LEU B 20 0.62 37.98 -43.42
N GLU B 21 0.68 38.72 -44.53
CA GLU B 21 0.70 40.17 -44.46
C GLU B 21 -0.67 40.71 -44.06
N ARG B 22 -0.67 41.62 -43.10
CA ARG B 22 -1.90 42.08 -42.48
C ARG B 22 -2.58 43.12 -43.35
N ASN B 23 -3.67 43.69 -42.83
CA ASN B 23 -4.28 44.89 -43.39
C ASN B 23 -3.54 46.08 -42.82
N THR B 24 -2.41 46.41 -43.44
CA THR B 24 -1.67 47.61 -43.05
C THR B 24 -2.45 48.86 -43.42
N ARG B 25 -3.26 48.80 -44.47
CA ARG B 25 -4.23 49.84 -44.75
C ARG B 25 -5.33 49.83 -43.70
N ASN B 26 -5.98 50.98 -43.54
CA ASN B 26 -7.21 51.17 -42.77
C ASN B 26 -7.00 50.80 -41.30
N ARG B 27 -6.19 51.65 -40.64
CA ARG B 27 -5.66 51.42 -39.31
C ARG B 27 -6.72 51.34 -38.20
N LYS B 28 -7.97 51.70 -38.47
CA LYS B 28 -9.05 51.39 -37.55
C LYS B 28 -9.25 49.88 -37.52
N ASN B 29 -9.16 49.29 -36.31
CA ASN B 29 -9.05 47.86 -36.04
C ASN B 29 -7.92 47.25 -36.86
N PRO B 30 -6.65 47.52 -36.51
CA PRO B 30 -5.55 47.09 -37.38
C PRO B 30 -5.20 45.63 -37.19
N ASP B 31 -4.13 45.19 -37.87
CA ASP B 31 -3.54 43.85 -37.81
C ASP B 31 -4.49 42.74 -38.26
N ALA B 32 -5.60 43.07 -38.91
CA ALA B 32 -6.45 42.04 -39.48
C ALA B 32 -5.81 41.47 -40.72
N PHE B 33 -6.09 40.19 -40.99
CA PHE B 33 -5.47 39.51 -42.11
C PHE B 33 -6.38 39.65 -43.33
N PHE B 34 -5.77 39.60 -44.51
CA PHE B 34 -6.58 39.49 -45.73
C PHE B 34 -7.29 38.14 -45.79
N LEU B 35 -6.65 37.09 -45.31
CA LEU B 35 -7.32 35.82 -45.15
C LEU B 35 -8.32 35.93 -44.00
N THR B 36 -9.50 35.36 -44.19
CA THR B 36 -10.56 35.42 -43.19
C THR B 36 -10.82 34.03 -42.62
N THR B 37 -11.64 34.00 -41.56
CA THR B 37 -11.83 32.77 -40.81
C THR B 37 -12.65 31.75 -41.59
N SER B 38 -13.82 32.15 -42.07
CA SER B 38 -14.71 31.23 -42.78
C SER B 38 -14.13 30.79 -44.12
N LYS B 39 -13.17 31.54 -44.65
CA LYS B 39 -12.44 31.10 -45.83
C LYS B 39 -11.46 29.98 -45.48
N LEU B 40 -10.81 30.09 -44.33
CA LEU B 40 -9.82 29.09 -43.94
C LEU B 40 -10.47 27.79 -43.51
N ARG B 41 -11.68 27.87 -42.94
CA ARG B 41 -12.36 26.66 -42.46
C ARG B 41 -12.82 25.79 -43.61
N ASN B 42 -12.99 26.39 -44.80
CA ASN B 42 -13.31 25.63 -46.00
C ASN B 42 -12.15 24.71 -46.37
N LEU B 43 -10.92 25.19 -46.15
CA LEU B 43 -9.76 24.35 -46.39
C LEU B 43 -9.58 23.31 -45.31
N LEU B 44 -10.00 23.62 -44.07
CA LEU B 44 -9.82 22.67 -42.98
C LEU B 44 -10.82 21.53 -43.09
N SER B 45 -12.07 21.84 -43.49
CA SER B 45 -13.11 20.81 -43.60
C SER B 45 -12.78 19.77 -44.66
N LEU B 46 -11.98 20.15 -45.65
CA LEU B 46 -11.38 19.19 -46.56
C LEU B 46 -10.47 18.23 -45.81
N THR B 47 -9.50 18.78 -45.08
CA THR B 47 -8.52 17.93 -44.41
C THR B 47 -9.08 17.29 -43.15
N SER B 48 -9.99 17.96 -42.44
CA SER B 48 -10.55 17.36 -41.24
C SER B 48 -11.83 16.58 -41.53
N THR B 49 -11.79 15.81 -42.61
CA THR B 49 -12.59 14.62 -42.79
C THR B 49 -11.77 13.48 -43.36
N LEU B 50 -10.55 13.75 -43.83
CA LEU B 50 -9.60 12.68 -44.13
C LEU B 50 -8.86 12.24 -42.89
N PHE B 51 -8.67 13.16 -41.93
CA PHE B 51 -8.04 12.81 -40.67
C PHE B 51 -8.90 11.85 -39.87
N ASP B 52 -10.21 11.90 -40.08
CA ASP B 52 -11.11 10.94 -39.45
C ASP B 52 -11.07 9.61 -40.17
N GLU B 53 -11.15 9.63 -41.49
CA GLU B 53 -11.21 8.40 -42.26
C GLU B 53 -9.87 7.69 -42.36
N SER B 54 -8.76 8.40 -42.14
CA SER B 54 -7.47 7.72 -42.11
C SER B 54 -7.31 6.87 -40.87
N LYS B 55 -7.97 7.24 -39.77
CA LYS B 55 -7.89 6.43 -38.56
C LYS B 55 -8.73 5.16 -38.67
N VAL B 56 -9.64 5.09 -39.63
CA VAL B 56 -10.52 3.94 -39.80
C VAL B 56 -10.11 3.13 -41.03
N LYS B 57 -9.89 3.79 -42.15
CA LYS B 57 -9.57 3.12 -43.41
C LYS B 57 -8.08 3.08 -43.64
N GLU B 58 -7.68 2.31 -44.64
CA GLU B 58 -6.29 2.24 -45.06
C GLU B 58 -5.98 3.38 -46.01
N TYR B 59 -4.70 3.48 -46.39
CA TYR B 59 -4.28 4.55 -47.28
C TYR B 59 -4.70 4.27 -48.72
N ASP B 60 -4.61 3.03 -49.16
CA ASP B 60 -4.81 2.70 -50.56
C ASP B 60 -6.27 2.74 -50.98
N ALA B 61 -7.20 2.59 -50.05
CA ALA B 61 -8.62 2.75 -50.32
C ALA B 61 -9.10 4.17 -50.07
N LEU B 62 -8.18 5.11 -49.97
CA LEU B 62 -8.49 6.48 -49.57
C LEU B 62 -7.81 7.53 -50.42
N LEU B 63 -6.85 7.17 -51.28
CA LEU B 63 -5.99 8.15 -51.94
C LEU B 63 -6.68 8.91 -53.06
N ASP B 64 -7.92 8.59 -53.40
CA ASP B 64 -8.63 9.37 -54.41
C ASP B 64 -9.02 10.75 -53.86
N ARG B 65 -9.43 10.80 -52.59
CA ARG B 65 -9.74 12.08 -51.96
C ARG B 65 -8.48 12.87 -51.64
N ILE B 66 -7.35 12.19 -51.50
CA ILE B 66 -6.09 12.88 -51.20
C ILE B 66 -5.61 13.65 -52.42
N ALA B 67 -5.78 13.08 -53.62
CA ALA B 67 -5.40 13.77 -54.83
C ALA B 67 -6.30 14.96 -55.12
N TYR B 68 -7.55 14.91 -54.64
CA TYR B 68 -8.49 16.01 -54.82
C TYR B 68 -8.21 17.17 -53.87
N LEU B 69 -7.38 16.98 -52.84
CA LEU B 69 -6.90 18.11 -52.07
C LEU B 69 -6.03 19.03 -52.92
N ARG B 70 -5.26 18.48 -53.85
CA ARG B 70 -4.43 19.31 -54.71
C ARG B 70 -5.30 20.08 -55.71
N VAL B 71 -6.50 19.57 -55.99
CA VAL B 71 -7.47 20.33 -56.77
C VAL B 71 -8.02 21.48 -55.93
N GLN B 72 -8.43 21.18 -54.70
CA GLN B 72 -9.16 22.15 -53.87
C GLN B 72 -8.26 23.27 -53.39
N PHE B 73 -7.04 22.93 -52.93
CA PHE B 73 -6.14 23.97 -52.43
C PHE B 73 -5.63 24.87 -53.54
N VAL B 74 -5.72 24.45 -54.80
CA VAL B 74 -5.41 25.34 -55.91
C VAL B 74 -6.64 26.14 -56.32
N TYR B 75 -7.81 25.50 -56.36
CA TYR B 75 -9.03 26.19 -56.77
C TYR B 75 -9.44 27.24 -55.76
N GLN B 76 -9.33 26.94 -54.46
CA GLN B 76 -9.64 27.93 -53.45
C GLN B 76 -8.62 29.05 -53.40
N ALA B 77 -7.41 28.81 -53.90
CA ALA B 77 -6.38 29.84 -53.95
C ALA B 77 -6.24 30.48 -55.32
N GLY B 78 -6.72 29.83 -56.37
CA GLY B 78 -6.72 30.46 -57.68
C GLY B 78 -7.64 31.65 -57.77
N ARG B 79 -8.71 31.65 -57.00
CA ARG B 79 -9.58 32.80 -56.85
C ARG B 79 -9.42 33.36 -55.43
N GLU B 80 -9.68 34.66 -55.31
CA GLU B 80 -9.68 35.38 -54.03
C GLU B 80 -8.32 35.29 -53.34
N ILE B 81 -7.37 36.04 -53.92
CA ILE B 81 -5.92 35.96 -53.82
C ILE B 81 -5.35 35.83 -52.40
N ALA B 82 -6.13 36.18 -51.37
CA ALA B 82 -5.67 36.03 -49.99
C ALA B 82 -5.45 34.58 -49.61
N VAL B 83 -6.08 33.62 -50.29
CA VAL B 83 -5.80 32.21 -50.05
C VAL B 83 -4.49 31.82 -50.71
N LYS B 84 -4.18 32.43 -51.87
CA LYS B 84 -2.89 32.21 -52.51
C LYS B 84 -1.75 32.74 -51.66
N ASP B 85 -2.01 33.79 -50.88
CA ASP B 85 -1.06 34.27 -49.89
C ASP B 85 -0.79 33.24 -48.81
N LEU B 86 -1.75 32.36 -48.53
CA LEU B 86 -1.54 31.30 -47.54
C LEU B 86 -0.69 30.18 -48.11
N ILE B 87 -1.11 29.60 -49.23
CA ILE B 87 -0.50 28.37 -49.74
C ILE B 87 0.89 28.60 -50.33
N GLU B 88 1.29 29.84 -50.57
CA GLU B 88 2.67 30.11 -50.93
C GLU B 88 3.55 30.26 -49.70
N LYS B 89 3.01 30.85 -48.64
CA LYS B 89 3.78 31.04 -47.42
C LYS B 89 3.78 29.78 -46.57
N ALA B 90 2.61 29.34 -46.14
CA ALA B 90 2.47 27.98 -45.63
C ALA B 90 2.59 27.03 -46.81
N GLN B 91 3.63 26.20 -46.83
CA GLN B 91 3.95 25.38 -47.99
C GLN B 91 2.94 24.23 -48.08
N ILE B 92 1.74 24.55 -48.55
CA ILE B 92 0.67 23.57 -48.62
C ILE B 92 0.87 22.64 -49.81
N LEU B 93 1.11 23.22 -50.99
CA LEU B 93 1.21 22.42 -52.20
C LEU B 93 2.49 21.60 -52.23
N GLU B 94 3.53 22.05 -51.52
CA GLU B 94 4.72 21.23 -51.35
C GLU B 94 4.50 20.11 -50.34
N ALA B 95 3.65 20.34 -49.35
CA ALA B 95 3.38 19.29 -48.36
C ALA B 95 2.52 18.18 -48.94
N LEU B 96 1.73 18.47 -49.97
CA LEU B 96 0.95 17.44 -50.64
C LEU B 96 1.80 16.57 -51.56
N LYS B 97 3.05 16.93 -51.80
CA LYS B 97 3.93 16.11 -52.62
C LYS B 97 4.45 14.90 -51.87
N GLU B 98 4.39 14.90 -50.54
CA GLU B 98 5.09 13.93 -49.72
C GLU B 98 4.15 13.13 -48.82
N ILE B 99 2.92 12.91 -49.27
CA ILE B 99 1.82 12.53 -48.39
C ILE B 99 1.57 11.03 -48.56
N LYS B 100 2.64 10.30 -48.86
CA LYS B 100 2.60 8.91 -49.32
C LYS B 100 2.09 7.90 -48.29
N ASP B 101 1.92 8.27 -47.03
CA ASP B 101 1.59 7.28 -46.01
C ASP B 101 0.52 7.85 -45.09
N ARG B 102 -0.10 6.96 -44.30
CA ARG B 102 -1.11 7.37 -43.33
C ARG B 102 -0.54 8.27 -42.25
N GLU B 103 0.72 8.05 -41.86
CA GLU B 103 1.33 8.89 -40.85
C GLU B 103 1.56 10.29 -41.37
N THR B 104 1.88 10.44 -42.65
CA THR B 104 2.03 11.77 -43.22
C THR B 104 0.68 12.37 -43.57
N LEU B 105 -0.28 11.53 -43.97
CA LEU B 105 -1.65 12.01 -44.15
C LEU B 105 -2.22 12.53 -42.84
N GLN B 106 -2.00 11.81 -41.75
CA GLN B 106 -2.39 12.32 -40.45
C GLN B 106 -1.45 13.41 -39.94
N ARG B 107 -0.36 13.69 -40.65
CA ARG B 107 0.49 14.81 -40.23
C ARG B 107 0.08 16.09 -40.94
N PHE B 108 -0.22 16.01 -42.24
CA PHE B 108 -0.64 17.20 -42.97
C PHE B 108 -2.03 17.64 -42.56
N CYS B 109 -2.94 16.69 -42.35
CA CYS B 109 -4.27 17.02 -41.85
C CYS B 109 -4.22 17.58 -40.44
N ARG B 110 -3.17 17.27 -39.69
CA ARG B 110 -2.90 17.87 -38.40
C ARG B 110 -2.09 19.16 -38.55
N TYR B 111 -1.33 19.28 -39.64
CA TYR B 111 -0.64 20.54 -39.94
C TYR B 111 -1.62 21.65 -40.28
N MET B 112 -2.71 21.32 -40.97
CA MET B 112 -3.75 22.31 -41.26
C MET B 112 -4.45 22.79 -40.00
N GLU B 113 -4.56 21.94 -38.99
CA GLU B 113 -5.21 22.32 -37.75
C GLU B 113 -4.36 23.29 -36.95
N ALA B 114 -3.04 23.21 -37.11
CA ALA B 114 -2.17 24.20 -36.49
C ALA B 114 -2.28 25.54 -37.19
N LEU B 115 -2.59 25.54 -38.48
CA LEU B 115 -2.79 26.79 -39.20
C LEU B 115 -4.06 27.48 -38.74
N VAL B 116 -5.12 26.71 -38.51
CA VAL B 116 -6.38 27.30 -38.05
C VAL B 116 -6.24 27.76 -36.60
N ALA B 117 -5.38 27.09 -35.83
CA ALA B 117 -5.19 27.45 -34.43
C ALA B 117 -4.50 28.80 -34.29
N TYR B 118 -3.36 28.98 -34.95
CA TYR B 118 -2.66 30.25 -34.83
C TYR B 118 -3.32 31.38 -35.61
N PHE B 119 -4.19 31.06 -36.57
CA PHE B 119 -5.01 32.10 -37.17
C PHE B 119 -6.01 32.64 -36.18
N LYS B 120 -6.64 31.76 -35.41
CA LYS B 120 -7.58 32.17 -34.39
C LYS B 120 -6.88 32.85 -33.23
N PHE B 121 -5.64 32.45 -32.94
CA PHE B 121 -4.92 33.03 -31.82
C PHE B 121 -4.37 34.41 -32.16
N TYR B 122 -3.78 34.57 -33.34
CA TYR B 122 -3.29 35.87 -33.79
C TYR B 122 -4.34 36.60 -34.62
N GLY B 123 -5.54 36.73 -34.09
CA GLY B 123 -6.62 37.37 -34.80
C GLY B 123 -7.30 38.45 -33.99
N ILE C 3 9.76 27.33 -17.16
CA ILE C 3 10.57 26.19 -16.75
C ILE C 3 9.99 25.62 -15.46
N LEU C 4 10.06 24.29 -15.31
CA LEU C 4 9.59 23.61 -14.11
C LEU C 4 10.36 22.32 -13.95
N THR C 5 10.88 22.09 -12.75
CA THR C 5 11.67 20.92 -12.42
C THR C 5 10.83 19.96 -11.57
N ASP C 6 11.46 18.88 -11.12
CA ASP C 6 10.74 17.89 -10.32
C ASP C 6 10.41 18.37 -8.92
N GLU C 7 11.01 19.47 -8.48
CA GLU C 7 10.69 20.02 -7.16
C GLU C 7 9.56 21.03 -7.23
N ASN C 8 9.56 21.90 -8.25
CA ASN C 8 8.73 23.09 -8.22
C ASN C 8 7.55 23.04 -9.19
N TYR C 9 7.19 21.87 -9.71
CA TYR C 9 6.10 21.86 -10.68
C TYR C 9 4.73 21.90 -10.04
N VAL C 10 4.62 22.11 -8.74
CA VAL C 10 3.34 22.14 -8.05
C VAL C 10 3.04 23.53 -7.48
N ASP C 11 4.03 24.12 -6.80
CA ASP C 11 3.83 25.46 -6.26
C ASP C 11 3.87 26.54 -7.34
N ILE C 12 4.50 26.27 -8.48
CA ILE C 12 4.27 27.09 -9.66
C ILE C 12 2.82 26.97 -10.11
N ALA C 13 2.30 25.75 -10.10
CA ALA C 13 0.91 25.54 -10.51
C ALA C 13 -0.08 26.04 -9.47
N GLU C 14 0.31 26.08 -8.19
CA GLU C 14 -0.57 26.69 -7.20
C GLU C 14 -0.59 28.20 -7.36
N LYS C 15 0.57 28.82 -7.52
CA LYS C 15 0.64 30.27 -7.71
C LYS C 15 0.03 30.70 -9.03
N ALA C 16 -0.02 29.81 -10.00
CA ALA C 16 -0.66 30.14 -11.27
C ALA C 16 -2.16 30.30 -11.12
N ILE C 17 -2.82 29.38 -10.40
CA ILE C 17 -4.27 29.43 -10.21
C ILE C 17 -4.66 30.65 -9.37
N LEU C 18 -3.83 31.04 -8.40
CA LEU C 18 -4.13 32.22 -7.59
C LEU C 18 -4.01 33.50 -8.41
N LYS C 19 -3.21 33.48 -9.48
CA LYS C 19 -3.08 34.66 -10.33
C LYS C 19 -4.17 34.77 -11.36
N LEU C 20 -4.99 33.73 -11.57
CA LEU C 20 -6.18 33.86 -12.40
C LEU C 20 -7.14 34.88 -11.81
N GLU C 21 -7.42 35.92 -12.59
CA GLU C 21 -8.27 36.99 -12.11
C GLU C 21 -9.73 36.53 -12.03
N ARG C 22 -10.36 36.82 -10.91
CA ARG C 22 -11.67 36.28 -10.59
C ARG C 22 -12.76 37.07 -11.31
N ASN C 23 -14.01 36.71 -11.02
CA ASN C 23 -15.16 37.54 -11.38
C ASN C 23 -15.33 38.58 -10.29
N THR C 24 -14.57 39.67 -10.40
CA THR C 24 -14.74 40.78 -9.48
C THR C 24 -16.07 41.48 -9.70
N ARG C 25 -16.57 41.45 -10.93
CA ARG C 25 -17.94 41.85 -11.19
C ARG C 25 -18.90 40.84 -10.59
N ASN C 26 -20.13 41.31 -10.33
CA ASN C 26 -21.30 40.50 -9.97
C ASN C 26 -21.06 39.73 -8.67
N ARG C 27 -20.97 40.51 -7.59
CA ARG C 27 -20.52 40.05 -6.27
C ARG C 27 -21.43 38.99 -5.63
N LYS C 28 -22.62 38.73 -6.17
CA LYS C 28 -23.39 37.56 -5.77
C LYS C 28 -22.64 36.31 -6.23
N ASN C 29 -22.33 35.42 -5.27
CA ASN C 29 -21.42 34.29 -5.40
C ASN C 29 -20.08 34.75 -5.96
N PRO C 30 -19.26 35.46 -5.17
CA PRO C 30 -18.04 36.05 -5.71
C PRO C 30 -16.91 35.06 -5.85
N ASP C 31 -15.73 35.55 -6.25
CA ASP C 31 -14.47 34.83 -6.39
C ASP C 31 -14.52 33.70 -7.41
N ALA C 32 -15.54 33.64 -8.26
CA ALA C 32 -15.56 32.66 -9.33
C ALA C 32 -14.59 33.09 -10.42
N PHE C 33 -14.03 32.09 -11.11
CA PHE C 33 -13.02 32.36 -12.12
C PHE C 33 -13.72 32.51 -13.47
N PHE C 34 -13.09 33.26 -14.37
CA PHE C 34 -13.56 33.28 -15.76
C PHE C 34 -13.33 31.92 -16.42
N LEU C 35 -12.22 31.27 -16.08
CA LEU C 35 -12.02 29.89 -16.50
C LEU C 35 -12.98 28.98 -15.74
N THR C 36 -13.58 28.04 -16.46
CA THR C 36 -14.55 27.13 -15.88
C THR C 36 -13.98 25.72 -15.83
N THR C 37 -14.71 24.83 -15.14
CA THR C 37 -14.20 23.48 -14.87
C THR C 37 -14.18 22.63 -16.12
N SER C 38 -15.31 22.52 -16.82
CA SER C 38 -15.40 21.68 -18.00
C SER C 38 -14.56 22.20 -19.16
N LYS C 39 -14.19 23.48 -19.12
CA LYS C 39 -13.22 24.00 -20.08
C LYS C 39 -11.82 23.53 -19.78
N LEU C 40 -11.47 23.46 -18.49
CA LEU C 40 -10.11 23.06 -18.11
C LEU C 40 -9.90 21.56 -18.30
N ARG C 41 -10.96 20.77 -18.14
CA ARG C 41 -10.84 19.32 -18.26
C ARG C 41 -10.58 18.90 -19.70
N ASN C 42 -10.96 19.76 -20.66
CA ASN C 42 -10.65 19.52 -22.07
C ASN C 42 -9.15 19.57 -22.29
N LEU C 43 -8.47 20.47 -21.56
CA LEU C 43 -7.02 20.54 -21.66
C LEU C 43 -6.36 19.40 -20.90
N LEU C 44 -6.99 18.91 -19.84
CA LEU C 44 -6.38 17.82 -19.07
C LEU C 44 -6.50 16.50 -19.81
N SER C 45 -7.64 16.25 -20.47
CA SER C 45 -7.85 15.00 -21.20
C SER C 45 -6.86 14.83 -22.33
N LEU C 46 -6.36 15.93 -22.88
CA LEU C 46 -5.22 15.90 -23.78
C LEU C 46 -3.99 15.33 -23.08
N THR C 47 -3.61 15.94 -21.96
CA THR C 47 -2.40 15.53 -21.28
C THR C 47 -2.58 14.24 -20.51
N SER C 48 -3.76 13.98 -19.97
CA SER C 48 -3.97 12.74 -19.23
C SER C 48 -4.50 11.63 -20.11
N THR C 49 -3.90 11.51 -21.29
CA THR C 49 -3.82 10.27 -22.05
C THR C 49 -2.43 10.08 -22.63
N LEU C 50 -1.57 11.10 -22.59
CA LEU C 50 -0.16 10.91 -22.87
C LEU C 50 0.58 10.45 -21.62
N PHE C 51 0.09 10.84 -20.45
CA PHE C 51 0.69 10.37 -19.19
C PHE C 51 0.50 8.87 -19.02
N ASP C 52 -0.55 8.33 -19.61
CA ASP C 52 -0.76 6.89 -19.59
C ASP C 52 0.14 6.20 -20.61
N GLU C 53 0.19 6.73 -21.83
CA GLU C 53 0.94 6.09 -22.89
C GLU C 53 2.44 6.29 -22.76
N SER C 54 2.88 7.29 -22.01
CA SER C 54 4.31 7.44 -21.76
C SER C 54 4.83 6.36 -20.84
N LYS C 55 3.99 5.84 -19.95
CA LYS C 55 4.41 4.77 -19.06
C LYS C 55 4.52 3.44 -19.77
N VAL C 56 3.92 3.31 -20.95
CA VAL C 56 3.92 2.08 -21.71
C VAL C 56 4.84 2.18 -22.92
N LYS C 57 4.73 3.26 -23.68
CA LYS C 57 5.49 3.44 -24.90
C LYS C 57 6.74 4.28 -24.65
N GLU C 58 7.61 4.31 -25.65
CA GLU C 58 8.79 5.15 -25.60
C GLU C 58 8.45 6.56 -26.05
N TYR C 59 9.45 7.44 -25.95
CA TYR C 59 9.23 8.83 -26.33
C TYR C 59 9.19 9.01 -27.84
N ASP C 60 10.05 8.30 -28.56
CA ASP C 60 10.21 8.53 -30.00
C ASP C 60 9.06 7.99 -30.83
N ALA C 61 8.32 7.01 -30.32
CA ALA C 61 7.12 6.52 -30.97
C ALA C 61 5.87 7.23 -30.49
N LEU C 62 6.03 8.38 -29.85
CA LEU C 62 4.93 9.07 -29.18
C LEU C 62 4.93 10.57 -29.44
N LEU C 63 5.99 11.14 -30.02
CA LEU C 63 6.16 12.59 -30.06
C LEU C 63 5.26 13.29 -31.09
N ASP C 64 4.49 12.54 -31.88
CA ASP C 64 3.55 13.18 -32.79
C ASP C 64 2.37 13.79 -32.03
N ARG C 65 1.90 13.09 -30.99
CA ARG C 65 0.82 13.63 -30.17
C ARG C 65 1.33 14.74 -29.26
N ILE C 66 2.63 14.75 -28.95
CA ILE C 66 3.19 15.79 -28.10
C ILE C 66 3.22 17.12 -28.82
N ALA C 67 3.54 17.10 -30.12
CA ALA C 67 3.55 18.32 -30.91
C ALA C 67 2.14 18.87 -31.12
N TYR C 68 1.13 18.00 -31.09
CA TYR C 68 -0.25 18.42 -31.24
C TYR C 68 -0.81 19.05 -29.96
N LEU C 69 -0.12 18.90 -28.83
CA LEU C 69 -0.49 19.67 -27.65
C LEU C 69 -0.27 21.16 -27.89
N ARG C 70 0.76 21.52 -28.64
CA ARG C 70 1.01 22.93 -28.93
C ARG C 70 -0.05 23.48 -29.88
N VAL C 71 -0.68 22.60 -30.66
CA VAL C 71 -1.84 22.99 -31.45
C VAL C 71 -3.04 23.23 -30.55
N GLN C 72 -3.30 22.28 -29.65
CA GLN C 72 -4.53 22.29 -28.86
C GLN C 72 -4.53 23.40 -27.81
N PHE C 73 -3.40 23.57 -27.11
CA PHE C 73 -3.34 24.61 -26.08
C PHE C 73 -3.37 26.02 -26.66
N VAL C 74 -3.07 26.17 -27.95
CA VAL C 74 -3.25 27.46 -28.61
C VAL C 74 -4.66 27.60 -29.15
N TYR C 75 -5.21 26.54 -29.73
CA TYR C 75 -6.57 26.60 -30.29
C TYR C 75 -7.62 26.76 -29.21
N GLN C 76 -7.46 26.06 -28.09
CA GLN C 76 -8.40 26.21 -27.00
C GLN C 76 -8.26 27.56 -26.31
N ALA C 77 -7.10 28.21 -26.44
CA ALA C 77 -6.89 29.53 -25.87
C ALA C 77 -7.02 30.65 -26.87
N GLY C 78 -6.93 30.36 -28.17
CA GLY C 78 -7.18 31.38 -29.18
C GLY C 78 -8.61 31.83 -29.21
N ARG C 79 -9.54 30.97 -28.84
CA ARG C 79 -10.93 31.31 -28.66
C ARG C 79 -11.27 31.24 -27.19
N GLU C 80 -12.27 32.03 -26.77
CA GLU C 80 -12.82 32.03 -25.42
C GLU C 80 -11.74 32.38 -24.39
N ILE C 81 -11.39 33.67 -24.40
CA ILE C 81 -10.18 34.32 -23.87
C ILE C 81 -9.78 33.92 -22.44
N ALA C 82 -10.71 33.36 -21.67
CA ALA C 82 -10.38 32.91 -20.31
C ALA C 82 -9.37 31.77 -20.29
N VAL C 83 -9.25 31.02 -21.38
CA VAL C 83 -8.21 30.01 -21.48
C VAL C 83 -6.86 30.65 -21.77
N LYS C 84 -6.87 31.74 -22.55
CA LYS C 84 -5.65 32.51 -22.80
C LYS C 84 -5.13 33.15 -21.51
N ASP C 85 -6.05 33.47 -20.59
CA ASP C 85 -5.67 33.91 -19.25
C ASP C 85 -4.93 32.82 -18.48
N LEU C 86 -5.20 31.56 -18.78
CA LEU C 86 -4.50 30.46 -18.11
C LEU C 86 -3.09 30.28 -18.68
N ILE C 87 -2.98 30.10 -20.00
CA ILE C 87 -1.71 29.71 -20.61
C ILE C 87 -0.69 30.83 -20.63
N GLU C 88 -1.09 32.07 -20.38
CA GLU C 88 -0.12 33.13 -20.19
C GLU C 88 0.39 33.17 -18.75
N LYS C 89 -0.49 32.91 -17.79
CA LYS C 89 -0.10 32.93 -16.39
C LYS C 89 0.57 31.64 -15.98
N ALA C 90 -0.15 30.52 -16.09
CA ALA C 90 0.50 29.22 -16.07
C ALA C 90 1.27 29.05 -17.36
N GLN C 91 2.60 28.98 -17.27
CA GLN C 91 3.45 29.00 -18.47
C GLN C 91 3.34 27.66 -19.19
N ILE C 92 2.24 27.48 -19.90
CA ILE C 92 1.98 26.23 -20.59
C ILE C 92 2.80 26.12 -21.86
N LEU C 93 2.75 27.17 -22.69
CA LEU C 93 3.42 27.13 -23.98
C LEU C 93 4.94 27.18 -23.83
N GLU C 94 5.42 27.75 -22.72
CA GLU C 94 6.85 27.68 -22.44
C GLU C 94 7.25 26.31 -21.91
N ALA C 95 6.34 25.62 -21.22
CA ALA C 95 6.65 24.29 -20.71
C ALA C 95 6.69 23.25 -21.81
N LEU C 96 5.98 23.50 -22.92
CA LEU C 96 6.04 22.61 -24.06
C LEU C 96 7.32 22.77 -24.88
N LYS C 97 8.12 23.79 -24.59
CA LYS C 97 9.39 23.95 -25.29
C LYS C 97 10.46 22.99 -24.78
N GLU C 98 10.28 22.41 -23.60
CA GLU C 98 11.35 21.69 -22.91
C GLU C 98 10.99 20.25 -22.62
N ILE C 99 10.17 19.63 -23.48
CA ILE C 99 9.45 18.42 -23.14
C ILE C 99 10.15 17.23 -23.80
N LYS C 100 11.48 17.37 -23.94
CA LYS C 100 12.31 16.49 -24.76
C LYS C 100 12.41 15.04 -24.27
N ASP C 101 11.94 14.71 -23.08
CA ASP C 101 12.17 13.38 -22.55
C ASP C 101 10.89 12.87 -21.89
N ARG C 102 10.86 11.55 -21.63
CA ARG C 102 9.71 10.93 -20.95
C ARG C 102 9.53 11.47 -19.54
N GLU C 103 10.63 11.76 -18.86
CA GLU C 103 10.52 12.30 -17.50
C GLU C 103 9.91 13.69 -17.51
N THR C 104 10.21 14.50 -18.52
CA THR C 104 9.59 15.82 -18.61
C THR C 104 8.18 15.72 -19.18
N LEU C 105 7.95 14.76 -20.09
CA LEU C 105 6.59 14.49 -20.54
C LEU C 105 5.70 14.04 -19.41
N GLN C 106 6.21 13.16 -18.55
CA GLN C 106 5.47 12.81 -17.34
C GLN C 106 5.53 13.90 -16.28
N ARG C 107 6.29 14.97 -16.49
CA ARG C 107 6.26 16.06 -15.53
C ARG C 107 5.25 17.12 -15.94
N PHE C 108 5.17 17.43 -17.23
CA PHE C 108 4.20 18.43 -17.69
C PHE C 108 2.78 17.87 -17.63
N CYS C 109 2.60 16.60 -18.00
CA CYS C 109 1.30 15.96 -17.88
C CYS C 109 0.88 15.82 -16.43
N ARG C 110 1.84 15.82 -15.50
CA ARG C 110 1.56 15.87 -14.08
C ARG C 110 1.46 17.31 -13.60
N TYR C 111 2.08 18.26 -14.30
CA TYR C 111 1.92 19.68 -14.00
C TYR C 111 0.51 20.15 -14.30
N MET C 112 -0.10 19.63 -15.37
CA MET C 112 -1.48 19.96 -15.67
C MET C 112 -2.45 19.44 -14.63
N GLU C 113 -2.11 18.32 -13.99
CA GLU C 113 -2.99 17.77 -12.97
C GLU C 113 -2.96 18.58 -11.70
N ALA C 114 -1.84 19.29 -11.44
CA ALA C 114 -1.80 20.21 -10.33
C ALA C 114 -2.62 21.45 -10.61
N LEU C 115 -2.74 21.84 -11.88
CA LEU C 115 -3.58 22.96 -12.24
C LEU C 115 -5.05 22.65 -12.04
N VAL C 116 -5.46 21.42 -12.38
CA VAL C 116 -6.85 21.02 -12.19
C VAL C 116 -7.15 20.84 -10.72
N ALA C 117 -6.14 20.46 -9.93
CA ALA C 117 -6.33 20.25 -8.50
C ALA C 117 -6.59 21.56 -7.77
N TYR C 118 -5.74 22.55 -7.97
CA TYR C 118 -5.94 23.82 -7.26
C TYR C 118 -7.08 24.65 -7.85
N PHE C 119 -7.49 24.37 -9.09
CA PHE C 119 -8.70 24.97 -9.61
C PHE C 119 -9.92 24.45 -8.87
N LYS C 120 -9.96 23.15 -8.63
CA LYS C 120 -11.06 22.56 -7.88
C LYS C 120 -11.01 22.95 -6.41
N PHE C 121 -9.81 23.15 -5.87
CA PHE C 121 -9.68 23.50 -4.47
C PHE C 121 -10.04 24.96 -4.22
N TYR C 122 -9.54 25.86 -5.05
CA TYR C 122 -9.89 27.29 -4.94
C TYR C 122 -11.08 27.64 -5.82
N GLY C 123 -12.18 26.90 -5.67
CA GLY C 123 -13.35 27.13 -6.48
C GLY C 123 -14.61 27.25 -5.65
N THR D 2 -27.27 -29.74 -10.14
CA THR D 2 -27.47 -29.60 -11.58
C THR D 2 -27.16 -28.16 -12.00
N PHE D 3 -26.31 -28.04 -13.02
CA PHE D 3 -25.79 -26.75 -13.45
C PHE D 3 -25.97 -26.61 -14.96
N ALA D 4 -26.36 -25.41 -15.39
CA ALA D 4 -26.66 -25.20 -16.80
C ALA D 4 -26.46 -23.74 -17.17
N LYS D 5 -26.12 -23.51 -18.45
CA LYS D 5 -25.91 -22.19 -18.99
C LYS D 5 -26.80 -22.01 -20.22
N ILE D 6 -27.50 -20.88 -20.29
CA ILE D 6 -28.48 -20.62 -21.36
C ILE D 6 -28.06 -19.36 -22.11
N LYS D 7 -27.87 -19.48 -23.42
CA LYS D 7 -27.41 -18.38 -24.27
C LYS D 7 -28.57 -17.82 -25.06
N PHE D 8 -28.57 -16.50 -25.24
CA PHE D 8 -29.61 -15.77 -25.97
C PHE D 8 -28.98 -15.03 -27.15
N SER D 9 -29.12 -15.59 -28.34
CA SER D 9 -28.48 -15.02 -29.54
C SER D 9 -29.49 -14.16 -30.30
N ALA D 10 -29.85 -13.04 -29.69
CA ALA D 10 -30.68 -12.06 -30.37
C ALA D 10 -29.83 -11.23 -31.32
N GLN D 11 -30.50 -10.46 -32.18
CA GLN D 11 -29.84 -9.60 -33.15
C GLN D 11 -30.36 -8.18 -32.99
N ILE D 12 -29.48 -7.27 -32.58
CA ILE D 12 -29.83 -5.89 -32.28
C ILE D 12 -29.73 -5.10 -33.59
N ARG D 13 -30.85 -4.85 -34.24
CA ARG D 13 -30.85 -4.10 -35.49
C ARG D 13 -31.37 -2.70 -35.22
N LEU D 14 -30.63 -1.70 -35.66
CA LEU D 14 -30.96 -0.30 -35.43
C LEU D 14 -32.05 0.15 -36.40
N GLU D 15 -32.77 1.21 -36.01
CA GLU D 15 -33.54 2.01 -36.95
C GLU D 15 -33.07 3.47 -36.96
N THR D 16 -32.87 4.07 -35.80
CA THR D 16 -32.15 5.32 -35.69
C THR D 16 -30.80 5.05 -35.06
N GLY D 17 -29.78 5.70 -35.58
CA GLY D 17 -28.41 5.29 -35.31
C GLY D 17 -27.96 5.64 -33.91
N LEU D 18 -27.49 4.65 -33.18
CA LEU D 18 -27.20 4.86 -31.77
C LEU D 18 -25.81 5.44 -31.60
N HIS D 19 -25.62 6.19 -30.53
CA HIS D 19 -24.37 6.86 -30.23
C HIS D 19 -23.91 6.45 -28.83
N ILE D 20 -23.30 5.27 -28.72
CA ILE D 20 -22.71 4.89 -27.45
C ILE D 20 -21.32 5.52 -27.44
N GLY D 21 -21.19 6.64 -26.78
CA GLY D 21 -20.00 7.45 -26.91
C GLY D 21 -18.83 6.92 -26.12
N GLY D 22 -17.68 7.44 -26.48
CA GLY D 22 -16.48 7.38 -25.65
C GLY D 22 -15.94 8.78 -25.56
N SER D 23 -14.61 8.89 -25.59
CA SER D 23 -13.96 10.17 -25.87
C SER D 23 -12.58 9.86 -26.44
N ASP D 24 -12.42 10.02 -27.75
CA ASP D 24 -11.10 10.15 -28.32
C ASP D 24 -10.53 11.47 -27.83
N ALA D 25 -9.51 11.39 -26.98
CA ALA D 25 -9.04 12.57 -26.27
C ALA D 25 -8.29 13.52 -27.20
N PHE D 26 -7.43 12.96 -28.05
CA PHE D 26 -6.87 13.73 -29.16
C PHE D 26 -7.75 13.56 -30.38
N ALA D 27 -8.89 14.24 -30.31
CA ALA D 27 -9.71 14.43 -31.50
C ALA D 27 -9.12 15.61 -32.28
N ALA D 28 -9.87 16.11 -33.23
CA ALA D 28 -9.35 17.12 -34.13
C ALA D 28 -10.18 18.38 -34.04
N ILE D 29 -9.76 19.39 -34.80
CA ILE D 29 -10.53 20.63 -34.95
C ILE D 29 -11.34 20.50 -36.23
N GLY D 30 -12.64 20.75 -36.13
CA GLY D 30 -13.49 20.62 -37.29
C GLY D 30 -13.71 19.19 -37.70
N ALA D 31 -13.70 18.28 -36.74
CA ALA D 31 -13.90 16.87 -37.01
C ALA D 31 -14.77 16.33 -35.87
N ILE D 32 -14.80 15.01 -35.73
CA ILE D 32 -15.66 14.39 -34.72
C ILE D 32 -15.07 14.67 -33.34
N ASN D 33 -15.75 15.52 -32.59
CA ASN D 33 -15.40 15.85 -31.22
C ASN D 33 -16.24 15.07 -30.21
N SER D 34 -17.03 14.10 -30.68
CA SER D 34 -17.76 13.19 -29.79
C SER D 34 -17.97 11.88 -30.54
N PRO D 35 -17.00 10.97 -30.46
CA PRO D 35 -17.08 9.75 -31.25
C PRO D 35 -17.85 8.66 -30.53
N VAL D 36 -18.07 7.57 -31.24
CA VAL D 36 -18.61 6.37 -30.65
C VAL D 36 -17.43 5.48 -30.26
N ILE D 37 -17.68 4.53 -29.37
CA ILE D 37 -16.67 3.55 -29.03
C ILE D 37 -16.58 2.55 -30.17
N LYS D 38 -15.36 2.27 -30.62
CA LYS D 38 -15.14 1.31 -31.68
C LYS D 38 -14.54 0.03 -31.13
N ASP D 39 -14.51 -0.98 -31.97
CA ASP D 39 -13.61 -2.08 -31.74
C ASP D 39 -12.19 -1.58 -31.97
N PRO D 40 -11.24 -1.89 -31.07
CA PRO D 40 -9.92 -1.25 -31.17
C PRO D 40 -9.07 -1.75 -32.33
N ILE D 41 -9.35 -2.92 -32.87
CA ILE D 41 -8.62 -3.41 -34.03
C ILE D 41 -9.37 -3.11 -35.32
N THR D 42 -10.63 -3.52 -35.40
CA THR D 42 -11.37 -3.49 -36.65
C THR D 42 -11.93 -2.11 -36.95
N ASN D 43 -12.03 -1.24 -35.93
CA ASN D 43 -12.64 0.09 -36.00
C ASN D 43 -14.08 0.04 -36.50
N LEU D 44 -14.79 -1.02 -36.14
CA LEU D 44 -16.23 -1.10 -36.30
C LEU D 44 -16.92 -0.65 -35.02
N PRO D 45 -18.07 0.02 -35.11
CA PRO D 45 -18.75 0.45 -33.88
C PRO D 45 -19.37 -0.72 -33.17
N ILE D 46 -19.27 -0.72 -31.84
CA ILE D 46 -19.75 -1.82 -31.03
C ILE D 46 -20.76 -1.31 -30.03
N ILE D 47 -21.53 -2.24 -29.48
CA ILE D 47 -22.41 -2.01 -28.35
C ILE D 47 -21.81 -2.75 -27.16
N PRO D 48 -21.40 -2.06 -26.10
CA PRO D 48 -20.90 -2.76 -24.93
C PRO D 48 -22.04 -3.39 -24.14
N GLY D 49 -21.67 -4.38 -23.33
CA GLY D 49 -22.62 -4.98 -22.43
C GLY D 49 -23.02 -4.07 -21.29
N SER D 50 -22.17 -3.10 -20.94
CA SER D 50 -22.50 -2.21 -19.85
C SER D 50 -23.59 -1.22 -20.24
N SER D 51 -23.63 -0.82 -21.51
CA SER D 51 -24.71 0.05 -21.95
C SER D 51 -26.00 -0.73 -22.12
N LEU D 52 -25.90 -2.04 -22.37
CA LEU D 52 -27.07 -2.89 -22.37
C LEU D 52 -27.59 -3.12 -20.94
N LYS D 53 -26.68 -3.54 -20.05
CA LYS D 53 -27.07 -3.83 -18.67
C LYS D 53 -27.52 -2.59 -17.92
N GLY D 54 -27.00 -1.43 -18.29
CA GLY D 54 -27.46 -0.20 -17.69
C GLY D 54 -28.82 0.25 -18.17
N LYS D 55 -29.27 -0.26 -19.31
CA LYS D 55 -30.61 0.08 -19.80
C LYS D 55 -31.62 -1.03 -19.60
N MET D 56 -31.16 -2.28 -19.42
CA MET D 56 -32.07 -3.31 -18.98
C MET D 56 -32.54 -3.04 -17.56
N ARG D 57 -31.60 -2.73 -16.67
CA ARG D 57 -31.94 -2.57 -15.26
C ARG D 57 -32.73 -1.29 -15.01
N THR D 58 -32.28 -0.17 -15.55
CA THR D 58 -32.93 1.11 -15.26
C THR D 58 -34.28 1.30 -15.96
N LEU D 59 -34.68 0.37 -16.82
CA LEU D 59 -36.04 0.36 -17.33
C LEU D 59 -36.92 -0.71 -16.70
N LEU D 60 -36.31 -1.72 -16.10
CA LEU D 60 -37.04 -2.69 -15.30
C LEU D 60 -37.06 -2.31 -13.83
N ALA D 61 -36.43 -1.19 -13.46
CA ALA D 61 -36.51 -0.67 -12.10
C ALA D 61 -37.69 0.26 -11.91
N LYS D 62 -38.46 0.52 -12.95
CA LYS D 62 -39.72 1.24 -12.82
C LYS D 62 -40.92 0.33 -13.01
N VAL D 63 -40.70 -0.92 -13.41
CA VAL D 63 -41.76 -1.86 -13.71
C VAL D 63 -41.80 -2.98 -12.68
N TYR D 64 -40.65 -3.61 -12.42
CA TYR D 64 -40.54 -4.71 -11.48
C TYR D 64 -39.90 -4.28 -10.18
N ASN D 65 -40.23 -3.09 -9.71
CA ASN D 65 -39.63 -2.55 -8.50
C ASN D 65 -40.65 -1.61 -7.85
N GLU D 66 -41.41 -2.13 -6.89
CA GLU D 66 -42.18 -1.30 -5.99
C GLU D 66 -41.28 -0.85 -4.85
N LYS D 67 -41.67 0.27 -4.22
CA LYS D 67 -40.81 1.04 -3.30
C LYS D 67 -39.51 1.39 -4.02
N VAL D 68 -39.67 2.35 -4.94
CA VAL D 68 -38.67 2.64 -5.98
C VAL D 68 -37.30 2.94 -5.41
N ALA D 69 -36.28 2.37 -6.04
CA ALA D 69 -34.95 2.30 -5.47
C ALA D 69 -34.24 3.64 -5.56
N GLU D 70 -33.52 3.99 -4.50
CA GLU D 70 -32.67 5.17 -4.55
C GLU D 70 -31.31 4.81 -5.14
N LYS D 71 -30.77 3.67 -4.76
CA LYS D 71 -29.50 3.17 -5.25
C LYS D 71 -29.76 1.84 -5.95
N PRO D 72 -28.82 1.33 -6.75
CA PRO D 72 -28.99 -0.04 -7.28
C PRO D 72 -28.97 -1.12 -6.22
N SER D 73 -28.44 -0.83 -5.02
CA SER D 73 -28.50 -1.76 -3.90
C SER D 73 -29.89 -1.88 -3.31
N ASP D 74 -30.82 -0.99 -3.67
CA ASP D 74 -32.18 -1.00 -3.14
C ASP D 74 -33.18 -1.61 -4.11
N ASP D 75 -32.71 -2.37 -5.10
CA ASP D 75 -33.63 -3.06 -5.98
C ASP D 75 -34.32 -4.20 -5.25
N SER D 76 -35.60 -4.37 -5.54
CA SER D 76 -36.48 -5.22 -4.73
C SER D 76 -36.47 -6.66 -5.23
N ASP D 77 -35.27 -7.26 -5.16
CA ASP D 77 -34.91 -8.69 -5.16
C ASP D 77 -35.69 -9.60 -6.08
N ILE D 78 -36.26 -9.05 -7.16
CA ILE D 78 -36.51 -9.77 -8.39
C ILE D 78 -35.57 -9.31 -9.49
N LEU D 79 -35.25 -8.03 -9.50
CA LEU D 79 -34.28 -7.40 -10.37
C LEU D 79 -32.85 -7.67 -9.93
N SER D 80 -32.60 -7.75 -8.62
CA SER D 80 -31.27 -8.05 -8.11
C SER D 80 -30.88 -9.51 -8.30
N ARG D 81 -31.86 -10.38 -8.51
CA ARG D 81 -31.56 -11.78 -8.71
C ARG D 81 -30.91 -12.04 -10.07
N LEU D 82 -31.12 -11.16 -11.04
CA LEU D 82 -30.57 -11.31 -12.37
C LEU D 82 -29.53 -10.28 -12.73
N PHE D 83 -29.46 -9.16 -12.02
CA PHE D 83 -28.54 -8.12 -12.42
C PHE D 83 -27.43 -7.93 -11.42
N GLY D 84 -27.34 -8.77 -10.40
CA GLY D 84 -26.32 -8.65 -9.38
C GLY D 84 -26.66 -7.59 -8.36
N ASN D 85 -26.15 -7.75 -7.15
CA ASN D 85 -26.37 -6.77 -6.09
C ASN D 85 -25.21 -6.90 -5.12
N SER D 86 -24.38 -5.87 -5.05
CA SER D 86 -23.17 -5.96 -4.23
C SER D 86 -23.45 -5.80 -2.76
N LYS D 87 -24.59 -5.22 -2.38
CA LYS D 87 -24.92 -5.06 -0.96
C LYS D 87 -25.84 -6.18 -0.49
N ASP D 88 -25.44 -7.42 -0.72
CA ASP D 88 -26.29 -8.56 -0.37
C ASP D 88 -25.42 -9.79 -0.22
N LYS D 89 -25.84 -10.68 0.69
CA LYS D 89 -25.07 -11.88 0.97
C LYS D 89 -25.16 -12.90 -0.16
N ARG D 90 -26.26 -12.93 -0.90
CA ARG D 90 -26.53 -14.04 -1.80
C ARG D 90 -26.87 -13.59 -3.22
N PHE D 91 -26.76 -12.30 -3.51
CA PHE D 91 -27.11 -11.78 -4.82
C PHE D 91 -25.94 -11.21 -5.61
N LYS D 92 -24.72 -11.35 -5.10
CA LYS D 92 -23.56 -10.87 -5.83
C LYS D 92 -23.32 -11.77 -7.04
N MET D 93 -23.17 -11.14 -8.20
CA MET D 93 -22.95 -11.81 -9.50
C MET D 93 -24.10 -12.77 -9.80
N GLY D 94 -25.27 -12.18 -10.05
CA GLY D 94 -26.44 -13.02 -10.26
C GLY D 94 -26.79 -13.35 -11.70
N ARG D 95 -26.30 -14.49 -12.18
CA ARG D 95 -26.94 -15.29 -13.22
C ARG D 95 -27.05 -14.70 -14.62
N LEU D 96 -26.65 -13.45 -14.84
CA LEU D 96 -26.64 -12.91 -16.20
C LEU D 96 -25.27 -12.36 -16.56
N ILE D 97 -24.85 -12.63 -17.77
CA ILE D 97 -23.63 -12.09 -18.35
C ILE D 97 -24.00 -11.41 -19.66
N PHE D 98 -23.77 -10.11 -19.73
CA PHE D 98 -24.09 -9.29 -20.90
C PHE D 98 -22.83 -9.17 -21.76
N ARG D 99 -22.69 -10.05 -22.73
CA ARG D 99 -21.56 -9.96 -23.65
C ARG D 99 -21.75 -8.78 -24.59
N ASP D 100 -20.64 -8.26 -25.11
CA ASP D 100 -20.69 -7.09 -25.97
C ASP D 100 -21.21 -7.47 -27.36
N ALA D 101 -22.11 -6.67 -27.89
CA ALA D 101 -22.65 -6.89 -29.22
C ALA D 101 -21.78 -6.13 -30.21
N PHE D 102 -20.97 -6.86 -30.98
CA PHE D 102 -19.93 -6.17 -31.75
C PHE D 102 -20.44 -5.61 -33.08
N LEU D 103 -20.69 -6.49 -34.05
CA LEU D 103 -21.17 -6.15 -35.38
C LEU D 103 -21.42 -7.47 -36.10
N SER D 104 -22.47 -7.56 -36.91
CA SER D 104 -22.69 -8.76 -37.71
C SER D 104 -22.65 -8.49 -39.20
N ASN D 105 -23.42 -7.51 -39.67
CA ASN D 105 -23.54 -7.24 -41.10
C ASN D 105 -22.41 -6.32 -41.56
N ALA D 106 -21.22 -6.91 -41.69
CA ALA D 106 -20.08 -6.15 -42.19
C ALA D 106 -20.17 -5.94 -43.70
N ASP D 107 -20.67 -6.93 -44.43
CA ASP D 107 -20.77 -6.86 -45.88
C ASP D 107 -22.21 -6.95 -46.38
N GLU D 108 -23.17 -6.78 -45.47
CA GLU D 108 -24.55 -6.55 -45.89
C GLU D 108 -24.89 -5.06 -45.83
N LEU D 109 -24.22 -4.30 -44.99
CA LEU D 109 -24.24 -2.84 -45.10
C LEU D 109 -23.59 -2.41 -46.40
N ASP D 110 -22.44 -2.99 -46.73
CA ASP D 110 -21.92 -2.87 -48.07
C ASP D 110 -22.83 -3.61 -49.05
N SER D 111 -22.70 -3.23 -50.33
CA SER D 111 -23.70 -3.49 -51.37
C SER D 111 -25.07 -2.94 -50.98
N LEU D 112 -25.05 -1.79 -50.30
CA LEU D 112 -26.19 -0.87 -50.22
C LEU D 112 -25.66 0.51 -50.54
N GLY D 113 -24.33 0.64 -50.48
CA GLY D 113 -23.66 1.90 -50.69
C GLY D 113 -23.25 2.50 -49.37
N VAL D 114 -22.00 2.27 -48.98
CA VAL D 114 -21.48 2.68 -47.68
C VAL D 114 -20.04 3.13 -47.88
N ARG D 115 -19.75 4.38 -47.54
CA ARG D 115 -18.36 4.80 -47.45
C ARG D 115 -17.74 4.32 -46.14
N SER D 116 -18.25 4.83 -45.02
CA SER D 116 -17.78 4.45 -43.69
C SER D 116 -18.92 3.82 -42.90
N TYR D 117 -18.55 2.95 -41.98
CA TYR D 117 -19.53 2.27 -41.14
C TYR D 117 -20.12 3.16 -40.07
N THR D 118 -19.56 4.34 -39.83
CA THR D 118 -20.07 5.30 -38.87
C THR D 118 -20.34 6.61 -39.61
N GLU D 119 -21.58 7.07 -39.56
CA GLU D 119 -21.88 8.37 -40.15
C GLU D 119 -21.55 9.49 -39.18
N VAL D 120 -21.46 10.69 -39.72
CA VAL D 120 -21.14 11.88 -38.94
C VAL D 120 -22.27 12.87 -39.12
N LYS D 121 -22.80 13.38 -38.02
CA LYS D 121 -23.97 14.25 -38.03
C LYS D 121 -23.63 15.61 -37.45
N PHE D 122 -23.96 16.66 -38.18
CA PHE D 122 -23.69 18.02 -37.73
C PHE D 122 -24.95 18.57 -37.09
N GLU D 123 -24.81 19.23 -35.94
CA GLU D 123 -26.02 19.37 -35.12
C GLU D 123 -26.37 20.73 -34.54
N ASN D 124 -25.45 21.68 -34.35
CA ASN D 124 -25.79 23.10 -34.19
C ASN D 124 -26.74 23.50 -33.05
N THR D 125 -26.28 23.54 -31.81
CA THR D 125 -27.05 24.25 -30.80
C THR D 125 -27.31 25.69 -31.19
N ILE D 126 -28.54 26.01 -31.57
CA ILE D 126 -28.90 27.37 -31.94
C ILE D 126 -29.32 28.11 -30.69
N ASP D 127 -28.62 29.18 -30.39
CA ASP D 127 -29.04 30.07 -29.32
C ASP D 127 -30.33 30.73 -29.75
N ARG D 128 -31.33 30.72 -28.89
CA ARG D 128 -32.64 31.26 -29.25
C ARG D 128 -32.56 32.76 -29.37
N ILE D 129 -32.09 33.43 -28.32
CA ILE D 129 -31.79 34.84 -28.43
C ILE D 129 -30.53 35.02 -29.26
N THR D 130 -30.58 35.95 -30.21
CA THR D 130 -29.52 36.41 -31.12
C THR D 130 -29.05 35.38 -32.14
N ALA D 131 -29.66 34.19 -32.21
CA ALA D 131 -29.47 33.21 -33.28
C ALA D 131 -28.01 32.77 -33.42
N GLU D 132 -27.28 32.74 -32.31
CA GLU D 132 -25.91 32.23 -32.33
C GLU D 132 -25.91 30.74 -32.63
N ALA D 133 -24.87 30.31 -33.32
CA ALA D 133 -24.73 28.93 -33.75
C ALA D 133 -23.59 28.28 -32.99
N ASN D 134 -23.75 27.00 -32.65
CA ASN D 134 -22.74 26.25 -31.90
C ASN D 134 -22.75 24.82 -32.42
N PRO D 135 -21.99 24.53 -33.46
CA PRO D 135 -22.08 23.22 -34.10
C PRO D 135 -21.33 22.15 -33.32
N ARG D 136 -21.75 20.92 -33.55
CA ARG D 136 -21.09 19.75 -32.97
C ARG D 136 -21.21 18.61 -33.98
N GLN D 137 -20.26 17.69 -33.93
CA GLN D 137 -20.17 16.61 -34.89
C GLN D 137 -20.05 15.31 -34.12
N ILE D 138 -21.11 14.51 -34.11
CA ILE D 138 -21.13 13.28 -33.33
C ILE D 138 -21.28 12.09 -34.26
N GLU D 139 -20.65 10.98 -33.94
CA GLU D 139 -20.77 9.80 -34.78
C GLU D 139 -21.97 8.97 -34.38
N ARG D 140 -22.43 8.17 -35.32
CA ARG D 140 -23.57 7.29 -35.16
C ARG D 140 -23.25 6.01 -35.91
N ALA D 141 -23.57 4.87 -35.33
CA ALA D 141 -23.57 3.64 -36.14
C ALA D 141 -24.74 3.71 -37.11
N ILE D 142 -24.52 3.33 -38.35
CA ILE D 142 -25.48 3.57 -39.43
C ILE D 142 -26.72 2.71 -39.29
N ARG D 143 -27.72 2.97 -40.14
CA ARG D 143 -29.12 2.64 -39.86
C ARG D 143 -29.37 1.14 -39.79
N ASN D 144 -28.97 0.38 -40.80
CA ASN D 144 -29.27 -1.05 -40.83
C ASN D 144 -28.19 -1.90 -40.19
N SER D 145 -27.45 -1.36 -39.23
CA SER D 145 -26.42 -2.14 -38.56
C SER D 145 -27.05 -3.12 -37.60
N THR D 146 -26.69 -4.39 -37.73
CA THR D 146 -27.23 -5.47 -36.91
C THR D 146 -26.12 -6.00 -36.01
N PHE D 147 -26.40 -6.04 -34.70
CA PHE D 147 -25.42 -6.37 -33.68
C PHE D 147 -25.73 -7.74 -33.07
N ASP D 148 -24.72 -8.36 -32.46
CA ASP D 148 -24.82 -9.74 -31.97
C ASP D 148 -25.05 -9.74 -30.46
N PHE D 149 -26.33 -9.72 -30.06
CA PHE D 149 -26.67 -9.79 -28.65
C PHE D 149 -26.44 -11.20 -28.13
N GLU D 150 -25.68 -11.32 -27.04
CA GLU D 150 -25.19 -12.62 -26.56
C GLU D 150 -25.36 -12.75 -25.05
N LEU D 151 -26.57 -12.51 -24.56
CA LEU D 151 -26.87 -12.67 -23.14
C LEU D 151 -26.78 -14.13 -22.73
N ILE D 152 -26.17 -14.39 -21.58
CA ILE D 152 -25.92 -15.74 -21.10
C ILE D 152 -26.53 -15.90 -19.72
N TYR D 153 -27.44 -16.86 -19.58
CA TYR D 153 -28.09 -17.17 -18.31
C TYR D 153 -27.35 -18.32 -17.62
N GLU D 154 -27.54 -18.45 -16.31
CA GLU D 154 -26.68 -19.29 -15.49
C GLU D 154 -27.53 -20.00 -14.42
N ILE D 155 -27.75 -21.29 -14.60
CA ILE D 155 -28.72 -22.04 -13.78
C ILE D 155 -27.97 -22.80 -12.69
N THR D 156 -28.31 -22.50 -11.44
CA THR D 156 -27.86 -23.27 -10.28
C THR D 156 -28.99 -24.15 -9.78
N ASP D 157 -28.78 -24.76 -8.61
CA ASP D 157 -29.81 -25.54 -7.94
C ASP D 157 -30.69 -24.68 -7.04
N GLU D 158 -30.53 -23.36 -7.09
CA GLU D 158 -31.36 -22.43 -6.34
C GLU D 158 -32.57 -21.97 -7.15
N ASN D 159 -32.43 -22.06 -8.47
CA ASN D 159 -33.40 -21.59 -9.46
C ASN D 159 -34.79 -22.22 -9.53
N GLU D 160 -34.92 -23.45 -9.01
CA GLU D 160 -36.15 -24.27 -9.02
C GLU D 160 -37.37 -23.82 -9.84
N ASN D 161 -38.41 -23.38 -9.14
CA ASN D 161 -39.63 -22.93 -9.80
C ASN D 161 -39.48 -21.68 -10.68
N GLN D 162 -38.71 -20.69 -10.23
CA GLN D 162 -38.57 -19.45 -10.99
C GLN D 162 -37.91 -19.52 -12.37
N VAL D 163 -36.86 -20.32 -12.54
CA VAL D 163 -36.24 -20.33 -13.86
C VAL D 163 -37.10 -19.54 -14.84
N GLU D 164 -38.32 -20.01 -15.09
CA GLU D 164 -39.16 -19.45 -16.15
C GLU D 164 -39.74 -18.09 -15.76
N GLU D 165 -39.81 -17.78 -14.46
CA GLU D 165 -40.18 -16.43 -14.05
C GLU D 165 -39.10 -15.43 -14.44
N ASP D 166 -37.84 -15.86 -14.46
CA ASP D 166 -36.73 -14.99 -14.80
C ASP D 166 -36.46 -14.89 -16.29
N PHE D 167 -37.46 -15.14 -17.14
CA PHE D 167 -37.31 -14.84 -18.55
C PHE D 167 -38.35 -13.85 -19.05
N LYS D 168 -39.49 -13.76 -18.38
CA LYS D 168 -40.45 -12.70 -18.68
C LYS D 168 -39.85 -11.34 -18.37
N VAL D 169 -39.00 -11.26 -17.35
CA VAL D 169 -38.23 -10.06 -17.10
C VAL D 169 -37.13 -9.88 -18.14
N ILE D 170 -36.61 -10.96 -18.69
CA ILE D 170 -35.68 -10.83 -19.82
C ILE D 170 -36.44 -10.45 -21.09
N ARG D 171 -37.61 -11.06 -21.31
CA ARG D 171 -38.40 -10.76 -22.50
C ARG D 171 -38.93 -9.33 -22.46
N ASP D 172 -39.26 -8.83 -21.28
CA ASP D 172 -39.73 -7.45 -21.18
C ASP D 172 -38.57 -6.46 -21.21
N GLY D 173 -37.40 -6.86 -20.71
CA GLY D 173 -36.23 -6.02 -20.89
C GLY D 173 -35.80 -5.93 -22.35
N LEU D 174 -36.05 -6.98 -23.12
CA LEU D 174 -35.93 -6.98 -24.57
C LEU D 174 -37.12 -6.31 -25.25
N LYS D 175 -38.06 -5.75 -24.48
CA LYS D 175 -39.24 -5.09 -25.01
C LYS D 175 -39.38 -3.66 -24.49
N LEU D 176 -39.03 -3.44 -23.22
CA LEU D 176 -39.03 -2.09 -22.67
C LEU D 176 -37.92 -1.24 -23.25
N LEU D 177 -36.91 -1.84 -23.85
CA LEU D 177 -35.85 -1.08 -24.46
C LEU D 177 -36.20 -0.68 -25.90
N GLU D 178 -37.04 -1.45 -26.57
CA GLU D 178 -37.51 -1.06 -27.90
C GLU D 178 -38.38 0.19 -27.83
N LEU D 179 -39.07 0.39 -26.72
CA LEU D 179 -39.81 1.63 -26.47
C LEU D 179 -38.91 2.76 -25.99
N ASP D 180 -37.59 2.53 -25.91
CA ASP D 180 -36.67 3.53 -25.41
C ASP D 180 -35.46 3.53 -26.35
N TYR D 181 -34.37 4.19 -25.95
CA TYR D 181 -33.17 4.27 -26.75
C TYR D 181 -32.03 3.51 -26.08
N LEU D 182 -31.24 2.79 -26.88
CA LEU D 182 -30.14 1.98 -26.35
C LEU D 182 -28.94 2.89 -26.18
N GLY D 183 -29.00 3.73 -25.16
CA GLY D 183 -27.99 4.75 -25.02
C GLY D 183 -28.12 5.80 -26.12
N GLY D 184 -27.18 6.72 -26.10
CA GLY D 184 -27.13 7.71 -27.16
C GLY D 184 -27.33 9.11 -26.63
N SER D 185 -27.29 10.05 -27.57
CA SER D 185 -27.71 11.40 -27.29
C SER D 185 -29.13 11.01 -27.61
N GLY D 186 -29.76 10.33 -26.66
CA GLY D 186 -31.06 9.72 -26.80
C GLY D 186 -32.35 10.42 -27.12
N SER D 187 -32.55 11.64 -26.64
CA SER D 187 -33.81 12.32 -26.87
C SER D 187 -34.13 12.48 -28.33
N ARG D 188 -33.14 12.82 -29.15
CA ARG D 188 -33.39 12.97 -30.57
C ARG D 188 -32.94 11.73 -31.32
N GLY D 189 -33.86 10.82 -31.61
CA GLY D 189 -33.55 9.62 -32.35
C GLY D 189 -32.65 8.76 -31.49
N TYR D 190 -31.55 8.28 -32.07
CA TYR D 190 -30.39 7.74 -31.38
C TYR D 190 -30.72 6.48 -30.58
N GLY D 191 -31.08 5.44 -31.30
CA GLY D 191 -31.21 4.14 -30.73
C GLY D 191 -32.61 3.61 -30.59
N LYS D 192 -33.55 4.10 -31.38
CA LYS D 192 -34.87 3.48 -31.45
C LYS D 192 -34.67 2.14 -32.14
N VAL D 193 -34.44 1.11 -31.34
CA VAL D 193 -33.77 -0.09 -31.82
C VAL D 193 -34.74 -1.26 -31.71
N ALA D 194 -34.51 -2.28 -32.54
CA ALA D 194 -35.34 -3.47 -32.56
C ALA D 194 -34.49 -4.68 -32.18
N PHE D 195 -35.11 -5.58 -31.41
CA PHE D 195 -34.46 -6.79 -30.95
C PHE D 195 -35.06 -7.96 -31.73
N GLU D 196 -34.46 -8.27 -32.87
CA GLU D 196 -35.03 -9.24 -33.77
C GLU D 196 -34.57 -10.65 -33.43
N ASN D 197 -35.37 -11.63 -33.89
CA ASN D 197 -35.20 -13.09 -33.90
C ASN D 197 -34.43 -13.69 -32.72
N LEU D 198 -34.97 -13.49 -31.51
CA LEU D 198 -34.38 -14.05 -30.30
C LEU D 198 -34.40 -15.57 -30.34
N LYS D 199 -33.40 -16.17 -29.71
CA LYS D 199 -33.28 -17.63 -29.69
C LYS D 199 -32.51 -18.04 -28.44
N ALA D 200 -33.15 -18.81 -27.58
CA ALA D 200 -32.48 -19.35 -26.41
C ALA D 200 -31.99 -20.75 -26.70
N THR D 201 -30.75 -21.03 -26.33
CA THR D 201 -30.17 -22.36 -26.47
C THR D 201 -29.46 -22.73 -25.18
N THR D 202 -29.21 -24.03 -25.01
CA THR D 202 -28.53 -24.55 -23.83
C THR D 202 -27.11 -24.91 -24.24
N VAL D 203 -26.14 -24.14 -23.75
CA VAL D 203 -24.74 -24.33 -24.12
C VAL D 203 -23.97 -25.14 -23.09
N PHE D 204 -24.62 -25.59 -22.02
CA PHE D 204 -24.01 -26.43 -21.00
C PHE D 204 -25.07 -27.08 -20.12
N GLY D 205 -24.90 -28.36 -19.79
CA GLY D 205 -25.64 -28.97 -18.70
C GLY D 205 -26.91 -29.72 -19.04
N ASN D 206 -27.31 -29.78 -20.30
CA ASN D 206 -28.45 -30.55 -20.81
C ASN D 206 -29.76 -30.13 -20.13
N TYR D 207 -30.15 -28.90 -20.41
CA TYR D 207 -31.43 -28.35 -19.96
C TYR D 207 -32.30 -28.08 -21.18
N ASP D 208 -33.60 -28.36 -21.07
CA ASP D 208 -34.51 -28.21 -22.19
C ASP D 208 -35.10 -26.79 -22.25
N VAL D 209 -35.16 -26.22 -23.45
CA VAL D 209 -35.65 -24.86 -23.63
C VAL D 209 -36.79 -24.83 -24.64
N LYS D 210 -37.50 -25.94 -24.78
CA LYS D 210 -38.60 -26.02 -25.74
C LYS D 210 -39.78 -25.15 -25.30
N THR D 211 -40.16 -25.26 -24.03
CA THR D 211 -41.17 -24.36 -23.49
C THR D 211 -40.63 -22.97 -23.20
N LEU D 212 -39.31 -22.79 -23.28
CA LEU D 212 -38.70 -21.51 -22.96
C LEU D 212 -38.64 -20.60 -24.17
N ASN D 213 -38.49 -21.17 -25.37
CA ASN D 213 -38.41 -20.38 -26.58
C ASN D 213 -39.76 -19.78 -26.97
N GLU D 214 -40.83 -20.54 -26.78
CA GLU D 214 -42.14 -20.15 -27.28
C GLU D 214 -42.78 -19.02 -26.48
N LEU D 215 -42.22 -18.66 -25.33
CA LEU D 215 -42.65 -17.47 -24.61
C LEU D 215 -41.79 -16.25 -24.95
N LEU D 216 -40.89 -16.38 -25.93
CA LEU D 216 -40.09 -15.28 -26.42
C LEU D 216 -40.53 -14.81 -27.80
N THR D 217 -41.67 -15.29 -28.28
CA THR D 217 -42.14 -14.98 -29.61
C THR D 217 -43.47 -14.22 -29.62
N ALA D 218 -44.04 -13.95 -28.45
CA ALA D 218 -45.34 -13.28 -28.37
C ALA D 218 -45.23 -11.80 -28.73
N MET E 1 8.70 -46.48 -12.93
CA MET E 1 8.91 -45.33 -13.82
C MET E 1 7.57 -44.67 -14.13
N THR E 2 6.66 -44.71 -13.16
CA THR E 2 5.35 -44.07 -13.31
C THR E 2 5.35 -42.66 -12.72
N PHE E 3 6.29 -41.85 -13.21
CA PHE E 3 6.30 -40.42 -12.93
C PHE E 3 6.51 -39.70 -14.25
N ALA E 4 5.48 -39.01 -14.71
CA ALA E 4 5.57 -38.16 -15.88
C ALA E 4 5.00 -36.79 -15.56
N LYS E 5 5.14 -35.88 -16.50
CA LYS E 5 4.66 -34.51 -16.33
C LYS E 5 4.37 -33.94 -17.71
N ILE E 6 3.12 -33.58 -17.96
CA ILE E 6 2.69 -33.14 -19.28
C ILE E 6 2.16 -31.71 -19.20
N LYS E 7 2.05 -31.09 -20.37
CA LYS E 7 1.71 -29.67 -20.49
C LYS E 7 0.63 -29.48 -21.55
N PHE E 8 -0.43 -28.76 -21.20
CA PHE E 8 -1.44 -28.38 -22.18
C PHE E 8 -1.09 -26.99 -22.71
N SER E 9 -0.52 -26.93 -23.90
CA SER E 9 -0.33 -25.66 -24.58
C SER E 9 -1.68 -25.21 -25.13
N ALA E 10 -1.90 -23.91 -25.09
CA ALA E 10 -3.13 -23.33 -25.64
C ALA E 10 -2.84 -21.93 -26.11
N GLN E 11 -3.84 -21.34 -26.76
CA GLN E 11 -3.77 -19.96 -27.22
C GLN E 11 -5.05 -19.27 -26.81
N ILE E 12 -4.95 -18.32 -25.88
CA ILE E 12 -6.11 -17.59 -25.40
C ILE E 12 -6.33 -16.41 -26.34
N ARG E 13 -7.07 -16.63 -27.42
CA ARG E 13 -7.47 -15.57 -28.34
C ARG E 13 -8.86 -15.16 -27.91
N LEU E 14 -8.96 -13.99 -27.29
CA LEU E 14 -10.18 -13.60 -26.62
C LEU E 14 -11.02 -12.67 -27.47
N GLU E 15 -12.22 -12.38 -26.98
CA GLU E 15 -13.09 -11.33 -27.49
C GLU E 15 -13.68 -10.66 -26.27
N THR E 16 -14.26 -9.47 -26.44
CA THR E 16 -14.72 -8.61 -25.33
C THR E 16 -13.59 -8.41 -24.33
N GLY E 17 -12.63 -7.57 -24.74
CA GLY E 17 -11.31 -7.56 -24.14
C GLY E 17 -11.32 -7.34 -22.63
N LEU E 18 -10.43 -8.04 -21.95
CA LEU E 18 -10.60 -8.36 -20.54
C LEU E 18 -9.88 -7.37 -19.64
N HIS E 19 -10.39 -7.25 -18.42
CA HIS E 19 -9.85 -6.35 -17.41
C HIS E 19 -9.54 -7.19 -16.18
N ILE E 20 -8.37 -7.81 -16.14
CA ILE E 20 -7.87 -8.38 -14.90
C ILE E 20 -7.24 -7.25 -14.13
N GLY E 21 -7.89 -6.83 -13.05
CA GLY E 21 -7.47 -5.64 -12.35
C GLY E 21 -6.13 -5.81 -11.68
N GLY E 22 -5.39 -4.72 -11.62
CA GLY E 22 -4.06 -4.78 -11.08
C GLY E 22 -3.90 -3.86 -9.90
N SER E 23 -3.05 -2.85 -10.07
CA SER E 23 -2.77 -1.89 -9.02
C SER E 23 -4.00 -1.05 -8.75
N ASP E 24 -4.68 -1.31 -7.64
CA ASP E 24 -5.77 -0.45 -7.17
C ASP E 24 -5.19 0.63 -6.27
N ALA E 25 -4.22 1.35 -6.81
CA ALA E 25 -3.61 2.45 -6.11
C ALA E 25 -4.46 3.70 -6.32
N PHE E 26 -4.07 4.78 -5.68
CA PHE E 26 -4.77 6.03 -5.88
C PHE E 26 -4.28 6.63 -7.19
N ALA E 27 -5.13 6.57 -8.21
CA ALA E 27 -4.70 6.88 -9.57
C ALA E 27 -4.48 8.38 -9.74
N ALA E 28 -4.13 8.78 -10.96
CA ALA E 28 -3.91 10.18 -11.27
C ALA E 28 -5.25 10.92 -11.34
N ILE E 29 -5.19 12.21 -11.66
CA ILE E 29 -6.35 13.05 -11.34
C ILE E 29 -7.39 13.01 -12.45
N GLY E 30 -7.03 12.55 -13.65
CA GLY E 30 -8.01 12.34 -14.70
C GLY E 30 -7.69 11.14 -15.55
N ALA E 31 -6.71 10.35 -15.12
CA ALA E 31 -6.21 9.22 -15.89
C ALA E 31 -7.05 7.98 -15.67
N ILE E 32 -6.51 6.83 -16.07
CA ILE E 32 -7.17 5.54 -15.93
C ILE E 32 -7.43 5.27 -14.45
N ASN E 33 -8.68 5.02 -14.10
CA ASN E 33 -9.05 4.82 -12.71
C ASN E 33 -8.79 3.39 -12.24
N SER E 34 -8.61 2.46 -13.15
CA SER E 34 -8.35 1.06 -12.79
C SER E 34 -7.57 0.42 -13.93
N PRO E 35 -6.26 0.31 -13.79
CA PRO E 35 -5.45 -0.32 -14.84
C PRO E 35 -5.52 -1.84 -14.73
N VAL E 36 -4.83 -2.50 -15.65
CA VAL E 36 -4.75 -3.94 -15.69
C VAL E 36 -3.40 -4.40 -15.17
N ILE E 37 -3.25 -5.69 -14.97
CA ILE E 37 -1.97 -6.25 -14.52
C ILE E 37 -1.05 -6.38 -15.72
N LYS E 38 0.22 -6.03 -15.53
CA LYS E 38 1.15 -5.96 -16.64
C LYS E 38 2.49 -6.56 -16.29
N ASP E 39 3.19 -7.02 -17.31
CA ASP E 39 4.60 -7.35 -17.22
C ASP E 39 5.39 -6.07 -16.97
N PRO E 40 6.32 -6.05 -16.01
CA PRO E 40 7.10 -4.83 -15.79
C PRO E 40 8.05 -4.44 -16.92
N ILE E 41 8.81 -5.41 -17.46
CA ILE E 41 9.84 -5.08 -18.43
C ILE E 41 9.32 -4.78 -19.83
N THR E 42 8.04 -5.03 -20.11
CA THR E 42 7.47 -4.70 -21.41
C THR E 42 6.20 -3.88 -21.38
N ASN E 43 5.52 -3.77 -20.22
CA ASN E 43 4.25 -3.06 -20.04
C ASN E 43 3.18 -3.58 -20.99
N LEU E 44 3.13 -4.89 -21.16
CA LEU E 44 2.12 -5.56 -21.96
C LEU E 44 1.12 -6.22 -21.04
N PRO E 45 -0.12 -6.44 -21.50
CA PRO E 45 -1.09 -7.13 -20.66
C PRO E 45 -0.71 -8.59 -20.47
N ILE E 46 -0.85 -9.07 -19.23
CA ILE E 46 -0.69 -10.48 -18.94
C ILE E 46 -2.00 -10.99 -18.37
N ILE E 47 -2.18 -12.30 -18.45
CA ILE E 47 -3.22 -13.00 -17.72
C ILE E 47 -2.51 -13.85 -16.67
N PRO E 48 -2.60 -13.51 -15.39
CA PRO E 48 -1.86 -14.26 -14.38
C PRO E 48 -2.47 -15.63 -14.15
N GLY E 49 -1.65 -16.54 -13.63
CA GLY E 49 -2.11 -17.88 -13.37
C GLY E 49 -3.04 -17.96 -12.19
N SER E 50 -2.90 -17.02 -11.24
CA SER E 50 -3.81 -17.01 -10.10
C SER E 50 -5.21 -16.58 -10.50
N SER E 51 -5.32 -15.69 -11.48
CA SER E 51 -6.63 -15.32 -12.00
C SER E 51 -7.22 -16.42 -12.87
N LEU E 52 -6.40 -17.33 -13.36
CA LEU E 52 -6.86 -18.51 -14.08
C LEU E 52 -7.17 -19.67 -13.16
N LYS E 53 -6.63 -19.66 -11.94
CA LYS E 53 -6.86 -20.80 -11.07
C LYS E 53 -8.14 -20.66 -10.29
N GLY E 54 -8.32 -19.52 -9.61
CA GLY E 54 -9.54 -19.30 -8.87
C GLY E 54 -10.76 -19.15 -9.76
N LYS E 55 -10.57 -18.69 -10.99
CA LYS E 55 -11.74 -18.56 -11.86
C LYS E 55 -12.16 -19.92 -12.40
N MET E 56 -11.21 -20.75 -12.78
CA MET E 56 -11.57 -22.05 -13.31
C MET E 56 -11.93 -23.02 -12.21
N ARG E 57 -11.56 -22.73 -10.96
CA ARG E 57 -11.96 -23.61 -9.87
C ARG E 57 -13.41 -23.42 -9.52
N THR E 58 -13.86 -22.17 -9.35
CA THR E 58 -15.24 -21.91 -8.96
C THR E 58 -16.24 -22.28 -10.05
N LEU E 59 -15.82 -22.30 -11.31
CA LEU E 59 -16.69 -22.84 -12.35
C LEU E 59 -16.77 -24.35 -12.25
N LEU E 60 -15.63 -25.01 -12.04
CA LEU E 60 -15.63 -26.45 -11.79
C LEU E 60 -16.17 -26.80 -10.42
N ALA E 61 -16.23 -25.85 -9.49
CA ALA E 61 -16.80 -26.13 -8.18
C ALA E 61 -18.30 -26.31 -8.27
N LYS E 62 -18.95 -25.66 -9.24
CA LYS E 62 -20.39 -25.75 -9.37
C LYS E 62 -20.84 -27.02 -10.08
N VAL E 63 -19.91 -27.84 -10.56
CA VAL E 63 -20.23 -29.07 -11.25
C VAL E 63 -19.93 -30.30 -10.40
N TYR E 64 -18.82 -30.29 -9.67
CA TYR E 64 -18.32 -31.49 -9.03
C TYR E 64 -18.21 -31.41 -7.51
N ASN E 65 -19.24 -30.92 -6.82
CA ASN E 65 -19.14 -30.87 -5.36
C ASN E 65 -20.21 -31.65 -4.63
N GLU E 66 -21.43 -31.69 -5.20
CA GLU E 66 -22.65 -32.32 -4.66
C GLU E 66 -23.17 -31.67 -3.38
N LYS E 67 -22.48 -30.66 -2.86
CA LYS E 67 -22.99 -29.78 -1.82
C LYS E 67 -22.26 -28.46 -1.91
N VAL E 68 -22.90 -27.40 -1.43
CA VAL E 68 -22.36 -26.05 -1.58
C VAL E 68 -21.18 -25.88 -0.63
N ALA E 69 -19.98 -25.91 -1.19
CA ALA E 69 -18.75 -25.79 -0.40
C ALA E 69 -18.59 -24.35 0.07
N GLU E 70 -18.63 -24.13 1.38
CA GLU E 70 -18.46 -22.80 1.93
C GLU E 70 -17.01 -22.36 1.97
N LYS E 71 -16.07 -23.25 1.66
CA LYS E 71 -14.65 -22.99 1.66
C LYS E 71 -14.04 -23.67 0.45
N PRO E 72 -12.87 -23.24 -0.01
CA PRO E 72 -12.16 -24.04 -1.04
C PRO E 72 -11.68 -25.37 -0.52
N SER E 73 -11.52 -25.52 0.80
CA SER E 73 -11.17 -26.80 1.37
C SER E 73 -12.34 -27.77 1.36
N ASP E 74 -13.57 -27.28 1.29
CA ASP E 74 -14.74 -28.12 1.30
C ASP E 74 -15.13 -28.60 -0.09
N ASP E 75 -14.30 -28.33 -1.09
CA ASP E 75 -14.49 -28.92 -2.40
C ASP E 75 -14.21 -30.42 -2.34
N SER E 76 -14.82 -31.14 -3.27
CA SER E 76 -14.76 -32.60 -3.26
C SER E 76 -13.37 -33.09 -3.62
N ASP E 77 -13.17 -34.40 -3.53
CA ASP E 77 -11.85 -34.98 -3.71
C ASP E 77 -11.40 -35.04 -5.16
N ILE E 78 -12.16 -34.50 -6.11
CA ILE E 78 -11.74 -34.47 -7.50
C ILE E 78 -11.23 -33.06 -7.82
N LEU E 79 -11.72 -32.07 -7.08
CA LEU E 79 -11.16 -30.73 -7.21
C LEU E 79 -9.87 -30.62 -6.44
N SER E 80 -9.85 -31.15 -5.21
CA SER E 80 -8.72 -30.96 -4.32
C SER E 80 -7.49 -31.75 -4.75
N ARG E 81 -7.64 -32.76 -5.60
CA ARG E 81 -6.47 -33.44 -6.10
C ARG E 81 -5.99 -32.86 -7.42
N LEU E 82 -6.57 -31.75 -7.86
CA LEU E 82 -6.05 -30.98 -8.99
C LEU E 82 -5.60 -29.59 -8.56
N PHE E 83 -6.46 -28.87 -7.87
CA PHE E 83 -6.16 -27.51 -7.46
C PHE E 83 -5.52 -27.44 -6.08
N GLY E 84 -5.44 -28.56 -5.39
CA GLY E 84 -4.76 -28.54 -4.11
C GLY E 84 -5.66 -28.15 -2.96
N ASN E 85 -5.38 -28.72 -1.80
CA ASN E 85 -6.13 -28.43 -0.60
C ASN E 85 -5.15 -28.32 0.56
N SER E 86 -5.44 -27.39 1.46
CA SER E 86 -4.55 -27.13 2.58
C SER E 86 -4.95 -27.87 3.86
N LYS E 87 -6.22 -28.21 4.02
CA LYS E 87 -6.64 -28.90 5.23
C LYS E 87 -6.39 -30.39 5.16
N ASP E 88 -6.23 -30.95 3.96
CA ASP E 88 -5.84 -32.34 3.82
C ASP E 88 -4.31 -32.44 3.81
N LYS E 89 -3.78 -33.39 4.58
CA LYS E 89 -2.35 -33.70 4.53
C LYS E 89 -2.01 -34.61 3.36
N ARG E 90 -2.98 -34.95 2.52
CA ARG E 90 -2.79 -35.80 1.36
C ARG E 90 -2.95 -35.06 0.04
N PHE E 91 -3.60 -33.90 0.03
CA PHE E 91 -3.91 -33.17 -1.20
C PHE E 91 -3.21 -31.82 -1.24
N LYS E 92 -2.02 -31.73 -0.67
CA LYS E 92 -1.17 -30.57 -0.84
C LYS E 92 -0.30 -30.77 -2.07
N MET E 93 0.40 -29.74 -2.50
CA MET E 93 1.20 -29.91 -3.68
C MET E 93 0.22 -30.42 -4.71
N GLY E 94 -0.81 -29.61 -4.98
CA GLY E 94 -1.85 -29.97 -5.93
C GLY E 94 -1.27 -30.21 -7.31
N ARG E 95 -1.90 -31.12 -8.03
CA ARG E 95 -1.42 -31.59 -9.32
C ARG E 95 -1.20 -30.57 -10.44
N LEU E 96 -2.09 -29.61 -10.59
CA LEU E 96 -1.95 -28.61 -11.65
C LEU E 96 -1.03 -27.42 -11.37
N ILE E 97 -0.24 -27.02 -12.36
CA ILE E 97 0.59 -25.84 -12.23
C ILE E 97 0.22 -24.89 -13.35
N PHE E 98 -0.29 -23.71 -13.01
CA PHE E 98 -0.79 -22.77 -14.01
C PHE E 98 0.24 -21.66 -14.13
N ARG E 99 0.66 -21.36 -15.35
CA ARG E 99 1.63 -20.30 -15.55
C ARG E 99 0.96 -19.08 -16.16
N ASP E 100 1.57 -17.92 -15.93
CA ASP E 100 0.98 -16.67 -16.36
C ASP E 100 1.04 -16.56 -17.87
N ALA E 101 -0.05 -16.10 -18.46
CA ALA E 101 -0.16 -16.00 -19.91
C ALA E 101 0.32 -14.63 -20.37
N PHE E 102 1.19 -14.63 -21.37
CA PHE E 102 1.75 -13.41 -21.92
C PHE E 102 1.30 -13.25 -23.36
N LEU E 103 1.47 -12.04 -23.92
CA LEU E 103 1.10 -11.80 -25.30
C LEU E 103 1.93 -12.60 -26.30
N SER E 104 1.28 -13.52 -27.01
CA SER E 104 1.97 -14.20 -28.09
C SER E 104 2.01 -13.34 -29.34
N ASN E 105 0.87 -12.79 -29.75
CA ASN E 105 0.80 -12.03 -31.00
C ASN E 105 1.03 -10.54 -30.80
N ALA E 106 2.12 -10.17 -30.13
CA ALA E 106 2.45 -8.75 -30.02
C ALA E 106 2.91 -8.18 -31.35
N ASP E 107 3.49 -9.02 -32.21
CA ASP E 107 3.89 -8.59 -33.54
C ASP E 107 2.74 -8.65 -34.52
N GLU E 108 1.76 -9.52 -34.29
CA GLU E 108 0.62 -9.63 -35.18
C GLU E 108 -0.40 -8.54 -34.88
N LEU E 109 -0.50 -8.08 -33.63
CA LEU E 109 -1.28 -6.90 -33.36
C LEU E 109 -0.56 -5.65 -33.86
N ASP E 110 0.76 -5.71 -33.96
CA ASP E 110 1.47 -4.72 -34.75
C ASP E 110 1.21 -4.97 -36.23
N SER E 111 1.45 -3.93 -37.04
CA SER E 111 1.16 -3.85 -38.48
C SER E 111 -0.33 -4.04 -38.78
N LEU E 112 -1.20 -3.84 -37.80
CA LEU E 112 -2.64 -3.80 -38.04
C LEU E 112 -3.22 -2.52 -37.47
N GLY E 113 -4.55 -2.43 -37.45
CA GLY E 113 -5.22 -1.18 -37.18
C GLY E 113 -5.15 -0.68 -35.75
N VAL E 114 -4.59 -1.47 -34.84
CA VAL E 114 -4.43 -1.06 -33.46
C VAL E 114 -3.01 -0.56 -33.27
N ARG E 115 -2.83 0.34 -32.31
CA ARG E 115 -1.51 0.85 -32.00
C ARG E 115 -1.07 0.47 -30.60
N SER E 116 -1.85 0.81 -29.58
CA SER E 116 -1.53 0.44 -28.21
C SER E 116 -2.28 -0.83 -27.85
N TYR E 117 -1.65 -1.67 -27.03
CA TYR E 117 -2.21 -2.97 -26.71
C TYR E 117 -3.32 -2.92 -25.67
N THR E 118 -3.56 -1.77 -25.06
CA THR E 118 -4.66 -1.59 -24.13
C THR E 118 -5.52 -0.44 -24.61
N GLU E 119 -6.83 -0.62 -24.59
CA GLU E 119 -7.74 0.47 -24.88
C GLU E 119 -8.52 0.79 -23.61
N VAL E 120 -8.80 2.06 -23.41
CA VAL E 120 -9.46 2.54 -22.20
C VAL E 120 -10.91 2.78 -22.54
N LYS E 121 -11.81 2.24 -21.73
CA LYS E 121 -13.24 2.30 -21.98
C LYS E 121 -13.87 3.29 -21.01
N PHE E 122 -14.66 4.23 -21.55
CA PHE E 122 -15.25 5.28 -20.72
C PHE E 122 -16.69 4.93 -20.38
N GLU E 123 -16.98 4.85 -19.08
CA GLU E 123 -18.11 4.07 -18.58
C GLU E 123 -18.92 4.71 -17.45
N ASN E 124 -19.50 5.90 -17.58
CA ASN E 124 -20.20 6.50 -16.44
C ASN E 124 -21.36 5.69 -15.87
N THR E 125 -21.65 5.85 -14.59
CA THR E 125 -22.91 5.34 -14.06
C THR E 125 -23.95 6.45 -14.08
N ILE E 126 -25.21 6.06 -13.96
CA ILE E 126 -26.30 7.02 -13.85
C ILE E 126 -26.99 6.79 -12.52
N ASP E 127 -27.10 7.85 -11.72
CA ASP E 127 -27.80 7.78 -10.46
C ASP E 127 -29.28 7.48 -10.71
N ARG E 128 -29.90 6.78 -9.78
CA ARG E 128 -31.17 6.16 -10.08
C ARG E 128 -32.31 7.17 -10.02
N ILE E 129 -32.29 8.08 -9.05
CA ILE E 129 -33.37 9.02 -8.87
C ILE E 129 -33.01 10.44 -9.31
N THR E 130 -31.73 10.81 -9.30
CA THR E 130 -31.34 12.16 -9.67
C THR E 130 -30.65 12.22 -11.03
N ALA E 131 -30.32 11.06 -11.61
CA ALA E 131 -29.73 10.92 -12.94
C ALA E 131 -28.44 11.71 -13.09
N GLU E 132 -27.54 11.53 -12.14
CA GLU E 132 -26.23 12.15 -12.19
C GLU E 132 -25.31 11.28 -13.03
N ALA E 133 -24.02 11.59 -13.03
CA ALA E 133 -23.08 10.77 -13.77
C ALA E 133 -21.77 10.72 -13.01
N ASN E 134 -21.06 9.63 -13.17
CA ASN E 134 -19.81 9.39 -12.45
C ASN E 134 -18.91 8.60 -13.38
N PRO E 135 -18.05 9.26 -14.14
CA PRO E 135 -17.36 8.58 -15.25
C PRO E 135 -16.23 7.68 -14.80
N ARG E 136 -16.24 6.47 -15.37
CA ARG E 136 -15.23 5.45 -15.13
C ARG E 136 -14.31 5.41 -16.35
N GLN E 137 -13.05 5.08 -16.12
CA GLN E 137 -12.11 4.85 -17.21
C GLN E 137 -11.44 3.52 -16.92
N ILE E 138 -12.08 2.43 -17.33
CA ILE E 138 -11.56 1.10 -17.05
C ILE E 138 -10.71 0.64 -18.22
N GLU E 139 -9.42 0.50 -17.99
CA GLU E 139 -8.51 -0.06 -18.97
C GLU E 139 -8.81 -1.54 -19.14
N ARG E 140 -8.78 -2.00 -20.39
CA ARG E 140 -8.85 -3.42 -20.68
C ARG E 140 -8.07 -3.71 -21.94
N ALA E 141 -7.62 -4.94 -22.07
CA ALA E 141 -6.87 -5.38 -23.23
C ALA E 141 -7.75 -5.33 -24.47
N ILE E 142 -7.11 -5.23 -25.62
CA ILE E 142 -7.84 -5.11 -26.88
C ILE E 142 -8.38 -6.47 -27.29
N ARG E 143 -9.22 -6.48 -28.33
CA ARG E 143 -10.04 -7.63 -28.70
C ARG E 143 -9.26 -8.90 -29.01
N ASN E 144 -8.47 -8.94 -30.08
CA ASN E 144 -7.92 -10.20 -30.55
C ASN E 144 -6.51 -10.45 -30.07
N SER E 145 -6.20 -10.07 -28.84
CA SER E 145 -4.95 -10.47 -28.23
C SER E 145 -4.94 -11.98 -28.00
N THR E 146 -3.81 -12.62 -28.33
CA THR E 146 -3.66 -14.05 -28.14
C THR E 146 -2.59 -14.30 -27.09
N PHE E 147 -2.92 -15.15 -26.12
CA PHE E 147 -2.06 -15.39 -24.95
C PHE E 147 -1.59 -16.83 -24.91
N ASP E 148 -0.29 -17.02 -24.75
CA ASP E 148 0.27 -18.36 -24.61
C ASP E 148 -0.08 -18.92 -23.24
N PHE E 149 -0.74 -20.08 -23.23
CA PHE E 149 -1.27 -20.67 -22.01
C PHE E 149 -0.70 -22.06 -21.83
N GLU E 150 -0.22 -22.35 -20.63
CA GLU E 150 0.38 -23.65 -20.37
C GLU E 150 -0.03 -24.16 -19.00
N LEU E 151 -0.20 -25.48 -18.93
CA LEU E 151 -1.06 -26.15 -17.98
C LEU E 151 -0.36 -27.42 -17.48
N ILE E 152 0.80 -27.27 -16.85
CA ILE E 152 1.58 -28.39 -16.32
C ILE E 152 0.77 -29.29 -15.39
N TYR E 153 0.60 -30.55 -15.82
CA TYR E 153 -0.02 -31.61 -15.04
C TYR E 153 1.05 -32.60 -14.64
N GLU E 154 1.02 -33.07 -13.40
CA GLU E 154 2.11 -33.88 -12.85
C GLU E 154 1.61 -35.28 -12.52
N ILE E 155 1.99 -36.26 -13.33
CA ILE E 155 1.53 -37.62 -13.12
C ILE E 155 2.34 -38.26 -12.00
N THR E 156 1.84 -38.13 -10.78
CA THR E 156 2.38 -38.82 -9.62
C THR E 156 2.06 -40.32 -9.76
N ASP E 157 2.84 -41.15 -9.08
CA ASP E 157 2.64 -42.60 -9.10
C ASP E 157 1.37 -43.05 -8.39
N GLU E 158 0.71 -42.11 -7.70
CA GLU E 158 -0.55 -42.38 -7.02
C GLU E 158 -1.74 -42.06 -7.93
N ASN E 159 -1.43 -41.55 -9.13
CA ASN E 159 -2.46 -41.18 -10.09
C ASN E 159 -3.29 -42.36 -10.56
N GLU E 160 -2.65 -43.50 -10.82
CA GLU E 160 -3.34 -44.70 -11.30
C GLU E 160 -4.12 -44.42 -12.57
N ASN E 161 -5.40 -44.73 -12.56
CA ASN E 161 -6.26 -44.52 -13.72
C ASN E 161 -7.00 -43.18 -13.73
N GLN E 162 -6.69 -42.30 -12.79
CA GLN E 162 -7.30 -40.97 -12.68
C GLN E 162 -6.83 -39.96 -13.74
N VAL E 163 -5.78 -40.27 -14.47
CA VAL E 163 -5.28 -39.34 -15.46
C VAL E 163 -6.35 -39.03 -16.49
N GLU E 164 -7.13 -40.03 -16.90
CA GLU E 164 -8.16 -39.76 -17.89
C GLU E 164 -9.41 -39.15 -17.28
N GLU E 165 -9.60 -39.25 -15.97
CA GLU E 165 -10.73 -38.58 -15.33
C GLU E 165 -10.48 -37.09 -15.18
N ASP E 166 -9.21 -36.71 -14.90
CA ASP E 166 -8.85 -35.30 -14.77
C ASP E 166 -9.02 -34.55 -16.06
N PHE E 167 -8.82 -35.22 -17.19
CA PHE E 167 -8.89 -34.51 -18.46
C PHE E 167 -10.33 -34.32 -18.89
N LYS E 168 -11.25 -35.07 -18.29
CA LYS E 168 -12.66 -34.73 -18.38
C LYS E 168 -12.99 -33.50 -17.55
N VAL E 169 -12.18 -33.20 -16.54
CA VAL E 169 -12.44 -32.07 -15.66
C VAL E 169 -11.74 -30.81 -16.15
N ILE E 170 -10.51 -30.92 -16.64
CA ILE E 170 -9.77 -29.74 -17.07
C ILE E 170 -10.33 -29.19 -18.38
N ARG E 171 -10.65 -30.10 -19.32
CA ARG E 171 -11.30 -29.68 -20.57
C ARG E 171 -12.66 -29.07 -20.29
N ASP E 172 -13.37 -29.57 -19.29
CA ASP E 172 -14.65 -28.98 -18.94
C ASP E 172 -14.43 -27.66 -18.20
N GLY E 173 -13.32 -27.52 -17.49
CA GLY E 173 -12.96 -26.23 -16.94
C GLY E 173 -12.55 -25.24 -18.00
N LEU E 174 -11.98 -25.74 -19.10
CA LEU E 174 -11.70 -24.88 -20.25
C LEU E 174 -12.94 -24.65 -21.10
N LYS E 175 -13.99 -25.44 -20.90
CA LYS E 175 -15.23 -25.26 -21.63
C LYS E 175 -16.21 -24.34 -20.88
N LEU E 176 -16.07 -24.25 -19.56
CA LEU E 176 -16.87 -23.27 -18.80
C LEU E 176 -16.32 -21.87 -18.94
N LEU E 177 -14.99 -21.73 -19.04
CA LEU E 177 -14.39 -20.42 -19.27
C LEU E 177 -14.73 -19.87 -20.65
N GLU E 178 -15.06 -20.73 -21.61
CA GLU E 178 -15.56 -20.24 -22.88
C GLU E 178 -17.03 -19.84 -22.80
N LEU E 179 -17.69 -20.08 -21.67
CA LEU E 179 -19.05 -19.64 -21.44
C LEU E 179 -19.15 -18.54 -20.39
N ASP E 180 -18.38 -18.63 -19.32
CA ASP E 180 -18.37 -17.58 -18.32
C ASP E 180 -17.22 -16.63 -18.66
N TYR E 181 -17.00 -15.62 -17.82
CA TYR E 181 -16.00 -14.61 -18.13
C TYR E 181 -14.64 -15.01 -17.53
N LEU E 182 -13.68 -14.10 -17.63
CA LEU E 182 -12.36 -14.31 -17.04
C LEU E 182 -11.87 -12.96 -16.49
N GLY E 183 -12.15 -12.72 -15.21
CA GLY E 183 -11.61 -11.55 -14.56
C GLY E 183 -12.37 -10.26 -14.84
N GLY E 184 -12.55 -9.46 -13.81
CA GLY E 184 -13.12 -8.15 -13.98
C GLY E 184 -14.62 -8.17 -14.18
N SER E 185 -15.13 -7.05 -14.67
CA SER E 185 -16.57 -6.79 -14.73
C SER E 185 -17.18 -7.67 -15.83
N GLY E 186 -17.41 -8.93 -15.46
CA GLY E 186 -17.81 -9.92 -16.44
C GLY E 186 -19.27 -9.90 -16.82
N SER E 187 -20.13 -9.38 -15.96
CA SER E 187 -21.53 -9.24 -16.34
C SER E 187 -21.78 -8.00 -17.19
N ARG E 188 -20.74 -7.29 -17.58
CA ARG E 188 -20.84 -6.14 -18.45
C ARG E 188 -19.96 -6.32 -19.69
N GLY E 189 -19.74 -7.56 -20.09
CA GLY E 189 -18.81 -7.86 -21.15
C GLY E 189 -17.54 -8.46 -20.57
N TYR E 190 -16.39 -8.05 -21.10
CA TYR E 190 -15.06 -8.22 -20.53
C TYR E 190 -14.58 -9.66 -20.39
N GLY E 191 -15.34 -10.64 -20.85
CA GLY E 191 -14.91 -12.02 -20.69
C GLY E 191 -14.56 -12.64 -22.01
N LYS E 192 -15.42 -13.56 -22.46
CA LYS E 192 -15.43 -14.22 -23.78
C LYS E 192 -14.03 -14.67 -24.19
N VAL E 193 -13.54 -15.61 -23.41
CA VAL E 193 -12.24 -16.22 -23.63
C VAL E 193 -12.43 -17.45 -24.50
N ALA E 194 -11.68 -17.52 -25.59
CA ALA E 194 -11.67 -18.70 -26.45
C ALA E 194 -10.30 -19.37 -26.33
N PHE E 195 -10.30 -20.64 -25.93
CA PHE E 195 -9.08 -21.45 -25.88
C PHE E 195 -8.97 -22.19 -27.20
N GLU E 196 -7.95 -21.85 -27.98
CA GLU E 196 -7.73 -22.51 -29.25
C GLU E 196 -6.35 -23.16 -29.25
N ASN E 197 -6.16 -24.09 -30.18
CA ASN E 197 -4.96 -24.93 -30.32
C ASN E 197 -4.66 -25.70 -29.03
N LEU E 198 -5.70 -26.32 -28.48
CA LEU E 198 -5.54 -27.16 -27.29
C LEU E 198 -4.84 -28.45 -27.69
N LYS E 199 -3.66 -28.69 -27.12
CA LYS E 199 -2.99 -29.96 -27.32
C LYS E 199 -2.08 -30.25 -26.14
N ALA E 200 -1.89 -31.54 -25.89
CA ALA E 200 -1.08 -32.04 -24.77
C ALA E 200 0.23 -32.59 -25.30
N THR E 201 1.33 -32.19 -24.68
CA THR E 201 2.63 -32.76 -24.95
C THR E 201 3.28 -33.15 -23.64
N THR E 202 4.22 -34.08 -23.70
CA THR E 202 4.90 -34.58 -22.51
C THR E 202 6.22 -33.85 -22.38
N VAL E 203 6.28 -32.88 -21.47
CA VAL E 203 7.54 -32.19 -21.23
C VAL E 203 8.49 -33.01 -20.37
N PHE E 204 7.97 -34.03 -19.69
CA PHE E 204 8.81 -34.99 -18.99
C PHE E 204 8.43 -36.39 -19.45
N GLY E 205 9.44 -37.27 -19.52
CA GLY E 205 9.35 -38.47 -20.33
C GLY E 205 8.41 -39.55 -19.80
N ASN E 206 8.26 -40.57 -20.65
CA ASN E 206 7.55 -41.81 -20.37
C ASN E 206 6.06 -41.60 -20.09
N TYR E 207 5.37 -41.01 -21.07
CA TYR E 207 3.92 -41.03 -21.13
C TYR E 207 3.53 -40.80 -22.59
N ASP E 208 2.39 -41.38 -22.98
CA ASP E 208 1.95 -41.36 -24.36
C ASP E 208 0.61 -40.63 -24.45
N VAL E 209 0.61 -39.47 -25.11
CA VAL E 209 -0.59 -38.67 -25.27
C VAL E 209 -1.19 -38.85 -26.67
N LYS E 210 -0.91 -39.98 -27.32
CA LYS E 210 -1.44 -40.23 -28.65
C LYS E 210 -2.95 -40.43 -28.62
N THR E 211 -3.46 -41.10 -27.59
CA THR E 211 -4.88 -41.32 -27.43
C THR E 211 -5.53 -40.29 -26.52
N LEU E 212 -4.98 -39.08 -26.45
CA LEU E 212 -5.54 -38.04 -25.61
C LEU E 212 -5.78 -36.73 -26.35
N ASN E 213 -5.01 -36.42 -27.39
CA ASN E 213 -5.20 -35.17 -28.10
C ASN E 213 -6.46 -35.14 -28.95
N GLU E 214 -7.16 -36.27 -29.09
CA GLU E 214 -8.50 -36.25 -29.69
C GLU E 214 -9.53 -35.68 -28.74
N LEU E 215 -9.28 -35.75 -27.42
CA LEU E 215 -10.19 -35.14 -26.46
C LEU E 215 -10.14 -33.62 -26.55
N LEU E 216 -9.01 -33.07 -26.98
CA LEU E 216 -8.86 -31.65 -27.27
C LEU E 216 -9.03 -31.50 -28.79
N THR E 217 -10.27 -31.58 -29.23
CA THR E 217 -10.59 -31.59 -30.65
C THR E 217 -10.37 -30.22 -31.30
N THR F 2 43.02 -38.52 -5.68
CA THR F 2 42.20 -37.62 -6.49
C THR F 2 41.39 -36.68 -5.60
N PHE F 3 41.65 -35.38 -5.71
CA PHE F 3 40.91 -34.38 -4.95
C PHE F 3 40.66 -33.18 -5.84
N ALA F 4 39.40 -32.79 -5.97
CA ALA F 4 39.04 -31.65 -6.79
C ALA F 4 37.73 -31.07 -6.28
N LYS F 5 37.41 -29.87 -6.76
CA LYS F 5 36.14 -29.22 -6.43
C LYS F 5 35.63 -28.52 -7.69
N ILE F 6 34.72 -29.17 -8.40
CA ILE F 6 34.17 -28.57 -9.61
C ILE F 6 33.01 -27.67 -9.22
N LYS F 7 32.84 -26.57 -9.94
CA LYS F 7 31.86 -25.56 -9.61
C LYS F 7 31.01 -25.25 -10.83
N PHE F 8 29.69 -25.32 -10.66
CA PHE F 8 28.78 -24.88 -11.72
C PHE F 8 28.66 -23.36 -11.65
N SER F 9 28.38 -22.74 -12.79
CA SER F 9 28.03 -21.33 -12.83
C SER F 9 26.93 -21.17 -13.86
N ALA F 10 25.69 -21.36 -13.45
CA ALA F 10 24.54 -21.18 -14.31
C ALA F 10 23.95 -19.80 -14.09
N GLN F 11 23.01 -19.42 -14.94
CA GLN F 11 22.32 -18.14 -14.84
C GLN F 11 20.83 -18.41 -14.74
N ILE F 12 20.29 -18.21 -13.55
CA ILE F 12 18.86 -18.44 -13.31
C ILE F 12 18.07 -17.30 -13.91
N ARG F 13 17.27 -17.59 -14.93
CA ARG F 13 16.41 -16.60 -15.55
C ARG F 13 14.95 -16.96 -15.28
N LEU F 14 14.18 -15.96 -14.87
CA LEU F 14 12.79 -16.13 -14.45
C LEU F 14 11.89 -15.79 -15.62
N GLU F 15 11.33 -16.79 -16.27
CA GLU F 15 10.37 -16.48 -17.32
C GLU F 15 9.03 -16.02 -16.73
N THR F 16 8.77 -16.36 -15.47
CA THR F 16 7.67 -15.80 -14.70
C THR F 16 8.21 -15.36 -13.34
N GLY F 17 7.84 -14.17 -12.90
CA GLY F 17 8.41 -13.56 -11.70
C GLY F 17 8.13 -14.28 -10.40
N LEU F 18 9.16 -14.55 -9.61
CA LEU F 18 9.06 -15.50 -8.51
C LEU F 18 8.84 -14.79 -7.18
N HIS F 19 8.40 -15.56 -6.21
CA HIS F 19 8.20 -15.09 -4.84
C HIS F 19 8.87 -16.10 -3.93
N ILE F 20 9.65 -15.63 -2.95
CA ILE F 20 10.27 -16.55 -2.00
C ILE F 20 9.89 -16.11 -0.59
N GLY F 21 8.67 -15.62 -0.42
CA GLY F 21 8.07 -15.54 0.90
C GLY F 21 8.63 -14.52 1.88
N GLY F 22 9.91 -14.60 2.16
CA GLY F 22 10.56 -13.67 3.07
C GLY F 22 10.54 -14.18 4.50
N SER F 23 10.02 -13.37 5.40
CA SER F 23 9.92 -13.73 6.81
C SER F 23 8.77 -12.95 7.42
N ASP F 24 8.27 -13.44 8.55
CA ASP F 24 7.13 -12.81 9.21
C ASP F 24 7.57 -11.50 9.83
N ALA F 25 7.14 -10.39 9.25
CA ALA F 25 7.36 -9.06 9.78
C ALA F 25 6.02 -8.37 9.92
N PHE F 26 6.05 -7.15 10.45
CA PHE F 26 4.81 -6.42 10.66
C PHE F 26 4.41 -5.69 9.38
N ALA F 27 3.29 -6.11 8.79
CA ALA F 27 2.71 -5.40 7.66
C ALA F 27 1.67 -4.41 8.15
N ALA F 28 1.75 -3.19 7.66
CA ALA F 28 0.76 -2.16 7.98
C ALA F 28 -0.51 -2.34 7.15
N ILE F 29 -1.34 -1.31 7.08
CA ILE F 29 -2.57 -1.41 6.30
C ILE F 29 -2.27 -1.38 4.81
N GLY F 30 -1.69 -0.28 4.33
CA GLY F 30 -1.44 -0.15 2.91
C GLY F 30 -0.05 -0.59 2.50
N ALA F 31 0.42 -1.71 3.05
CA ALA F 31 1.75 -2.21 2.78
C ALA F 31 1.68 -3.61 2.19
N ILE F 32 2.83 -4.06 1.70
CA ILE F 32 2.93 -5.36 1.04
C ILE F 32 2.80 -6.47 2.07
N ASN F 33 1.90 -7.42 1.80
CA ASN F 33 1.62 -8.47 2.77
C ASN F 33 2.72 -9.53 2.79
N SER F 34 3.38 -9.76 1.68
CA SER F 34 4.43 -10.79 1.59
C SER F 34 5.64 -10.18 0.89
N PRO F 35 6.57 -9.60 1.64
CA PRO F 35 7.78 -9.09 1.01
C PRO F 35 8.77 -10.20 0.76
N VAL F 36 9.48 -10.10 -0.37
CA VAL F 36 10.45 -11.13 -0.73
C VAL F 36 11.69 -10.99 0.14
N ILE F 37 12.39 -12.10 0.31
CA ILE F 37 13.59 -12.12 1.10
C ILE F 37 14.66 -11.44 0.30
N LYS F 38 15.30 -10.45 0.90
CA LYS F 38 16.36 -9.71 0.27
C LYS F 38 17.46 -9.57 1.29
N ASP F 39 18.69 -9.52 0.85
CA ASP F 39 19.80 -9.32 1.78
C ASP F 39 19.65 -7.92 2.31
N PRO F 40 19.88 -7.73 3.61
CA PRO F 40 19.65 -6.39 4.16
C PRO F 40 20.53 -5.32 3.52
N ILE F 41 21.81 -5.61 3.31
CA ILE F 41 22.73 -4.66 2.71
C ILE F 41 22.49 -4.27 1.25
N THR F 42 22.08 -5.24 0.44
CA THR F 42 21.88 -5.00 -0.99
C THR F 42 20.47 -4.71 -1.49
N ASN F 43 19.52 -4.45 -0.60
CA ASN F 43 18.15 -4.20 -1.06
C ASN F 43 17.97 -4.62 -2.51
N LEU F 44 18.17 -5.91 -2.75
CA LEU F 44 17.96 -6.57 -4.02
C LEU F 44 17.42 -7.95 -3.69
N PRO F 45 16.66 -8.58 -4.60
CA PRO F 45 16.23 -9.95 -4.35
C PRO F 45 17.39 -10.92 -4.39
N ILE F 46 17.20 -12.05 -3.70
CA ILE F 46 18.09 -13.20 -3.81
C ILE F 46 17.24 -14.44 -3.95
N ILE F 47 17.89 -15.54 -4.25
CA ILE F 47 17.30 -16.86 -4.10
C ILE F 47 18.17 -17.61 -3.10
N PRO F 48 17.64 -17.96 -1.92
CA PRO F 48 18.47 -18.64 -0.93
C PRO F 48 18.84 -20.04 -1.38
N GLY F 49 20.04 -20.46 -0.97
CA GLY F 49 20.54 -21.77 -1.39
C GLY F 49 19.75 -22.92 -0.82
N SER F 50 19.13 -22.72 0.34
CA SER F 50 18.24 -23.73 0.89
C SER F 50 16.97 -23.86 0.06
N SER F 51 16.52 -22.77 -0.56
CA SER F 51 15.34 -22.83 -1.40
C SER F 51 15.62 -23.58 -2.69
N LEU F 52 16.83 -23.47 -3.22
CA LEU F 52 17.21 -24.25 -4.38
C LEU F 52 17.46 -25.70 -4.01
N LYS F 53 17.88 -25.96 -2.77
CA LYS F 53 18.21 -27.31 -2.37
C LYS F 53 16.96 -28.14 -2.15
N GLY F 54 16.02 -27.61 -1.37
CA GLY F 54 14.84 -28.37 -1.04
C GLY F 54 13.93 -28.60 -2.22
N LYS F 55 13.95 -27.71 -3.21
CA LYS F 55 13.16 -27.96 -4.40
C LYS F 55 13.82 -29.03 -5.26
N MET F 56 15.15 -28.98 -5.35
CA MET F 56 15.87 -30.00 -6.11
C MET F 56 15.87 -31.34 -5.37
N ARG F 57 15.85 -31.31 -4.04
CA ARG F 57 15.81 -32.55 -3.25
C ARG F 57 14.51 -33.31 -3.47
N THR F 58 13.39 -32.60 -3.46
CA THR F 58 12.11 -33.27 -3.58
C THR F 58 11.81 -33.68 -5.02
N LEU F 59 12.25 -32.89 -6.00
CA LEU F 59 11.99 -33.23 -7.39
C LEU F 59 12.79 -34.45 -7.82
N LEU F 60 14.02 -34.58 -7.33
CA LEU F 60 14.78 -35.79 -7.59
C LEU F 60 14.29 -36.95 -6.74
N ALA F 61 13.63 -36.66 -5.62
CA ALA F 61 13.00 -37.72 -4.85
C ALA F 61 11.80 -38.31 -5.55
N LYS F 62 11.14 -37.52 -6.40
CA LYS F 62 10.02 -38.04 -7.18
C LYS F 62 10.47 -38.89 -8.36
N VAL F 63 11.76 -38.91 -8.68
CA VAL F 63 12.30 -39.68 -9.79
C VAL F 63 13.16 -40.83 -9.28
N TYR F 64 14.12 -40.55 -8.40
CA TYR F 64 15.06 -41.57 -7.93
C TYR F 64 14.57 -42.26 -6.66
N ASN F 65 13.31 -42.68 -6.67
CA ASN F 65 12.73 -43.49 -5.60
C ASN F 65 11.68 -44.44 -6.18
N ASP F 77 21.67 -43.28 -0.73
CA ASP F 77 21.63 -43.73 -2.12
C ASP F 77 22.14 -42.66 -3.07
N ILE F 78 21.53 -42.61 -4.26
CA ILE F 78 21.87 -41.60 -5.26
C ILE F 78 21.49 -40.20 -4.77
N LEU F 79 20.41 -40.09 -4.01
CA LEU F 79 19.92 -38.80 -3.56
C LEU F 79 20.57 -38.37 -2.26
N SER F 80 20.90 -39.32 -1.39
CA SER F 80 21.41 -38.99 -0.06
C SER F 80 22.85 -38.50 -0.13
N ARG F 81 23.63 -39.02 -1.08
CA ARG F 81 25.04 -38.65 -1.16
C ARG F 81 25.24 -37.32 -1.85
N LEU F 82 24.19 -36.75 -2.44
CA LEU F 82 24.27 -35.42 -3.04
C LEU F 82 23.75 -34.34 -2.12
N PHE F 83 22.93 -34.66 -1.15
CA PHE F 83 22.33 -33.64 -0.33
C PHE F 83 22.61 -33.80 1.14
N GLY F 84 23.16 -34.92 1.57
CA GLY F 84 23.46 -35.16 2.96
C GLY F 84 22.33 -35.90 3.66
N ASN F 85 22.66 -36.45 4.82
CA ASN F 85 21.71 -37.21 5.61
C ASN F 85 22.29 -37.30 7.02
N SER F 86 21.46 -37.01 8.05
CA SER F 86 21.95 -37.14 9.42
C SER F 86 22.08 -38.59 9.82
N LYS F 87 21.26 -39.47 9.25
CA LYS F 87 21.47 -40.90 9.34
C LYS F 87 22.47 -41.29 8.25
N ASP F 88 22.60 -42.60 7.99
CA ASP F 88 23.32 -43.16 6.83
C ASP F 88 24.79 -42.73 6.85
N LYS F 89 25.50 -43.36 7.78
CA LYS F 89 26.79 -43.00 8.41
C LYS F 89 27.80 -42.24 7.56
N ARG F 90 27.98 -42.63 6.31
CA ARG F 90 28.96 -42.00 5.45
C ARG F 90 28.40 -40.84 4.64
N PHE F 91 27.11 -40.57 4.74
CA PHE F 91 26.44 -39.57 3.91
C PHE F 91 26.02 -38.34 4.70
N LYS F 92 26.87 -37.88 5.60
CA LYS F 92 26.65 -36.62 6.30
C LYS F 92 27.34 -35.51 5.51
N MET F 93 26.55 -34.53 5.07
CA MET F 93 26.99 -33.41 4.23
C MET F 93 27.62 -33.94 2.93
N GLY F 94 26.75 -34.52 2.11
CA GLY F 94 27.24 -35.19 0.93
C GLY F 94 27.48 -34.32 -0.29
N ARG F 95 28.75 -33.99 -0.53
CA ARG F 95 29.28 -33.67 -1.86
C ARG F 95 28.77 -32.40 -2.54
N LEU F 96 27.79 -31.69 -1.99
CA LEU F 96 27.31 -30.46 -2.60
C LEU F 96 27.25 -29.35 -1.57
N ILE F 97 27.74 -28.18 -1.96
CA ILE F 97 27.67 -26.97 -1.16
C ILE F 97 27.01 -25.93 -2.03
N PHE F 98 25.77 -25.57 -1.72
CA PHE F 98 25.07 -24.64 -2.60
C PHE F 98 25.40 -23.22 -2.19
N ARG F 99 24.81 -22.25 -2.89
CA ARG F 99 25.10 -20.86 -2.59
C ARG F 99 23.86 -20.02 -2.89
N ASP F 100 23.64 -19.00 -2.06
CA ASP F 100 22.58 -18.04 -2.28
C ASP F 100 22.83 -17.27 -3.57
N ALA F 101 21.83 -17.22 -4.43
CA ALA F 101 21.97 -16.51 -5.69
C ALA F 101 21.93 -15.00 -5.45
N PHE F 102 22.30 -14.25 -6.48
CA PHE F 102 22.30 -12.79 -6.42
C PHE F 102 21.96 -12.27 -7.80
N LEU F 103 21.45 -11.04 -7.87
CA LEU F 103 21.16 -10.43 -9.16
C LEU F 103 22.44 -10.15 -9.94
N SER F 104 22.51 -10.69 -11.14
CA SER F 104 23.61 -10.41 -12.05
C SER F 104 23.32 -9.19 -12.92
N ASN F 105 22.14 -9.16 -13.55
CA ASN F 105 21.78 -8.07 -14.45
C ASN F 105 21.04 -6.95 -13.74
N ALA F 106 21.59 -6.46 -12.64
CA ALA F 106 21.00 -5.31 -11.97
C ALA F 106 21.18 -4.04 -12.79
N ASP F 107 22.26 -3.97 -13.57
CA ASP F 107 22.51 -2.85 -14.47
C ASP F 107 21.82 -3.01 -15.82
N GLU F 108 21.38 -4.23 -16.15
CA GLU F 108 20.76 -4.52 -17.43
C GLU F 108 19.24 -4.63 -17.34
N LEU F 109 18.67 -4.57 -16.13
CA LEU F 109 17.22 -4.43 -16.05
C LEU F 109 16.81 -2.99 -16.31
N ASP F 110 17.38 -2.04 -15.58
CA ASP F 110 17.30 -0.66 -16.02
C ASP F 110 18.09 -0.49 -17.31
N SER F 111 17.67 0.49 -18.11
CA SER F 111 17.76 0.68 -19.58
C SER F 111 16.72 -0.17 -20.31
N LEU F 112 15.99 -1.03 -19.60
CA LEU F 112 14.71 -1.58 -20.04
C LEU F 112 13.77 -1.15 -18.93
N GLY F 113 13.29 0.08 -18.98
CA GLY F 113 12.98 0.89 -17.80
C GLY F 113 12.18 0.28 -16.66
N VAL F 114 12.89 0.02 -15.56
CA VAL F 114 12.33 -0.58 -14.36
C VAL F 114 12.80 0.25 -13.18
N ARG F 115 11.84 0.81 -12.43
CA ARG F 115 12.20 1.74 -11.39
C ARG F 115 12.48 1.05 -10.06
N SER F 116 11.98 -0.17 -9.88
CA SER F 116 12.27 -0.94 -8.68
C SER F 116 12.22 -2.41 -9.08
N TYR F 117 13.21 -3.17 -8.64
CA TYR F 117 13.44 -4.50 -9.18
C TYR F 117 12.40 -5.53 -8.74
N THR F 118 11.51 -5.18 -7.83
CA THR F 118 10.48 -6.08 -7.33
C THR F 118 9.11 -5.52 -7.65
N GLU F 119 8.34 -6.23 -8.46
CA GLU F 119 6.96 -5.82 -8.67
C GLU F 119 6.08 -6.26 -7.50
N VAL F 120 4.94 -5.60 -7.38
CA VAL F 120 3.96 -5.90 -6.35
C VAL F 120 2.69 -6.34 -7.03
N LYS F 121 2.30 -7.59 -6.83
CA LYS F 121 1.14 -8.17 -7.46
C LYS F 121 -0.04 -8.09 -6.51
N PHE F 122 -1.19 -7.62 -7.01
CA PHE F 122 -2.38 -7.52 -6.21
C PHE F 122 -3.30 -8.70 -6.52
N GLU F 123 -3.70 -9.42 -5.48
CA GLU F 123 -4.57 -10.58 -5.63
C GLU F 123 -5.68 -10.50 -4.59
N ASN F 124 -6.65 -11.40 -4.67
CA ASN F 124 -7.69 -11.47 -3.65
C ASN F 124 -8.18 -12.91 -3.51
N THR F 125 -9.22 -13.08 -2.72
CA THR F 125 -9.84 -14.38 -2.55
C THR F 125 -11.34 -14.17 -2.54
N ILE F 126 -12.08 -15.00 -3.27
CA ILE F 126 -13.52 -14.84 -3.27
C ILE F 126 -14.06 -15.88 -2.32
N ASP F 127 -14.44 -15.48 -1.12
CA ASP F 127 -14.94 -16.45 -0.18
C ASP F 127 -16.22 -17.03 -0.75
N ARG F 128 -16.33 -18.34 -0.75
CA ARG F 128 -17.51 -18.99 -1.29
C ARG F 128 -18.70 -18.83 -0.37
N ILE F 129 -19.85 -18.64 -1.00
CA ILE F 129 -21.20 -18.51 -0.42
C ILE F 129 -21.55 -17.12 0.12
N THR F 130 -20.56 -16.24 0.21
CA THR F 130 -20.78 -14.87 0.65
C THR F 130 -20.28 -13.90 -0.42
N ALA F 131 -19.38 -14.41 -1.25
CA ALA F 131 -18.78 -13.68 -2.36
C ALA F 131 -18.08 -12.39 -1.93
N GLU F 132 -17.48 -12.35 -0.75
CA GLU F 132 -16.81 -11.12 -0.39
C GLU F 132 -15.31 -11.32 -0.54
N ALA F 133 -14.70 -10.49 -1.36
CA ALA F 133 -13.28 -10.58 -1.70
C ALA F 133 -12.42 -10.35 -0.46
N ASN F 134 -11.13 -10.65 -0.61
CA ASN F 134 -10.19 -10.59 0.51
C ASN F 134 -8.81 -10.32 -0.09
N PRO F 135 -8.44 -9.05 -0.23
CA PRO F 135 -7.29 -8.71 -1.06
C PRO F 135 -5.96 -9.07 -0.43
N ARG F 136 -4.90 -8.83 -1.19
CA ARG F 136 -3.58 -9.35 -0.90
C ARG F 136 -2.59 -8.65 -1.82
N GLN F 137 -1.44 -8.27 -1.26
CA GLN F 137 -0.40 -7.57 -2.00
C GLN F 137 0.89 -8.35 -1.78
N ILE F 138 1.26 -9.20 -2.72
CA ILE F 138 2.46 -10.00 -2.57
C ILE F 138 3.53 -9.47 -3.54
N GLU F 139 4.76 -9.40 -3.05
CA GLU F 139 5.87 -8.79 -3.76
C GLU F 139 6.66 -9.88 -4.48
N ARG F 140 7.00 -9.63 -5.73
CA ARG F 140 7.71 -10.61 -6.55
C ARG F 140 8.83 -9.92 -7.30
N ALA F 141 9.97 -10.59 -7.42
CA ALA F 141 11.02 -10.12 -8.31
C ALA F 141 10.55 -10.24 -9.75
N ILE F 142 10.87 -9.24 -10.57
CA ILE F 142 10.36 -9.15 -11.94
C ILE F 142 11.01 -10.21 -12.81
N ARG F 143 10.49 -10.39 -14.02
CA ARG F 143 10.83 -11.51 -14.89
C ARG F 143 12.30 -11.60 -15.31
N ASN F 144 12.78 -10.65 -16.12
CA ASN F 144 14.09 -10.85 -16.72
C ASN F 144 15.25 -10.54 -15.78
N SER F 145 15.01 -10.52 -14.47
CA SER F 145 16.04 -10.71 -13.48
C SER F 145 16.81 -11.99 -13.77
N THR F 146 18.14 -11.90 -13.71
CA THR F 146 18.99 -13.07 -13.91
C THR F 146 19.82 -13.28 -12.67
N PHE F 147 19.62 -14.41 -12.02
CA PHE F 147 20.34 -14.76 -10.81
C PHE F 147 21.50 -15.70 -11.11
N ASP F 148 22.59 -15.54 -10.37
CA ASP F 148 23.80 -16.32 -10.57
C ASP F 148 23.79 -17.52 -9.63
N PHE F 149 23.91 -18.71 -10.22
CA PHE F 149 23.77 -19.97 -9.50
C PHE F 149 25.10 -20.71 -9.48
N GLU F 150 25.53 -21.13 -8.30
CA GLU F 150 26.82 -21.81 -8.15
C GLU F 150 26.63 -23.09 -7.34
N LEU F 151 26.70 -24.22 -8.01
CA LEU F 151 26.60 -25.53 -7.40
C LEU F 151 27.98 -26.18 -7.44
N ILE F 152 28.42 -26.72 -6.30
CA ILE F 152 29.81 -27.11 -6.10
C ILE F 152 29.85 -28.58 -5.73
N TYR F 153 30.41 -29.40 -6.62
CA TYR F 153 30.50 -30.84 -6.42
C TYR F 153 31.94 -31.18 -6.07
N GLU F 154 32.16 -31.64 -4.84
CA GLU F 154 33.50 -31.81 -4.30
C GLU F 154 33.98 -33.23 -4.52
N ILE F 155 35.20 -33.37 -5.03
CA ILE F 155 35.77 -34.67 -5.40
C ILE F 155 36.78 -35.07 -4.32
N THR F 156 36.56 -36.25 -3.75
CA THR F 156 37.52 -36.88 -2.85
C THR F 156 37.81 -38.29 -3.35
N ASP F 157 38.59 -39.05 -2.58
CA ASP F 157 38.94 -40.41 -2.96
C ASP F 157 37.79 -41.38 -2.68
N GLU F 158 36.71 -40.93 -2.04
CA GLU F 158 35.56 -41.77 -1.74
C GLU F 158 34.47 -41.66 -2.78
N ASN F 159 34.81 -41.42 -4.05
CA ASN F 159 33.82 -41.36 -5.12
C ASN F 159 33.76 -42.66 -5.91
N GLU F 160 34.90 -43.07 -6.50
CA GLU F 160 35.10 -44.38 -7.14
C GLU F 160 34.11 -44.59 -8.29
N ASN F 161 34.32 -43.80 -9.35
CA ASN F 161 33.58 -43.87 -10.61
C ASN F 161 32.10 -43.56 -10.40
N GLN F 162 31.84 -42.46 -9.70
CA GLN F 162 30.48 -41.96 -9.51
C GLN F 162 30.38 -40.49 -9.91
N VAL F 163 31.32 -39.99 -10.70
CA VAL F 163 31.35 -38.60 -11.10
C VAL F 163 30.71 -38.43 -12.49
N GLU F 164 29.94 -39.43 -12.93
CA GLU F 164 29.06 -39.28 -14.07
C GLU F 164 27.66 -39.79 -13.79
N GLU F 165 27.48 -40.66 -12.81
CA GLU F 165 26.15 -40.94 -12.29
C GLU F 165 25.58 -39.73 -11.58
N ASP F 166 26.44 -38.93 -10.94
CA ASP F 166 26.03 -37.72 -10.22
C ASP F 166 25.96 -36.50 -11.12
N PHE F 167 25.81 -36.68 -12.43
CA PHE F 167 25.54 -35.56 -13.33
C PHE F 167 24.46 -35.84 -14.33
N LYS F 168 23.94 -37.06 -14.41
CA LYS F 168 22.62 -37.33 -14.95
C LYS F 168 21.54 -37.16 -13.88
N VAL F 169 21.92 -36.62 -12.72
CA VAL F 169 21.00 -36.35 -11.63
C VAL F 169 20.90 -34.85 -11.38
N ILE F 170 22.04 -34.17 -11.34
CA ILE F 170 22.01 -32.72 -11.15
C ILE F 170 21.47 -32.03 -12.40
N ARG F 171 21.99 -32.40 -13.57
CA ARG F 171 21.50 -31.82 -14.81
C ARG F 171 20.08 -32.28 -15.14
N ASP F 172 19.62 -33.37 -14.56
CA ASP F 172 18.21 -33.73 -14.63
C ASP F 172 17.41 -33.11 -13.50
N GLY F 173 18.06 -32.76 -12.39
CA GLY F 173 17.38 -32.00 -11.35
C GLY F 173 17.19 -30.55 -11.71
N LEU F 174 18.06 -30.00 -12.55
CA LEU F 174 17.81 -28.70 -13.13
C LEU F 174 16.65 -28.77 -14.10
N LYS F 175 16.63 -29.80 -14.95
CA LYS F 175 15.60 -29.94 -15.98
C LYS F 175 14.22 -30.17 -15.39
N LEU F 176 14.13 -30.89 -14.27
CA LEU F 176 12.86 -30.99 -13.55
C LEU F 176 12.43 -29.65 -12.99
N LEU F 177 13.40 -28.84 -12.53
CA LEU F 177 13.07 -27.55 -11.93
C LEU F 177 12.81 -26.49 -12.99
N GLU F 178 13.25 -26.73 -14.24
CA GLU F 178 12.84 -25.90 -15.37
C GLU F 178 11.33 -25.91 -15.54
N LEU F 179 10.73 -27.10 -15.53
CA LEU F 179 9.30 -27.29 -15.72
C LEU F 179 8.56 -27.52 -14.41
N ASP F 180 9.02 -26.89 -13.34
CA ASP F 180 8.29 -26.80 -12.08
C ASP F 180 8.61 -25.44 -11.50
N TYR F 181 7.83 -25.02 -10.50
CA TYR F 181 8.09 -23.70 -9.96
C TYR F 181 9.31 -23.73 -9.06
N LEU F 182 9.81 -22.55 -8.73
CA LEU F 182 10.97 -22.40 -7.85
C LEU F 182 10.57 -21.44 -6.75
N GLY F 183 10.13 -21.99 -5.63
CA GLY F 183 9.83 -21.18 -4.46
C GLY F 183 8.50 -20.47 -4.53
N GLY F 184 7.88 -20.31 -3.38
CA GLY F 184 6.69 -19.51 -3.23
C GLY F 184 5.48 -20.11 -3.89
N SER F 185 4.50 -19.24 -4.14
CA SER F 185 3.15 -19.65 -4.48
C SER F 185 3.09 -20.16 -5.92
N GLY F 186 3.64 -21.36 -6.10
CA GLY F 186 3.49 -22.08 -7.33
C GLY F 186 2.08 -22.61 -7.48
N SER F 187 1.84 -23.25 -8.63
CA SER F 187 0.53 -23.61 -9.18
C SER F 187 -0.34 -22.41 -9.47
N ARG F 188 0.21 -21.20 -9.40
CA ARG F 188 -0.44 -19.95 -9.77
C ARG F 188 0.55 -19.10 -10.58
N GLY F 189 1.59 -19.72 -11.11
CA GLY F 189 2.70 -19.01 -11.72
C GLY F 189 3.92 -19.07 -10.85
N TYR F 190 4.74 -18.03 -10.96
CA TYR F 190 5.77 -17.60 -10.02
C TYR F 190 6.99 -18.50 -10.03
N GLY F 191 7.12 -19.41 -10.98
CA GLY F 191 8.32 -20.21 -10.99
C GLY F 191 8.81 -20.68 -12.33
N LYS F 192 8.23 -20.21 -13.43
CA LYS F 192 8.69 -20.62 -14.75
C LYS F 192 10.09 -20.04 -14.90
N VAL F 193 11.08 -20.92 -14.78
CA VAL F 193 12.46 -20.52 -14.53
C VAL F 193 13.32 -21.18 -15.59
N ALA F 194 14.52 -20.65 -15.79
CA ALA F 194 15.42 -21.18 -16.80
C ALA F 194 16.84 -21.10 -16.29
N PHE F 195 17.58 -22.18 -16.48
CA PHE F 195 19.02 -22.21 -16.19
C PHE F 195 19.76 -22.00 -17.49
N GLU F 196 20.64 -21.00 -17.51
CA GLU F 196 21.32 -20.59 -18.74
C GLU F 196 22.82 -20.57 -18.50
N ASN F 197 23.56 -20.89 -19.57
CA ASN F 197 25.02 -20.94 -19.60
C ASN F 197 25.56 -21.92 -18.56
N LEU F 198 25.19 -23.18 -18.73
CA LEU F 198 25.75 -24.24 -17.89
C LEU F 198 27.21 -24.47 -18.24
N LYS F 199 28.07 -24.44 -17.24
CA LYS F 199 29.47 -24.82 -17.40
C LYS F 199 30.03 -25.19 -16.04
N ALA F 200 31.04 -26.07 -16.04
CA ALA F 200 31.58 -26.65 -14.81
C ALA F 200 33.09 -26.53 -14.81
N THR F 201 33.59 -25.41 -14.29
CA THR F 201 35.03 -25.27 -14.12
C THR F 201 35.49 -26.01 -12.87
N THR F 202 36.80 -26.16 -12.73
CA THR F 202 37.42 -26.84 -11.59
C THR F 202 38.22 -25.78 -10.84
N VAL F 203 37.58 -25.14 -9.87
CA VAL F 203 38.20 -24.00 -9.19
C VAL F 203 39.28 -24.43 -8.20
N PHE F 204 39.29 -25.68 -7.78
CA PHE F 204 40.30 -26.15 -6.83
C PHE F 204 40.47 -27.64 -7.02
N GLY F 205 41.67 -28.07 -7.35
CA GLY F 205 41.98 -29.47 -7.59
C GLY F 205 42.44 -29.69 -9.02
N ASN F 206 42.45 -30.97 -9.40
CA ASN F 206 42.92 -31.37 -10.73
C ASN F 206 41.93 -32.38 -11.28
N TYR F 207 41.08 -31.92 -12.21
CA TYR F 207 40.08 -32.77 -12.81
C TYR F 207 39.71 -32.17 -14.16
N ASP F 208 39.28 -33.02 -15.08
CA ASP F 208 38.97 -32.57 -16.43
C ASP F 208 37.65 -31.80 -16.47
N VAL F 209 37.39 -31.18 -17.62
CA VAL F 209 36.16 -30.42 -17.82
C VAL F 209 35.37 -30.87 -19.03
N LYS F 210 35.95 -31.60 -19.98
CA LYS F 210 35.27 -31.86 -21.24
C LYS F 210 34.23 -32.97 -21.11
N THR F 211 34.44 -33.92 -20.20
CA THR F 211 33.58 -35.09 -20.14
C THR F 211 32.21 -34.79 -19.54
N LEU F 212 32.03 -33.62 -18.94
CA LEU F 212 30.75 -33.25 -18.34
C LEU F 212 30.17 -31.98 -18.92
N ASN F 213 31.00 -31.09 -19.47
CA ASN F 213 30.47 -29.92 -20.16
C ASN F 213 29.89 -30.28 -21.51
N GLU F 214 30.33 -31.38 -22.11
CA GLU F 214 29.75 -31.87 -23.35
C GLU F 214 28.54 -32.75 -23.10
N LEU F 215 28.26 -33.12 -21.85
CA LEU F 215 27.03 -33.79 -21.49
C LEU F 215 25.82 -32.86 -21.57
N LEU F 216 26.06 -31.55 -21.64
CA LEU F 216 25.00 -30.57 -21.64
C LEU F 216 24.21 -30.57 -22.95
N THR F 217 22.98 -30.07 -22.86
CA THR F 217 22.02 -29.93 -23.96
C THR F 217 21.76 -31.23 -24.74
N THR G 2 51.71 -16.71 13.82
CA THR G 2 52.48 -15.50 14.05
C THR G 2 52.69 -14.82 12.71
N TYR G 3 52.72 -15.63 11.65
CA TYR G 3 52.88 -15.09 10.31
C TYR G 3 51.54 -14.65 9.72
N LYS G 4 51.54 -14.45 8.40
CA LYS G 4 50.70 -13.52 7.67
C LYS G 4 49.19 -13.66 7.94
N LEU G 5 48.49 -12.54 7.81
CA LEU G 5 47.04 -12.47 7.96
C LEU G 5 46.36 -13.28 6.87
N TYR G 6 45.13 -13.73 7.15
CA TYR G 6 44.37 -14.62 6.27
C TYR G 6 42.98 -14.04 5.99
N ILE G 7 42.94 -12.81 5.45
CA ILE G 7 41.70 -12.08 5.16
C ILE G 7 40.73 -12.92 4.32
N MET G 8 39.47 -12.95 4.75
CA MET G 8 38.43 -13.82 4.20
C MET G 8 37.16 -13.03 3.97
N THR G 9 36.75 -12.89 2.70
CA THR G 9 35.53 -12.16 2.35
C THR G 9 34.35 -13.11 2.43
N PHE G 10 33.56 -13.01 3.51
CA PHE G 10 32.61 -14.06 3.83
C PHE G 10 31.30 -14.05 3.07
N GLN G 11 30.55 -12.93 3.08
CA GLN G 11 29.32 -12.77 2.29
C GLN G 11 28.25 -13.81 2.63
N ASN G 12 27.48 -13.55 3.72
CA ASN G 12 26.36 -14.38 4.19
C ASN G 12 26.83 -15.71 4.78
N ALA G 13 27.47 -15.63 5.94
CA ALA G 13 27.81 -16.79 6.77
C ALA G 13 26.87 -16.94 7.96
N HIS G 14 27.07 -18.03 8.70
CA HIS G 14 26.26 -18.39 9.87
C HIS G 14 27.14 -19.06 10.90
N PHE G 15 27.40 -18.38 12.01
CA PHE G 15 28.25 -18.90 13.09
C PHE G 15 27.42 -18.98 14.35
N GLY G 16 26.74 -20.10 14.55
CA GLY G 16 25.87 -20.24 15.69
C GLY G 16 26.62 -20.36 16.99
N SER G 17 25.92 -20.06 18.08
CA SER G 17 26.48 -20.10 19.42
C SER G 17 25.39 -20.64 20.34
N GLY G 18 25.41 -21.95 20.55
CA GLY G 18 24.40 -22.60 21.35
C GLY G 18 23.20 -23.04 20.54
N THR G 19 22.51 -22.09 19.92
CA THR G 19 21.27 -22.34 19.22
C THR G 19 21.49 -22.21 17.72
N LEU G 20 20.39 -22.31 16.98
CA LEU G 20 20.37 -21.96 15.57
C LEU G 20 19.81 -20.57 15.33
N ASP G 21 19.23 -19.95 16.36
CA ASP G 21 18.58 -18.66 16.26
C ASP G 21 19.53 -17.49 16.50
N SER G 22 20.84 -17.73 16.55
CA SER G 22 21.77 -16.66 16.87
C SER G 22 23.11 -16.94 16.21
N SER G 23 23.46 -16.14 15.21
CA SER G 23 24.83 -16.07 14.74
C SER G 23 25.55 -14.96 15.50
N LYS G 24 26.89 -15.03 15.52
CA LYS G 24 27.64 -14.20 16.46
C LYS G 24 28.73 -13.37 15.80
N LEU G 25 28.69 -13.21 14.47
CA LEU G 25 29.51 -12.27 13.69
C LEU G 25 31.01 -12.61 13.64
N THR G 26 31.43 -13.61 14.39
CA THR G 26 32.83 -14.02 14.39
C THR G 26 32.85 -15.52 14.67
N PHE G 27 34.05 -16.06 14.77
CA PHE G 27 34.16 -17.45 15.17
C PHE G 27 35.41 -17.65 16.00
N SER G 28 35.32 -18.58 16.95
CA SER G 28 36.45 -18.94 17.76
C SER G 28 37.45 -19.75 16.95
N ALA G 29 38.61 -20.03 17.57
CA ALA G 29 39.63 -20.81 16.89
C ALA G 29 39.27 -22.28 16.79
N ASP G 30 38.27 -22.73 17.55
CA ASP G 30 37.71 -24.06 17.35
C ASP G 30 37.09 -24.18 15.97
N ARG G 31 36.41 -23.14 15.52
CA ARG G 31 35.67 -23.20 14.26
C ARG G 31 36.62 -23.29 13.08
N ILE G 32 37.78 -22.66 13.18
CA ILE G 32 38.73 -22.72 12.07
C ILE G 32 39.60 -23.98 12.18
N PHE G 33 39.86 -24.48 13.38
CA PHE G 33 40.71 -25.65 13.52
C PHE G 33 39.94 -26.93 13.21
N SER G 34 38.67 -27.00 13.61
CA SER G 34 37.87 -28.16 13.27
C SER G 34 37.55 -28.19 11.78
N ALA G 35 37.55 -27.03 11.14
CA ALA G 35 37.32 -26.97 9.70
C ALA G 35 38.50 -27.56 8.94
N LEU G 36 39.72 -27.21 9.35
CA LEU G 36 40.92 -27.66 8.65
C LEU G 36 41.12 -29.17 8.80
N VAL G 37 40.79 -29.70 9.97
CA VAL G 37 40.90 -31.15 10.18
C VAL G 37 39.87 -31.88 9.33
N LEU G 38 38.68 -31.31 9.18
CA LEU G 38 37.70 -31.90 8.28
C LEU G 38 38.10 -31.74 6.83
N GLU G 39 38.83 -30.67 6.48
CA GLU G 39 39.37 -30.58 5.12
C GLU G 39 40.48 -31.61 4.93
N ALA G 40 41.35 -31.74 5.93
CA ALA G 40 42.46 -32.69 5.84
C ALA G 40 41.99 -34.14 5.90
N LEU G 41 40.77 -34.39 6.34
CA LEU G 41 40.20 -35.73 6.28
C LEU G 41 39.48 -35.98 4.96
N LYS G 42 38.94 -34.92 4.34
CA LYS G 42 38.40 -35.07 2.99
C LYS G 42 39.53 -35.26 1.99
N MET G 43 40.69 -34.69 2.27
CA MET G 43 41.91 -35.04 1.55
C MET G 43 42.53 -36.28 2.19
N GLY G 44 43.76 -36.59 1.85
CA GLY G 44 44.43 -37.68 2.53
C GLY G 44 45.35 -37.14 3.61
N LYS G 45 45.54 -35.84 3.63
CA LYS G 45 46.61 -35.21 4.41
C LYS G 45 46.17 -34.87 5.83
N LEU G 46 45.60 -35.83 6.54
CA LEU G 46 45.16 -35.59 7.91
C LEU G 46 46.34 -35.58 8.88
N ASP G 47 47.08 -36.68 8.95
CA ASP G 47 48.16 -36.82 9.93
C ASP G 47 49.33 -35.90 9.64
N ALA G 48 49.45 -35.40 8.41
CA ALA G 48 50.43 -34.35 8.14
C ALA G 48 50.04 -33.04 8.81
N PHE G 49 48.75 -32.83 9.04
CA PHE G 49 48.32 -31.62 9.73
C PHE G 49 48.38 -31.78 11.24
N LEU G 50 48.06 -32.98 11.75
CA LEU G 50 48.04 -33.20 13.19
C LEU G 50 49.44 -33.18 13.78
N ALA G 51 50.46 -33.59 13.02
CA ALA G 51 51.84 -33.40 13.46
C ALA G 51 52.19 -31.91 13.47
N GLU G 52 51.64 -31.15 12.54
CA GLU G 52 51.82 -29.71 12.54
C GLU G 52 50.90 -29.03 13.55
N ALA G 53 49.74 -29.63 13.83
CA ALA G 53 48.86 -29.09 14.87
C ALA G 53 49.48 -29.27 16.25
N ASN G 54 50.09 -30.42 16.50
CA ASN G 54 50.76 -30.66 17.78
C ASN G 54 52.09 -29.94 17.88
N GLN G 55 52.58 -29.36 16.78
CA GLN G 55 53.88 -28.72 16.75
C GLN G 55 53.85 -27.44 17.57
N ASP G 56 55.03 -27.09 18.12
CA ASP G 56 55.13 -25.96 19.04
C ASP G 56 54.90 -24.63 18.35
N LYS G 57 55.25 -24.54 17.06
CA LYS G 57 55.21 -23.28 16.35
C LYS G 57 53.85 -22.99 15.73
N PHE G 58 52.86 -23.86 15.91
CA PHE G 58 51.56 -23.66 15.29
C PHE G 58 50.79 -22.57 16.03
N THR G 59 50.20 -21.66 15.26
CA THR G 59 49.45 -20.54 15.81
C THR G 59 48.11 -20.40 15.10
N LEU G 60 47.09 -20.00 15.87
CA LEU G 60 45.82 -19.52 15.35
C LEU G 60 45.34 -18.40 16.25
N THR G 61 44.28 -17.73 15.82
CA THR G 61 43.58 -16.78 16.68
C THR G 61 42.13 -16.75 16.24
N ASP G 62 41.32 -16.04 17.01
CA ASP G 62 39.92 -15.92 16.63
C ASP G 62 39.76 -14.90 15.52
N ALA G 63 38.57 -14.85 14.96
CA ALA G 63 38.31 -13.99 13.82
C ALA G 63 37.90 -12.60 14.29
N PHE G 64 38.48 -11.58 13.68
CA PHE G 64 38.19 -10.21 14.07
C PHE G 64 38.00 -9.35 12.82
N PRO G 65 37.11 -8.36 12.84
CA PRO G 65 36.62 -7.77 11.58
C PRO G 65 37.64 -6.86 10.89
N PHE G 66 38.13 -7.30 9.74
CA PHE G 66 38.99 -6.49 8.89
C PHE G 66 38.15 -5.79 7.83
N GLN G 67 38.10 -4.47 7.84
CA GLN G 67 37.50 -3.78 6.71
C GLN G 67 38.45 -2.82 6.01
N PHE G 68 39.16 -1.97 6.74
CA PHE G 68 40.24 -1.16 6.20
C PHE G 68 41.59 -1.55 6.79
N GLY G 69 41.67 -1.56 8.11
CA GLY G 69 42.80 -2.12 8.80
C GLY G 69 42.34 -3.23 9.72
N PRO G 70 43.29 -3.99 10.27
CA PRO G 70 42.91 -5.09 11.17
C PRO G 70 42.35 -4.59 12.48
N PHE G 71 41.31 -5.26 12.98
CA PHE G 71 40.70 -4.86 14.22
C PHE G 71 40.98 -5.89 15.31
N LEU G 72 40.81 -5.47 16.55
CA LEU G 72 41.15 -6.30 17.69
C LEU G 72 39.98 -6.34 18.67
N PRO G 73 39.88 -7.40 19.49
CA PRO G 73 38.82 -7.44 20.49
C PRO G 73 39.02 -6.39 21.58
N LYS G 74 37.95 -6.12 22.30
CA LYS G 74 38.02 -5.15 23.38
C LYS G 74 38.83 -5.76 24.52
N PRO G 75 39.87 -5.08 25.01
CA PRO G 75 40.60 -5.59 26.17
C PRO G 75 39.72 -5.54 27.41
N ILE G 76 39.35 -6.71 27.91
CA ILE G 76 38.33 -6.79 28.95
C ILE G 76 38.92 -6.30 30.26
N GLY G 77 38.29 -5.30 30.87
CA GLY G 77 38.73 -4.80 32.15
C GLY G 77 39.71 -3.66 32.05
N TYR G 78 39.52 -2.75 31.10
CA TYR G 78 40.31 -1.53 31.02
C TYR G 78 39.47 -0.31 30.71
N PRO G 79 38.84 0.29 31.73
CA PRO G 79 38.46 1.70 31.64
C PRO G 79 39.53 2.63 32.16
N LYS G 80 40.55 2.09 32.82
CA LYS G 80 41.65 2.88 33.34
C LYS G 80 42.77 2.94 32.30
N ASP G 89 29.48 14.11 34.19
CA ASP G 89 29.80 12.82 34.77
C ASP G 89 28.69 12.32 35.69
N VAL G 90 27.44 12.59 35.33
CA VAL G 90 26.31 12.21 36.16
C VAL G 90 25.43 11.20 35.42
N LYS G 91 25.38 11.31 34.12
CA LYS G 91 24.54 10.44 33.31
C LYS G 91 25.30 9.81 32.16
N GLU G 92 26.22 10.56 31.54
CA GLU G 92 26.97 10.03 30.41
C GLU G 92 27.93 8.93 30.81
N VAL G 93 28.39 8.94 32.08
CA VAL G 93 29.20 7.82 32.55
C VAL G 93 28.35 6.57 32.73
N ARG G 94 27.03 6.73 32.90
CA ARG G 94 26.10 5.62 32.92
C ARG G 94 25.53 5.34 31.53
N ARG G 95 25.36 6.38 30.73
CA ARG G 95 24.81 6.21 29.38
C ARG G 95 25.78 5.46 28.47
N GLN G 96 27.09 5.76 28.59
CA GLN G 96 28.05 5.09 27.73
C GLN G 96 28.36 3.67 28.18
N ALA G 97 27.98 3.31 29.41
CA ALA G 97 28.14 1.91 29.83
C ALA G 97 27.19 1.00 29.06
N LYS G 98 26.03 1.52 28.66
CA LYS G 98 25.16 0.80 27.74
C LYS G 98 25.68 0.82 26.31
N LEU G 99 26.58 1.75 26.00
CA LEU G 99 27.19 1.84 24.68
C LEU G 99 28.57 1.22 24.61
N SER G 100 29.36 1.30 25.69
CA SER G 100 30.59 0.52 25.77
C SER G 100 30.36 -0.82 26.47
N LYS G 101 29.29 -1.48 26.02
CA LYS G 101 29.07 -2.90 26.25
C LYS G 101 28.64 -3.60 24.97
N LYS G 102 28.08 -2.87 24.02
CA LYS G 102 28.02 -3.28 22.63
C LYS G 102 29.25 -2.83 21.86
N LEU G 103 30.32 -2.45 22.55
CA LEU G 103 31.62 -2.12 21.98
C LEU G 103 32.56 -3.27 22.29
N GLN G 104 32.94 -4.03 21.26
CA GLN G 104 33.77 -5.20 21.44
C GLN G 104 34.92 -5.33 20.46
N PHE G 105 34.87 -4.69 19.30
CA PHE G 105 35.88 -4.84 18.27
C PHE G 105 36.52 -3.50 17.95
N LEU G 106 37.79 -3.37 18.33
CA LEU G 106 38.50 -2.11 18.29
C LEU G 106 39.57 -2.12 17.20
N ALA G 107 39.79 -0.94 16.62
CA ALA G 107 40.82 -0.80 15.61
C ALA G 107 42.22 -0.89 16.21
N LEU G 108 43.14 -1.49 15.45
CA LEU G 108 44.53 -1.64 15.87
C LEU G 108 45.24 -0.30 16.02
N GLU G 109 44.78 0.73 15.32
CA GLU G 109 45.32 2.08 15.48
C GLU G 109 44.74 2.80 16.68
N ASN G 110 43.94 2.12 17.49
CA ASN G 110 43.20 2.75 18.57
C ASN G 110 43.25 2.01 19.88
N VAL G 111 43.84 0.82 19.95
CA VAL G 111 43.91 0.07 21.20
C VAL G 111 44.75 0.81 22.22
N ASP G 112 45.85 1.40 21.78
CA ASP G 112 46.67 2.23 22.67
C ASP G 112 45.93 3.51 23.06
N ASP G 113 45.04 3.98 22.21
CA ASP G 113 44.16 5.09 22.59
C ASP G 113 43.00 4.63 23.46
N TYR G 114 42.61 3.36 23.34
CA TYR G 114 41.45 2.87 24.09
C TYR G 114 41.77 2.72 25.57
N LEU G 115 42.97 2.23 25.88
CA LEU G 115 43.34 2.04 27.28
C LEU G 115 43.63 3.34 28.01
N ASN G 116 43.73 4.46 27.28
CA ASN G 116 43.87 5.76 27.90
C ASN G 116 42.60 6.61 27.75
N GLY G 117 41.59 6.12 27.04
CA GLY G 117 40.31 6.78 27.00
C GLY G 117 39.93 7.39 25.66
N GLU G 118 39.10 6.68 24.90
CA GLU G 118 38.48 7.21 23.70
C GLU G 118 37.23 6.39 23.40
N LEU G 119 36.17 7.07 22.97
CA LEU G 119 34.90 6.41 22.75
C LEU G 119 34.85 5.76 21.37
N PHE G 120 34.29 4.55 21.32
CA PHE G 120 34.10 3.81 20.08
C PHE G 120 32.77 3.07 20.17
N GLU G 121 32.28 2.62 19.01
CA GLU G 121 30.87 2.25 18.94
C GLU G 121 30.57 0.96 18.17
N ASN G 122 31.58 0.14 17.85
CA ASN G 122 31.47 -0.97 16.90
C ASN G 122 30.90 -0.49 15.56
N GLU G 123 31.76 0.25 14.86
CA GLU G 123 31.59 0.59 13.46
C GLU G 123 31.13 -0.62 12.65
N GLU G 124 29.92 -0.50 12.09
CA GLU G 124 29.07 -1.65 11.85
C GLU G 124 29.62 -2.56 10.76
N HIS G 125 29.66 -3.86 11.06
CA HIS G 125 30.26 -4.85 10.18
C HIS G 125 29.24 -5.74 9.50
N ALA G 126 28.13 -6.07 10.15
CA ALA G 126 27.13 -6.92 9.53
C ALA G 126 25.78 -6.62 10.13
N VAL G 127 24.75 -7.14 9.45
CA VAL G 127 23.38 -7.12 9.94
C VAL G 127 23.07 -8.55 10.39
N ILE G 128 23.00 -8.76 11.70
CA ILE G 128 22.85 -10.11 12.25
C ILE G 128 21.34 -10.35 12.36
N ASP G 129 20.76 -10.78 11.25
CA ASP G 129 19.33 -10.98 11.17
C ASP G 129 18.98 -12.46 11.29
N THR G 130 17.73 -12.79 11.05
CA THR G 130 17.28 -14.18 11.02
C THR G 130 16.27 -14.35 9.90
N VAL G 131 16.25 -15.54 9.32
CA VAL G 131 15.31 -15.88 8.27
C VAL G 131 14.47 -17.06 8.73
N THR G 132 13.27 -17.16 8.19
CA THR G 132 12.35 -18.22 8.57
C THR G 132 12.33 -19.27 7.46
N LYS G 133 12.48 -20.52 7.84
CA LYS G 133 12.53 -21.62 6.90
C LYS G 133 11.61 -22.73 7.36
N ASN G 134 11.35 -23.69 6.47
CA ASN G 134 10.45 -24.78 6.80
C ASN G 134 10.75 -26.01 5.95
N GLN G 135 10.12 -27.11 6.31
CA GLN G 135 10.03 -28.30 5.48
C GLN G 135 8.55 -28.60 5.28
N PRO G 136 8.06 -28.63 4.05
CA PRO G 136 6.61 -28.47 3.83
C PRO G 136 5.75 -29.65 4.21
N HIS G 137 6.25 -30.88 4.19
CA HIS G 137 5.41 -32.03 4.43
C HIS G 137 5.80 -32.77 5.69
N LYS G 138 6.10 -32.03 6.75
CA LYS G 138 6.37 -32.63 8.05
C LYS G 138 5.48 -32.14 9.16
N ASP G 139 4.79 -31.01 8.99
CA ASP G 139 3.81 -30.40 9.88
C ASP G 139 4.43 -29.85 11.17
N ASP G 140 5.73 -30.04 11.39
CA ASP G 140 6.34 -29.51 12.60
C ASP G 140 7.73 -28.92 12.37
N ASN G 141 8.21 -28.89 11.13
CA ASN G 141 9.49 -28.26 10.82
C ASN G 141 9.20 -26.83 10.37
N LEU G 142 9.33 -25.90 11.31
CA LEU G 142 9.24 -24.47 11.04
C LEU G 142 10.35 -23.85 11.87
N TYR G 143 11.53 -23.73 11.27
CA TYR G 143 12.72 -23.32 11.99
C TYR G 143 13.16 -21.95 11.55
N GLN G 144 14.11 -21.40 12.29
CA GLN G 144 14.70 -20.11 11.94
C GLN G 144 16.21 -20.22 12.03
N VAL G 145 16.89 -19.82 10.97
CA VAL G 145 18.35 -19.79 10.92
C VAL G 145 18.77 -18.33 10.97
N ALA G 146 19.55 -17.97 11.97
CA ALA G 146 20.09 -16.63 11.99
C ALA G 146 21.25 -16.52 11.02
N THR G 147 21.62 -15.28 10.72
CA THR G 147 22.51 -15.01 9.60
C THR G 147 23.31 -13.76 9.92
N THR G 148 24.63 -13.86 9.81
CA THR G 148 25.46 -12.67 9.76
C THR G 148 25.78 -12.38 8.30
N ARG G 149 25.63 -11.11 7.91
CA ARG G 149 25.72 -10.70 6.52
C ARG G 149 26.60 -9.46 6.45
N PHE G 150 27.85 -9.65 6.06
CA PHE G 150 28.90 -8.66 6.25
C PHE G 150 28.75 -7.49 5.28
N SER G 151 29.23 -6.33 5.71
CA SER G 151 28.93 -5.07 5.01
C SER G 151 29.87 -4.83 3.83
N ASN G 152 30.00 -5.81 2.94
CA ASN G 152 30.60 -5.72 1.61
C ASN G 152 32.11 -5.46 1.59
N ASP G 153 32.72 -5.18 2.74
CA ASP G 153 34.18 -5.13 2.81
C ASP G 153 34.76 -5.66 4.11
N THR G 154 33.97 -6.31 4.95
CA THR G 154 34.44 -6.80 6.24
C THR G 154 34.97 -8.23 6.10
N SER G 155 36.18 -8.44 6.60
CA SER G 155 36.89 -9.72 6.52
C SER G 155 37.36 -10.10 7.92
N LEU G 156 37.92 -11.30 8.09
CA LEU G 156 38.09 -11.76 9.46
C LEU G 156 39.51 -12.19 9.90
N TYR G 157 40.35 -12.68 8.99
CA TYR G 157 41.78 -12.92 9.22
C TYR G 157 42.15 -13.83 10.41
N VAL G 158 42.03 -15.14 10.24
CA VAL G 158 42.68 -16.02 11.21
C VAL G 158 44.20 -15.85 11.06
N ILE G 159 44.83 -15.25 12.07
CA ILE G 159 46.29 -15.08 12.05
C ILE G 159 46.93 -16.43 12.35
N ALA G 160 47.72 -16.92 11.41
CA ALA G 160 48.28 -18.25 11.57
C ALA G 160 49.70 -18.28 11.01
N ASN G 161 50.46 -19.27 11.49
CA ASN G 161 51.80 -19.50 10.98
C ASN G 161 51.68 -20.08 9.58
N GLU G 162 52.31 -19.40 8.62
CA GLU G 162 52.12 -19.74 7.21
C GLU G 162 52.85 -21.03 6.86
N SER G 163 52.21 -21.84 6.03
CA SER G 163 52.76 -23.13 5.61
C SER G 163 52.17 -23.54 4.27
N ASP G 164 52.87 -24.45 3.59
CA ASP G 164 52.39 -24.96 2.32
C ASP G 164 51.16 -25.85 2.51
N LEU G 165 51.11 -26.60 3.62
CA LEU G 165 49.94 -27.42 3.90
C LEU G 165 48.76 -26.56 4.33
N LEU G 166 49.02 -25.46 5.04
CA LEU G 166 47.93 -24.66 5.56
C LEU G 166 47.25 -23.87 4.44
N ASN G 167 48.02 -23.31 3.51
CA ASN G 167 47.44 -22.66 2.35
C ASN G 167 46.78 -23.66 1.41
N GLU G 168 47.20 -24.93 1.46
CA GLU G 168 46.54 -25.96 0.68
C GLU G 168 45.15 -26.28 1.23
N LEU G 169 44.99 -26.22 2.55
CA LEU G 169 43.72 -26.52 3.19
C LEU G 169 42.83 -25.30 3.36
N MET G 170 43.41 -24.14 3.67
CA MET G 170 42.61 -22.94 3.87
C MET G 170 42.00 -22.46 2.56
N SER G 171 42.68 -22.69 1.43
CA SER G 171 42.09 -22.43 0.13
C SER G 171 41.15 -23.53 -0.34
N SER G 172 40.99 -24.59 0.45
CA SER G 172 39.92 -25.54 0.22
C SER G 172 38.67 -25.22 1.02
N LEU G 173 38.81 -24.47 2.12
CA LEU G 173 37.64 -24.03 2.86
C LEU G 173 36.84 -22.99 2.10
N GLN G 174 37.50 -22.18 1.28
CA GLN G 174 36.81 -21.11 0.58
C GLN G 174 35.89 -21.63 -0.51
N TYR G 175 36.04 -22.87 -0.95
CA TYR G 175 35.08 -23.52 -1.82
C TYR G 175 34.32 -24.62 -1.10
N SER G 176 34.42 -24.69 0.22
CA SER G 176 33.66 -25.66 1.00
C SER G 176 32.97 -25.03 2.20
N GLY G 177 32.97 -23.72 2.31
CA GLY G 177 32.26 -23.04 3.37
C GLY G 177 33.00 -23.08 4.70
N LEU G 178 32.52 -22.26 5.63
CA LEU G 178 33.11 -22.16 6.95
C LEU G 178 32.03 -21.74 7.92
N GLY G 179 31.72 -22.60 8.89
CA GLY G 179 30.66 -22.28 9.82
C GLY G 179 29.45 -23.17 9.66
N GLY G 180 28.32 -22.72 10.15
CA GLY G 180 27.13 -23.54 10.19
C GLY G 180 26.22 -23.33 9.00
N LYS G 181 25.31 -24.30 8.81
CA LYS G 181 24.42 -24.42 7.66
C LYS G 181 25.18 -24.36 6.35
N ARG G 182 26.32 -25.05 6.24
CA ARG G 182 26.92 -25.32 4.95
C ARG G 182 26.03 -26.28 4.18
N SER G 183 26.24 -26.38 2.87
CA SER G 183 25.33 -27.00 1.90
C SER G 183 23.96 -26.33 1.92
N SER G 184 23.92 -25.05 2.28
CA SER G 184 22.73 -24.25 2.09
C SER G 184 23.07 -22.82 1.70
N GLY G 185 24.34 -22.50 1.51
CA GLY G 185 24.72 -21.15 1.14
C GLY G 185 25.14 -20.30 2.32
N PHE G 186 25.94 -20.84 3.22
CA PHE G 186 26.40 -20.12 4.39
C PHE G 186 27.86 -20.44 4.63
N GLY G 187 28.71 -19.40 4.66
CA GLY G 187 30.09 -19.55 5.05
C GLY G 187 31.10 -19.63 3.93
N ARG G 188 30.66 -19.47 2.68
CA ARG G 188 31.54 -19.66 1.54
C ARG G 188 32.26 -18.37 1.21
N PHE G 189 33.60 -18.43 1.18
CA PHE G 189 34.39 -17.21 1.16
C PHE G 189 35.50 -17.21 0.11
N GLU G 190 36.43 -16.26 0.20
CA GLU G 190 37.61 -16.21 -0.63
C GLU G 190 38.78 -15.66 0.17
N LEU G 191 39.98 -16.13 -0.11
CA LEU G 191 41.15 -15.77 0.67
C LEU G 191 41.90 -14.57 0.10
N ASP G 192 42.60 -13.88 0.99
CA ASP G 192 43.61 -12.86 0.66
C ASP G 192 44.66 -12.90 1.77
N ILE G 193 45.72 -13.67 1.54
CA ILE G 193 46.81 -13.75 2.52
C ILE G 193 47.65 -12.49 2.40
N GLN G 194 47.71 -11.70 3.46
CA GLN G 194 48.42 -10.43 3.41
C GLN G 194 49.47 -10.36 4.52
N ASN G 195 50.50 -9.56 4.26
CA ASN G 195 51.56 -9.36 5.23
C ASN G 195 51.06 -8.59 6.43
N ILE G 196 51.51 -8.99 7.62
CA ILE G 196 51.10 -8.34 8.86
C ILE G 196 51.82 -6.99 8.97
N PRO G 197 51.13 -5.90 9.30
CA PRO G 197 51.82 -4.64 9.57
C PRO G 197 52.65 -4.73 10.84
N LEU G 198 53.75 -3.97 10.85
CA LEU G 198 54.73 -4.10 11.92
C LEU G 198 54.22 -3.50 13.23
N GLU G 199 53.31 -2.52 13.15
CA GLU G 199 52.74 -1.94 14.36
C GLU G 199 51.75 -2.88 15.05
N LEU G 200 51.31 -3.94 14.36
CA LEU G 200 50.65 -5.06 15.01
C LEU G 200 51.63 -6.17 15.34
N SER G 201 52.71 -6.30 14.56
CA SER G 201 53.52 -7.50 14.61
C SER G 201 54.47 -7.54 15.81
N ASP G 202 54.83 -6.38 16.38
CA ASP G 202 55.73 -6.37 17.51
C ASP G 202 55.03 -6.77 18.80
N ARG G 203 53.70 -6.62 18.86
CA ARG G 203 52.96 -6.91 20.08
C ARG G 203 52.51 -8.36 20.18
N LEU G 204 52.56 -9.09 19.06
CA LEU G 204 52.31 -10.52 19.07
C LEU G 204 53.36 -11.26 19.89
N THR G 205 52.92 -11.99 20.91
CA THR G 205 53.81 -12.76 21.76
C THR G 205 53.26 -14.16 21.98
N LYS G 206 54.09 -15.02 22.55
CA LYS G 206 53.69 -16.33 23.02
C LYS G 206 54.20 -16.67 24.41
N ASN G 207 55.28 -16.05 24.88
CA ASN G 207 55.82 -16.30 26.22
C ASN G 207 56.23 -15.00 26.89
N HIS G 208 55.39 -13.98 26.79
CA HIS G 208 55.66 -12.71 27.46
C HIS G 208 55.23 -12.83 28.93
N SER G 209 55.57 -11.82 29.74
CA SER G 209 55.36 -11.93 31.17
C SER G 209 54.71 -10.72 31.82
N ASP G 210 54.33 -9.69 31.07
CA ASP G 210 53.89 -8.43 31.66
C ASP G 210 52.66 -7.90 30.93
N LYS G 211 51.48 -8.07 31.55
CA LYS G 211 50.24 -7.36 31.22
C LYS G 211 49.82 -7.58 29.77
N VAL G 212 49.45 -8.82 29.49
CA VAL G 212 49.22 -9.26 28.12
C VAL G 212 47.73 -9.46 27.91
N MET G 213 47.33 -9.53 26.65
CA MET G 213 45.94 -9.80 26.29
C MET G 213 45.90 -10.99 25.34
N SER G 214 45.16 -12.03 25.72
CA SER G 214 44.92 -13.13 24.80
C SER G 214 43.91 -12.72 23.76
N LEU G 215 44.10 -13.19 22.53
CA LEU G 215 43.14 -12.91 21.47
C LEU G 215 42.68 -14.19 20.80
N THR G 216 42.58 -15.27 21.56
CA THR G 216 41.91 -16.48 21.10
C THR G 216 41.37 -17.24 22.30
N THR G 217 40.40 -18.11 22.03
CA THR G 217 39.81 -18.93 23.08
C THR G 217 40.81 -19.98 23.54
N ALA G 218 41.24 -19.86 24.80
CA ALA G 218 42.30 -20.68 25.34
C ALA G 218 41.82 -21.47 26.54
N LEU G 219 42.61 -22.47 26.93
CA LEU G 219 42.38 -23.26 28.13
C LEU G 219 43.74 -23.77 28.62
N PRO G 220 44.22 -23.27 29.75
CA PRO G 220 45.60 -23.55 30.15
C PRO G 220 45.80 -24.97 30.67
N VAL G 221 47.08 -25.30 30.85
CA VAL G 221 47.47 -26.50 31.56
C VAL G 221 47.12 -26.33 33.05
N ASP G 222 46.90 -27.45 33.75
CA ASP G 222 46.34 -27.45 35.10
C ASP G 222 47.20 -26.70 36.10
N ALA G 223 48.53 -26.68 35.89
CA ALA G 223 49.38 -25.87 36.75
C ALA G 223 49.24 -24.39 36.41
N ASP G 224 49.12 -24.07 35.13
CA ASP G 224 49.03 -22.68 34.70
C ASP G 224 47.63 -22.10 34.89
N LEU G 225 46.62 -22.95 35.06
CA LEU G 225 45.24 -22.49 35.04
C LEU G 225 44.91 -21.79 36.35
N GLU G 226 45.57 -22.20 37.43
CA GLU G 226 45.51 -21.45 38.69
C GLU G 226 46.08 -20.05 38.52
N GLU G 227 47.15 -19.92 37.73
CA GLU G 227 47.90 -18.67 37.64
C GLU G 227 47.11 -17.59 36.91
N ALA G 228 46.20 -17.98 36.01
CA ALA G 228 45.46 -17.01 35.22
C ALA G 228 44.20 -16.50 35.90
N MET G 229 43.83 -17.06 37.06
CA MET G 229 42.56 -16.74 37.68
C MET G 229 42.60 -15.43 38.46
N GLU G 230 43.52 -15.32 39.41
CA GLU G 230 43.47 -14.21 40.38
C GLU G 230 43.87 -12.88 39.76
N ASP G 231 44.49 -12.89 38.59
CA ASP G 231 44.97 -11.67 37.97
C ASP G 231 44.38 -11.44 36.60
N GLY G 232 43.53 -12.36 36.12
CA GLY G 232 43.00 -12.28 34.77
C GLY G 232 41.59 -11.71 34.74
N HIS G 233 41.37 -10.77 33.82
CA HIS G 233 40.05 -10.21 33.58
C HIS G 233 39.41 -10.91 32.38
N TYR G 234 39.08 -12.19 32.59
CA TYR G 234 38.73 -13.09 31.51
C TYR G 234 37.23 -13.14 31.27
N LEU G 235 36.82 -14.05 30.40
CA LEU G 235 35.41 -14.23 30.07
C LEU G 235 35.24 -15.65 29.55
N LEU G 236 34.22 -16.35 30.05
CA LEU G 236 34.07 -17.77 29.74
C LEU G 236 33.33 -17.96 28.42
N THR G 237 33.30 -19.22 27.99
CA THR G 237 32.56 -19.64 26.80
C THR G 237 31.87 -20.96 27.10
N LYS G 238 31.45 -21.63 26.04
CA LYS G 238 30.64 -22.84 26.15
C LYS G 238 30.89 -23.63 24.88
N SER G 239 31.78 -24.62 24.95
CA SER G 239 32.09 -25.44 23.78
C SER G 239 31.32 -26.74 23.80
N SER G 240 30.00 -26.60 23.75
CA SER G 240 29.12 -27.75 23.59
C SER G 240 28.85 -27.94 22.10
N GLY G 241 27.87 -28.77 21.78
CA GLY G 241 27.54 -29.09 20.40
C GLY G 241 27.73 -30.58 20.14
N PHE G 242 27.53 -30.96 18.89
CA PHE G 242 27.72 -32.35 18.53
C PHE G 242 29.03 -32.52 17.78
N ALA G 243 29.44 -33.78 17.64
CA ALA G 243 30.70 -34.13 16.98
C ALA G 243 30.41 -34.61 15.57
N PHE G 244 31.01 -33.94 14.59
CA PHE G 244 30.78 -34.29 13.19
C PHE G 244 31.71 -35.43 12.80
N SER G 245 31.13 -36.58 12.46
CA SER G 245 31.90 -37.76 12.14
C SER G 245 31.29 -38.48 10.95
N HIS G 246 32.08 -39.37 10.35
CA HIS G 246 31.64 -40.19 9.22
C HIS G 246 31.67 -41.67 9.57
N ALA G 247 31.87 -42.01 10.84
CA ALA G 247 32.01 -43.40 11.25
C ALA G 247 31.18 -43.69 12.50
N THR G 248 29.98 -43.12 12.57
CA THR G 248 29.19 -43.24 13.78
C THR G 248 27.80 -43.83 13.56
N ASN G 249 27.11 -43.42 12.48
CA ASN G 249 25.71 -43.67 12.09
C ASN G 249 24.72 -42.88 12.95
N GLU G 250 25.19 -42.12 13.93
CA GLU G 250 24.36 -41.21 14.69
C GLU G 250 25.21 -40.01 15.05
N ASN G 251 24.74 -39.21 16.00
CA ASN G 251 25.45 -38.01 16.40
C ASN G 251 25.49 -37.96 17.91
N TYR G 252 26.68 -37.75 18.46
CA TYR G 252 26.86 -37.70 19.91
C TYR G 252 27.30 -36.31 20.32
N ARG G 253 27.01 -35.96 21.58
CA ARG G 253 27.44 -34.70 22.13
C ARG G 253 28.95 -34.72 22.37
N LYS G 254 29.53 -33.53 22.46
CA LYS G 254 30.93 -33.42 22.86
C LYS G 254 30.99 -33.35 24.39
N GLN G 255 32.16 -33.04 24.93
CA GLN G 255 32.39 -33.12 26.36
C GLN G 255 32.32 -31.77 27.07
N ASP G 256 32.01 -30.69 26.33
CA ASP G 256 31.49 -29.44 26.89
C ASP G 256 32.47 -28.78 27.85
N LEU G 257 33.60 -28.35 27.30
CA LEU G 257 34.57 -27.62 28.10
C LEU G 257 34.32 -26.11 27.99
N TYR G 258 34.85 -25.37 28.96
CA TYR G 258 34.71 -23.93 28.99
C TYR G 258 36.05 -23.30 28.71
N LYS G 259 36.12 -22.43 27.73
CA LYS G 259 37.37 -21.77 27.39
C LYS G 259 37.30 -20.29 27.74
N PHE G 260 38.47 -19.67 27.81
CA PHE G 260 38.59 -18.25 28.10
C PHE G 260 38.52 -17.47 26.80
N ALA G 261 37.45 -16.68 26.63
CA ALA G 261 37.18 -16.01 25.37
C ALA G 261 38.26 -14.97 25.03
N SER G 262 38.32 -14.63 23.75
CA SER G 262 39.32 -13.69 23.26
C SER G 262 39.08 -12.30 23.82
N GLY G 263 40.16 -11.63 24.19
CA GLY G 263 40.08 -10.42 24.96
C GLY G 263 40.33 -10.63 26.44
N SER G 264 40.62 -11.85 26.86
CA SER G 264 40.89 -12.15 28.25
C SER G 264 42.27 -11.60 28.60
N THR G 265 42.30 -10.42 29.21
CA THR G 265 43.55 -9.76 29.55
C THR G 265 44.09 -10.39 30.83
N PHE G 266 45.11 -11.22 30.69
CA PHE G 266 45.74 -11.81 31.86
C PHE G 266 46.91 -10.94 32.31
N SER G 267 47.53 -11.30 33.42
CA SER G 267 48.71 -10.57 33.85
C SER G 267 49.94 -10.99 33.07
N LYS G 268 49.98 -12.25 32.63
CA LYS G 268 51.11 -12.75 31.88
C LYS G 268 50.63 -13.91 31.02
N THR G 269 51.48 -14.34 30.10
CA THR G 269 51.11 -15.41 29.19
C THR G 269 51.13 -16.76 29.90
N PHE G 270 50.63 -17.76 29.19
CA PHE G 270 50.64 -19.14 29.67
C PHE G 270 50.80 -20.05 28.47
N GLU G 271 50.63 -21.34 28.70
CA GLU G 271 50.68 -22.33 27.63
C GLU G 271 49.42 -23.18 27.73
N GLY G 272 48.70 -23.30 26.63
CA GLY G 272 47.47 -24.07 26.58
C GLY G 272 47.58 -25.24 25.63
N GLN G 273 46.68 -26.18 25.80
CA GLN G 273 46.71 -27.44 25.07
C GLN G 273 45.58 -27.48 24.05
N ILE G 274 45.49 -28.61 23.37
CA ILE G 274 44.37 -28.92 22.48
C ILE G 274 43.54 -29.96 23.20
N VAL G 275 42.38 -29.57 23.70
CA VAL G 275 41.61 -30.40 24.60
C VAL G 275 40.87 -31.47 23.82
N ASP G 276 41.05 -32.73 24.22
CA ASP G 276 40.41 -33.86 23.57
C ASP G 276 39.04 -34.06 24.20
N VAL G 277 37.99 -33.92 23.41
CA VAL G 277 36.62 -33.99 23.93
C VAL G 277 35.88 -35.17 23.32
N ARG G 278 36.59 -36.28 23.14
CA ARG G 278 36.00 -37.56 22.70
C ARG G 278 34.80 -37.94 23.52
N PRO G 279 33.67 -38.28 22.90
CA PRO G 279 32.56 -38.87 23.66
C PRO G 279 32.92 -40.23 24.23
N LEU G 280 32.14 -40.69 25.19
CA LEU G 280 32.38 -42.01 25.75
C LEU G 280 32.03 -43.07 24.71
N ASP G 281 32.94 -44.03 24.52
CA ASP G 281 32.86 -45.09 23.51
C ASP G 281 32.73 -44.48 22.11
N PHE G 282 33.79 -43.79 21.69
CA PHE G 282 33.78 -43.10 20.41
C PHE G 282 35.04 -43.46 19.62
N PRO G 283 34.91 -43.74 18.31
CA PRO G 283 36.05 -44.29 17.54
C PRO G 283 37.28 -43.40 17.41
N HIS G 284 37.13 -42.21 16.85
CA HIS G 284 38.28 -41.36 16.61
C HIS G 284 38.35 -40.29 17.69
N ALA G 285 39.23 -39.32 17.50
CA ALA G 285 39.48 -38.29 18.49
C ALA G 285 38.89 -36.97 18.02
N VAL G 286 37.97 -36.42 18.81
CA VAL G 286 37.40 -35.10 18.57
C VAL G 286 38.16 -34.11 19.42
N LEU G 287 38.84 -33.18 18.77
CA LEU G 287 39.75 -32.27 19.45
C LEU G 287 39.09 -30.91 19.63
N ASN G 288 39.79 -30.01 20.29
CA ASN G 288 39.32 -28.62 20.46
C ASN G 288 40.56 -27.79 20.66
N TYR G 289 40.83 -26.89 19.72
CA TYR G 289 42.01 -26.05 19.78
C TYR G 289 41.85 -25.00 20.87
N ALA G 290 42.75 -25.02 21.84
CA ALA G 290 42.75 -24.01 22.89
C ALA G 290 44.15 -23.50 23.17
N LYS G 291 45.05 -23.60 22.19
CA LYS G 291 46.35 -22.99 22.34
C LYS G 291 46.21 -21.48 22.27
N PRO G 292 46.85 -20.73 23.15
CA PRO G 292 46.65 -19.29 23.20
C PRO G 292 47.60 -18.55 22.28
N LEU G 293 47.25 -17.29 22.05
CA LEU G 293 48.06 -16.36 21.29
C LEU G 293 47.74 -14.96 21.79
N PHE G 294 48.78 -14.18 22.00
CA PHE G 294 48.71 -13.06 22.94
C PHE G 294 49.02 -11.73 22.26
N PHE G 295 48.96 -10.67 23.05
CA PHE G 295 49.04 -9.31 22.54
C PHE G 295 49.41 -8.39 23.68
N LYS G 296 50.54 -7.70 23.57
CA LYS G 296 51.02 -6.82 24.65
C LYS G 296 50.19 -5.53 24.70
N LEU G 297 50.50 -4.70 25.70
CA LEU G 297 49.92 -3.37 25.79
C LEU G 297 50.91 -2.40 26.43
N ASN H 3 -44.96 1.66 -19.47
CA ASN H 3 -46.32 1.91 -19.94
C ASN H 3 -46.72 3.37 -19.79
N ASP H 4 -45.86 4.16 -19.16
CA ASP H 4 -46.09 5.58 -19.03
C ASP H 4 -45.86 6.30 -20.35
N TYR H 5 -45.14 5.66 -21.27
CA TYR H 5 -44.91 6.20 -22.61
C TYR H 5 -46.22 6.28 -23.38
N ARG H 6 -46.37 7.33 -24.17
CA ARG H 6 -47.46 7.43 -25.14
C ARG H 6 -46.96 8.20 -26.35
N THR H 7 -47.04 7.56 -27.52
CA THR H 7 -46.38 8.08 -28.71
C THR H 7 -47.30 9.02 -29.46
N PHE H 8 -46.78 9.59 -30.54
CA PHE H 8 -47.54 10.45 -31.43
C PHE H 8 -47.05 10.22 -32.85
N LYS H 9 -47.86 10.67 -33.81
CA LYS H 9 -47.49 10.59 -35.22
C LYS H 9 -47.63 11.99 -35.80
N LEU H 10 -46.51 12.71 -35.87
CA LEU H 10 -46.51 14.04 -36.47
C LEU H 10 -46.33 13.85 -37.98
N SER H 11 -47.44 13.89 -38.70
CA SER H 11 -47.41 13.77 -40.16
C SER H 11 -47.05 15.14 -40.73
N LEU H 12 -45.75 15.36 -40.91
CA LEU H 12 -45.24 16.61 -41.44
C LEU H 12 -45.52 16.66 -42.94
N LEU H 13 -46.24 17.68 -43.39
CA LEU H 13 -46.50 17.91 -44.80
C LEU H 13 -45.80 19.19 -45.22
N THR H 14 -44.85 19.06 -46.13
CA THR H 14 -44.09 20.21 -46.61
C THR H 14 -44.96 21.03 -47.55
N LEU H 15 -45.20 22.29 -47.20
CA LEU H 15 -45.89 23.21 -48.10
C LEU H 15 -44.95 24.27 -48.64
N ALA H 16 -43.66 23.99 -48.64
CA ALA H 16 -42.62 24.95 -48.97
C ALA H 16 -41.33 24.19 -49.22
N PRO H 17 -40.37 24.80 -49.91
CA PRO H 17 -39.03 24.19 -49.99
C PRO H 17 -38.38 24.16 -48.62
N ILE H 18 -37.99 22.97 -48.19
CA ILE H 18 -37.38 22.75 -46.88
C ILE H 18 -36.00 22.15 -47.08
N HIS H 19 -34.98 22.88 -46.67
CA HIS H 19 -33.60 22.41 -46.69
C HIS H 19 -33.16 22.12 -45.27
N ILE H 20 -32.43 21.02 -45.08
CA ILE H 20 -31.92 20.65 -43.76
C ILE H 20 -30.48 20.17 -43.88
N GLY H 21 -29.55 20.92 -43.31
CA GLY H 21 -28.37 20.26 -42.79
C GLY H 21 -27.12 20.06 -43.61
N ASN H 22 -26.31 19.12 -43.10
CA ASN H 22 -25.13 18.48 -43.67
C ASN H 22 -23.91 19.38 -43.66
N GLY H 23 -24.08 20.66 -43.36
CA GLY H 23 -22.98 21.60 -43.11
C GLY H 23 -21.90 21.79 -44.16
N GLU H 24 -22.08 21.20 -45.34
CA GLU H 24 -21.08 21.26 -46.39
C GLU H 24 -21.80 21.49 -47.71
N LYS H 25 -21.04 21.86 -48.72
CA LYS H 25 -21.61 22.40 -49.94
C LYS H 25 -20.84 21.94 -51.16
N TYR H 26 -21.56 21.63 -52.22
CA TYR H 26 -20.92 21.50 -53.51
C TYR H 26 -20.63 22.90 -54.03
N THR H 27 -19.37 23.16 -54.36
CA THR H 27 -19.00 24.48 -54.86
C THR H 27 -19.40 24.60 -56.33
N SER H 28 -18.99 25.68 -56.97
CA SER H 28 -19.09 25.71 -58.41
C SER H 28 -18.05 24.78 -59.01
N ARG H 29 -18.26 24.44 -60.29
CA ARG H 29 -17.45 23.48 -61.05
C ARG H 29 -17.46 22.10 -60.40
N GLU H 30 -18.56 21.72 -59.76
CA GLU H 30 -18.69 20.40 -59.16
C GLU H 30 -20.02 19.76 -59.51
N PHE H 31 -20.57 20.14 -60.65
CA PHE H 31 -21.86 19.65 -61.14
C PHE H 31 -21.92 19.92 -62.62
N ILE H 32 -22.59 19.04 -63.35
CA ILE H 32 -22.69 19.18 -64.80
C ILE H 32 -24.16 19.30 -65.17
N TYR H 33 -24.47 20.30 -65.99
CA TYR H 33 -25.83 20.53 -66.47
C TYR H 33 -25.89 20.00 -67.90
N GLU H 34 -25.97 18.67 -68.01
CA GLU H 34 -25.95 18.03 -69.31
C GLU H 34 -27.33 18.06 -69.96
N ASN H 35 -28.28 17.37 -69.36
CA ASN H 35 -29.68 17.41 -69.77
C ASN H 35 -30.38 18.47 -68.93
N LYS H 36 -31.72 18.44 -68.91
CA LYS H 36 -32.48 19.27 -67.98
C LYS H 36 -32.62 18.57 -66.63
N LYS H 37 -31.47 18.24 -66.05
CA LYS H 37 -31.35 17.59 -64.76
C LYS H 37 -29.90 17.72 -64.31
N PHE H 38 -29.72 17.99 -63.01
CA PHE H 38 -28.40 18.18 -62.46
C PHE H 38 -27.76 16.82 -62.19
N TYR H 39 -26.43 16.84 -62.03
CA TYR H 39 -25.67 15.64 -61.71
C TYR H 39 -24.50 16.04 -60.84
N PHE H 40 -24.42 15.43 -59.65
CA PHE H 40 -23.37 15.76 -58.70
C PHE H 40 -22.44 14.56 -58.55
N PRO H 41 -21.30 14.56 -59.21
CA PRO H 41 -20.44 13.37 -59.22
C PRO H 41 -19.68 13.23 -57.91
N ASP H 42 -18.91 12.16 -57.83
CA ASP H 42 -17.86 12.03 -56.82
C ASP H 42 -16.61 12.63 -57.44
N MET H 43 -16.19 13.80 -56.93
CA MET H 43 -15.11 14.54 -57.56
C MET H 43 -13.74 13.92 -57.32
N GLY H 44 -13.63 12.93 -56.45
CA GLY H 44 -12.44 12.12 -56.39
C GLY H 44 -12.47 11.08 -57.48
N LYS H 45 -13.66 10.52 -57.72
CA LYS H 45 -13.85 9.57 -58.80
C LYS H 45 -13.84 10.27 -60.15
N PHE H 46 -14.30 11.52 -60.19
CA PHE H 46 -14.21 12.32 -61.41
C PHE H 46 -12.77 12.65 -61.74
N TYR H 47 -11.96 12.91 -60.72
CA TYR H 47 -10.56 13.26 -60.94
C TYR H 47 -9.75 12.05 -61.38
N ASN H 48 -10.12 10.86 -60.91
CA ASN H 48 -9.32 9.68 -61.22
C ASN H 48 -9.53 9.23 -62.65
N LYS H 49 -10.76 9.31 -63.17
CA LYS H 49 -11.02 9.01 -64.57
C LYS H 49 -10.37 9.99 -65.51
N MET H 50 -10.29 11.26 -65.11
CA MET H 50 -9.77 12.32 -65.96
C MET H 50 -8.25 12.38 -65.96
N VAL H 51 -7.59 11.94 -64.89
CA VAL H 51 -6.15 11.73 -64.95
C VAL H 51 -5.83 10.59 -65.91
N GLU H 52 -6.65 9.54 -65.91
CA GLU H 52 -6.47 8.46 -66.86
C GLU H 52 -6.75 8.88 -68.29
N LYS H 53 -7.61 9.89 -68.48
CA LYS H 53 -7.82 10.47 -69.80
C LYS H 53 -6.87 11.63 -70.08
N ARG H 54 -5.87 11.83 -69.22
CA ARG H 54 -4.73 12.73 -69.45
C ARG H 54 -5.20 14.17 -69.66
N LEU H 55 -5.83 14.72 -68.62
CA LEU H 55 -6.37 16.06 -68.69
C LEU H 55 -6.15 16.84 -67.40
N ALA H 56 -5.31 16.36 -66.49
CA ALA H 56 -5.19 16.96 -65.17
C ALA H 56 -4.50 18.31 -65.21
N GLU H 57 -3.51 18.49 -66.09
CA GLU H 57 -2.91 19.80 -66.25
C GLU H 57 -3.86 20.78 -66.91
N LYS H 58 -4.71 20.28 -67.81
CA LYS H 58 -5.73 21.14 -68.40
C LYS H 58 -6.83 21.46 -67.39
N PHE H 59 -7.11 20.53 -66.47
CA PHE H 59 -8.19 20.71 -65.51
C PHE H 59 -7.84 21.72 -64.43
N GLU H 60 -6.58 21.73 -63.98
CA GLU H 60 -6.18 22.78 -63.06
C GLU H 60 -6.04 24.12 -63.76
N ALA H 61 -5.70 24.10 -65.05
CA ALA H 61 -5.75 25.31 -65.86
C ALA H 61 -7.18 25.74 -66.17
N PHE H 62 -8.15 24.84 -66.00
CA PHE H 62 -9.55 25.15 -66.16
C PHE H 62 -10.13 25.87 -64.93
N LEU H 63 -9.60 25.59 -63.74
CA LEU H 63 -10.16 26.11 -62.50
C LEU H 63 -9.49 27.39 -62.04
N ILE H 64 -8.83 28.11 -62.94
CA ILE H 64 -8.19 29.37 -62.59
C ILE H 64 -8.65 30.54 -63.43
N GLN H 65 -9.13 30.31 -64.64
CA GLN H 65 -9.40 31.36 -65.62
C GLN H 65 -10.90 31.52 -65.77
N THR H 66 -11.39 32.74 -65.60
CA THR H 66 -12.79 33.07 -65.73
C THR H 66 -13.08 33.65 -67.12
N ARG H 67 -14.36 33.58 -67.51
CA ARG H 67 -14.81 34.05 -68.80
C ARG H 67 -15.93 35.06 -68.58
N PRO H 68 -16.19 35.94 -69.56
CA PRO H 68 -17.36 36.83 -69.45
C PRO H 68 -18.68 36.07 -69.53
N ASN H 69 -18.71 34.96 -70.26
CA ASN H 69 -19.82 34.05 -70.18
C ASN H 69 -19.74 33.25 -68.88
N ALA H 70 -20.85 32.66 -68.47
CA ALA H 70 -20.87 31.90 -67.22
C ALA H 70 -21.04 30.41 -67.41
N ARG H 71 -21.67 29.97 -68.51
CA ARG H 71 -21.83 28.54 -68.73
C ARG H 71 -20.51 27.87 -69.12
N ASN H 72 -19.54 28.64 -69.60
CA ASN H 72 -18.22 28.11 -69.85
C ASN H 72 -17.31 28.16 -68.63
N ASN H 73 -17.81 28.66 -67.50
CA ASN H 73 -17.12 28.55 -66.22
C ASN H 73 -17.78 27.54 -65.31
N ARG H 74 -18.50 26.58 -65.87
CA ARG H 74 -19.03 25.45 -65.12
C ARG H 74 -18.38 24.18 -65.64
N LEU H 75 -18.64 23.08 -64.95
CA LEU H 75 -17.94 21.83 -65.22
C LEU H 75 -18.38 21.18 -66.52
N ILE H 76 -19.54 21.56 -67.06
CA ILE H 76 -20.02 20.97 -68.30
C ILE H 76 -19.22 21.46 -69.50
N SER H 77 -18.59 22.64 -69.40
CA SER H 77 -17.76 23.12 -70.49
C SER H 77 -16.46 22.34 -70.60
N PHE H 78 -15.92 21.89 -69.47
CA PHE H 78 -14.73 21.05 -69.50
C PHE H 78 -15.02 19.68 -70.12
N LEU H 79 -16.28 19.24 -70.08
CA LEU H 79 -16.62 17.98 -70.73
C LEU H 79 -16.78 18.15 -72.22
N ASN H 80 -17.42 19.25 -72.66
CA ASN H 80 -17.68 19.43 -74.08
C ASN H 80 -16.44 19.86 -74.85
N ASP H 81 -15.53 20.60 -74.20
CA ASP H 81 -14.28 20.97 -74.84
C ASP H 81 -13.29 19.83 -74.91
N ASN H 82 -13.57 18.70 -74.27
CA ASN H 82 -12.68 17.56 -74.28
C ASN H 82 -13.43 16.26 -74.59
N ARG H 83 -14.72 16.34 -74.91
CA ARG H 83 -15.53 15.26 -75.50
C ARG H 83 -15.66 14.07 -74.56
N ILE H 84 -16.09 14.36 -73.33
CA ILE H 84 -16.34 13.32 -72.34
C ILE H 84 -17.73 12.73 -72.60
N ALA H 85 -17.81 11.41 -72.68
CA ALA H 85 -19.01 10.73 -73.15
C ALA H 85 -19.40 9.58 -72.24
N GLU H 86 -19.46 9.84 -70.93
CA GLU H 86 -19.93 8.83 -69.99
C GLU H 86 -20.67 9.51 -68.85
N ARG H 87 -21.62 8.80 -68.26
CA ARG H 87 -22.17 9.28 -67.00
C ARG H 87 -21.30 8.78 -65.86
N SER H 88 -21.35 7.49 -65.55
CA SER H 88 -20.29 6.62 -65.02
C SER H 88 -19.57 7.09 -63.75
N PHE H 89 -19.89 8.24 -63.17
CA PHE H 89 -19.16 8.73 -62.01
C PHE H 89 -19.94 8.38 -60.75
N GLY H 90 -19.54 8.99 -59.63
CA GLY H 90 -20.23 8.81 -58.36
C GLY H 90 -21.68 9.24 -58.46
N GLY H 91 -22.56 8.25 -58.52
CA GLY H 91 -23.89 8.45 -59.06
C GLY H 91 -24.86 9.16 -58.15
N TYR H 92 -25.12 10.41 -58.47
CA TYR H 92 -26.15 11.19 -57.78
C TYR H 92 -26.62 12.29 -58.72
N SER H 93 -27.92 12.34 -58.97
CA SER H 93 -28.48 13.25 -59.95
C SER H 93 -29.89 13.65 -59.53
N ILE H 94 -30.20 14.93 -59.67
CA ILE H 94 -31.55 15.42 -59.42
C ILE H 94 -32.07 16.09 -60.69
N SER H 95 -33.38 16.12 -60.80
CA SER H 95 -34.01 16.86 -61.89
C SER H 95 -34.11 18.33 -61.52
N GLU H 96 -34.57 19.14 -62.48
CA GLU H 96 -34.69 20.57 -62.26
C GLU H 96 -36.01 21.05 -62.80
N THR H 97 -36.28 22.34 -62.61
CA THR H 97 -37.55 22.95 -62.96
C THR H 97 -37.44 24.09 -63.95
N GLY H 98 -36.32 24.80 -63.99
CA GLY H 98 -36.19 26.01 -64.76
C GLY H 98 -36.25 27.27 -63.92
N LEU H 99 -36.66 27.15 -62.66
CA LEU H 99 -36.69 28.27 -61.73
C LEU H 99 -35.43 28.33 -60.87
N GLU H 100 -34.50 27.41 -61.08
CA GLU H 100 -33.25 27.40 -60.34
C GLU H 100 -32.39 28.60 -60.71
N SER H 101 -32.15 28.75 -62.01
CA SER H 101 -31.38 29.85 -62.54
C SER H 101 -32.34 30.94 -62.96
N ASP H 102 -31.80 32.00 -63.55
CA ASP H 102 -32.63 33.07 -64.08
C ASP H 102 -33.46 32.46 -65.21
N LYS H 103 -34.72 32.86 -65.32
CA LYS H 103 -35.60 32.27 -66.32
C LYS H 103 -35.07 32.43 -67.73
N ASN H 104 -34.38 33.55 -67.99
CA ASN H 104 -33.81 33.77 -69.30
C ASN H 104 -32.80 32.66 -69.54
N PRO H 105 -32.76 32.15 -70.79
CA PRO H 105 -31.93 31.05 -71.27
C PRO H 105 -30.41 31.26 -71.20
N ASN H 106 -29.95 32.46 -71.46
CA ASN H 106 -28.50 32.70 -71.46
C ASN H 106 -27.84 32.39 -70.12
N SER H 107 -28.51 32.73 -69.03
CA SER H 107 -27.97 32.50 -67.70
C SER H 107 -28.30 31.13 -67.11
N ALA H 108 -29.12 30.34 -67.82
CA ALA H 108 -29.53 29.03 -67.32
C ALA H 108 -28.38 28.03 -67.16
N GLY H 109 -28.43 27.28 -66.07
CA GLY H 109 -27.43 26.25 -65.77
C GLY H 109 -26.14 26.80 -65.20
N ALA H 110 -26.13 28.09 -64.91
CA ALA H 110 -24.97 28.80 -64.39
C ALA H 110 -25.14 29.13 -62.92
N ILE H 111 -25.74 28.21 -62.18
CA ILE H 111 -25.90 28.35 -60.73
C ILE H 111 -24.55 28.07 -60.09
N ASN H 112 -24.42 28.36 -58.81
CA ASN H 112 -23.13 28.24 -58.14
C ASN H 112 -23.31 28.05 -56.64
N GLU H 113 -22.47 27.19 -56.06
CA GLU H 113 -22.43 26.93 -54.61
C GLU H 113 -23.78 26.44 -54.09
N VAL H 114 -24.16 25.23 -54.51
CA VAL H 114 -25.34 24.65 -53.92
C VAL H 114 -24.97 24.14 -52.53
N ASN H 115 -25.96 24.07 -51.65
CA ASN H 115 -25.73 23.45 -50.37
C ASN H 115 -26.07 21.97 -50.47
N LYS H 116 -25.96 21.26 -49.35
CA LYS H 116 -26.32 19.86 -49.34
C LYS H 116 -27.42 19.61 -48.32
N PHE H 117 -28.11 18.50 -48.53
CA PHE H 117 -29.16 18.05 -47.63
C PHE H 117 -28.60 16.92 -46.78
N ILE H 118 -29.05 16.83 -45.53
CA ILE H 118 -28.49 15.84 -44.61
C ILE H 118 -28.93 14.44 -45.02
N ARG H 119 -28.00 13.49 -44.97
CA ARG H 119 -28.27 12.14 -45.43
C ARG H 119 -27.67 11.15 -44.46
N ASP H 120 -28.07 9.89 -44.59
CA ASP H 120 -27.37 8.81 -43.93
C ASP H 120 -26.18 8.39 -44.77
N ALA H 121 -25.49 7.32 -44.37
CA ALA H 121 -24.36 6.84 -45.15
C ALA H 121 -24.80 6.04 -46.37
N PHE H 122 -26.10 5.83 -46.56
CA PHE H 122 -26.59 5.12 -47.72
C PHE H 122 -26.79 6.04 -48.92
N GLY H 123 -27.17 7.29 -48.66
CA GLY H 123 -27.44 8.26 -49.71
C GLY H 123 -28.86 8.74 -49.76
N ASN H 124 -29.77 8.09 -49.06
CA ASN H 124 -31.17 8.48 -49.07
C ASN H 124 -31.40 9.57 -48.04
N PRO H 125 -31.96 10.72 -48.42
CA PRO H 125 -32.07 11.83 -47.47
C PRO H 125 -33.19 11.60 -46.48
N TYR H 126 -33.15 12.36 -45.40
CA TYR H 126 -34.17 12.30 -44.37
C TYR H 126 -34.12 13.61 -43.58
N ILE H 127 -35.21 13.89 -42.87
CA ILE H 127 -35.24 14.97 -41.89
C ILE H 127 -34.93 14.36 -40.53
N PRO H 128 -33.86 14.78 -39.86
CA PRO H 128 -33.49 14.15 -38.60
C PRO H 128 -34.38 14.62 -37.47
N GLY H 129 -34.44 13.79 -36.41
CA GLY H 129 -35.24 14.12 -35.26
C GLY H 129 -34.69 15.27 -34.46
N SER H 130 -33.37 15.49 -34.53
CA SER H 130 -32.79 16.63 -33.84
C SER H 130 -33.16 17.94 -34.51
N SER H 131 -33.44 17.91 -35.82
CA SER H 131 -33.87 19.12 -36.50
C SER H 131 -35.34 19.40 -36.30
N LEU H 132 -36.16 18.36 -36.20
CA LEU H 132 -37.59 18.57 -36.00
C LEU H 132 -37.88 18.97 -34.56
N LYS H 133 -37.01 18.60 -33.63
CA LYS H 133 -37.23 18.92 -32.22
C LYS H 133 -36.92 20.38 -31.93
N GLY H 134 -35.95 20.97 -32.63
CA GLY H 134 -35.67 22.38 -32.47
C GLY H 134 -36.78 23.28 -32.98
N ALA H 135 -37.58 22.79 -33.93
CA ALA H 135 -38.75 23.54 -34.36
C ALA H 135 -39.84 23.48 -33.30
N ILE H 136 -40.00 22.33 -32.64
CA ILE H 136 -41.00 22.18 -31.59
C ILE H 136 -40.64 23.04 -30.38
N ARG H 137 -39.34 23.19 -30.10
CA ARG H 137 -38.92 23.87 -28.90
C ARG H 137 -39.23 25.37 -28.95
N THR H 138 -39.07 25.99 -30.13
CA THR H 138 -39.43 27.40 -30.30
C THR H 138 -40.93 27.63 -30.17
N ILE H 139 -41.74 26.66 -30.58
CA ILE H 139 -43.18 26.74 -30.36
C ILE H 139 -43.48 26.61 -28.87
N LEU H 140 -42.77 25.72 -28.19
CA LEU H 140 -42.93 25.58 -26.76
C LEU H 140 -42.24 26.70 -25.99
N MET H 141 -41.26 27.37 -26.59
CA MET H 141 -40.71 28.59 -25.97
C MET H 141 -41.72 29.72 -26.02
N ASN H 142 -42.18 30.07 -27.22
CA ASN H 142 -42.88 31.33 -27.44
C ASN H 142 -44.33 31.33 -26.97
N THR H 143 -44.94 30.16 -26.78
CA THR H 143 -46.32 30.12 -26.32
C THR H 143 -46.46 29.58 -24.90
N THR H 144 -45.36 29.48 -24.16
CA THR H 144 -45.59 29.54 -22.74
C THR H 144 -45.51 30.98 -22.26
N PRO H 145 -46.32 31.37 -21.26
CA PRO H 145 -46.12 32.68 -20.63
C PRO H 145 -45.02 32.70 -19.60
N LYS H 146 -44.44 31.54 -19.27
CA LYS H 146 -43.48 31.42 -18.20
C LYS H 146 -42.04 31.34 -18.67
N TRP H 147 -41.81 31.01 -19.94
CA TRP H 147 -40.47 30.96 -20.52
C TRP H 147 -40.18 32.12 -21.45
N ASN H 148 -41.22 32.83 -21.90
CA ASN H 148 -41.08 33.97 -22.79
C ASN H 148 -41.01 35.29 -22.01
N ASN H 149 -40.52 35.23 -20.78
CA ASN H 149 -40.39 36.38 -19.90
C ASN H 149 -39.15 37.21 -20.25
N GLU H 150 -38.73 38.09 -19.33
CA GLU H 150 -37.48 38.83 -19.52
C GLU H 150 -36.32 37.85 -19.38
N ASN H 151 -36.08 37.13 -20.46
CA ASN H 151 -35.02 36.13 -20.54
C ASN H 151 -33.78 36.82 -21.09
N ALA H 152 -32.77 36.04 -21.47
CA ALA H 152 -31.52 36.51 -22.07
C ALA H 152 -30.79 37.48 -21.15
N VAL H 153 -30.78 37.17 -19.85
CA VAL H 153 -29.92 37.92 -18.95
C VAL H 153 -28.48 37.51 -19.22
N ASN H 154 -27.64 38.50 -19.51
CA ASN H 154 -26.25 38.18 -19.77
C ASN H 154 -25.48 38.00 -18.47
N ASP H 155 -25.60 38.98 -17.56
CA ASP H 155 -24.96 39.12 -16.25
C ASP H 155 -23.46 39.34 -16.37
N PHE H 156 -22.91 39.27 -17.59
CA PHE H 156 -21.48 39.36 -17.85
C PHE H 156 -21.34 39.81 -19.30
N GLY H 157 -20.36 40.68 -19.55
CA GLY H 157 -19.87 40.95 -20.90
C GLY H 157 -20.85 41.48 -21.92
N ARG H 158 -21.23 40.62 -22.87
CA ARG H 158 -22.13 40.98 -23.95
C ARG H 158 -23.49 40.33 -23.75
N PHE H 159 -24.53 41.05 -24.12
CA PHE H 159 -25.94 40.66 -24.06
C PHE H 159 -26.41 39.35 -24.70
N PRO H 160 -25.84 38.82 -25.86
CA PRO H 160 -26.44 37.62 -26.48
C PRO H 160 -26.57 36.32 -25.69
N LYS H 161 -26.09 36.26 -24.45
CA LYS H 161 -26.14 35.01 -23.69
C LYS H 161 -27.55 34.79 -23.17
N GLU H 162 -28.27 33.87 -23.80
CA GLU H 162 -29.54 33.40 -23.25
C GLU H 162 -29.29 32.62 -21.96
N ASN H 163 -30.16 32.81 -20.98
CA ASN H 163 -30.16 31.94 -19.81
C ASN H 163 -30.67 30.57 -20.24
N LYS H 164 -29.74 29.67 -20.59
CA LYS H 164 -30.12 28.30 -20.93
C LYS H 164 -30.62 27.55 -19.71
N ASN H 165 -30.18 27.94 -18.52
CA ASN H 165 -30.69 27.39 -17.26
C ASN H 165 -31.95 28.12 -16.84
N LEU H 166 -32.97 28.00 -17.67
CA LEU H 166 -34.32 28.49 -17.42
C LEU H 166 -35.34 27.39 -17.58
N ILE H 167 -35.13 26.47 -18.52
CA ILE H 167 -35.84 25.20 -18.52
C ILE H 167 -34.90 24.21 -17.83
N PRO H 168 -35.35 23.44 -16.84
CA PRO H 168 -34.44 22.53 -16.14
C PRO H 168 -34.09 21.33 -17.01
N TRP H 169 -32.79 21.10 -17.17
CA TRP H 169 -32.33 19.98 -17.99
C TRP H 169 -31.22 19.15 -17.38
N GLY H 170 -30.44 19.68 -16.43
CA GLY H 170 -29.28 18.98 -15.95
C GLY H 170 -29.61 17.82 -15.02
N PRO H 171 -28.57 17.20 -14.47
CA PRO H 171 -28.80 16.22 -13.41
C PRO H 171 -29.33 16.85 -12.14
N LYS H 172 -28.85 18.06 -11.79
CA LYS H 172 -29.38 18.87 -10.69
C LYS H 172 -29.30 18.14 -9.35
N LYS H 173 -28.09 18.00 -8.81
CA LYS H 173 -27.82 17.18 -7.62
C LYS H 173 -28.69 17.55 -6.43
N GLY H 174 -28.91 16.56 -5.58
CA GLY H 174 -29.81 16.72 -4.46
C GLY H 174 -31.27 16.54 -4.88
N LYS H 175 -31.77 17.45 -5.69
CA LYS H 175 -33.18 17.42 -6.08
C LYS H 175 -33.42 16.33 -7.13
N GLU H 176 -34.69 16.05 -7.36
CA GLU H 176 -35.07 14.98 -8.26
C GLU H 176 -35.01 15.45 -9.71
N TYR H 177 -34.57 14.57 -10.59
CA TYR H 177 -34.37 14.84 -12.01
C TYR H 177 -35.72 14.97 -12.71
N ASP H 178 -36.05 16.19 -13.15
CA ASP H 178 -37.28 16.35 -13.92
C ASP H 178 -37.03 16.32 -15.43
N ASP H 179 -36.32 17.33 -15.97
CA ASP H 179 -35.80 17.37 -17.34
C ASP H 179 -36.88 17.11 -18.39
N LEU H 180 -37.72 18.14 -18.57
CA LEU H 180 -38.87 18.09 -19.46
C LEU H 180 -38.52 17.60 -20.86
N PHE H 181 -37.44 18.12 -21.43
CA PHE H 181 -37.06 17.79 -22.79
C PHE H 181 -36.37 16.45 -22.92
N ASN H 182 -36.01 15.79 -21.81
CA ASN H 182 -35.67 14.38 -21.89
C ASN H 182 -36.92 13.55 -22.12
N ALA H 183 -38.06 14.03 -21.65
CA ALA H 183 -39.33 13.33 -21.77
C ALA H 183 -40.10 13.72 -23.03
N ILE H 184 -39.46 14.41 -23.96
CA ILE H 184 -39.99 14.61 -25.31
C ILE H 184 -38.95 14.02 -26.25
N ARG H 185 -39.29 12.96 -26.96
CA ARG H 185 -38.29 12.17 -27.67
C ARG H 185 -38.65 12.07 -29.14
N VAL H 186 -38.19 13.04 -29.91
CA VAL H 186 -38.46 13.09 -31.34
C VAL H 186 -37.56 12.10 -32.06
N SER H 187 -38.14 11.21 -32.85
CA SER H 187 -37.34 10.29 -33.64
C SER H 187 -37.11 10.88 -35.03
N ASP H 188 -36.29 10.19 -35.82
CA ASP H 188 -35.94 10.65 -37.16
C ASP H 188 -37.06 10.35 -38.14
N SER H 189 -36.83 10.67 -39.41
CA SER H 189 -37.79 10.35 -40.45
C SER H 189 -37.53 8.95 -41.00
N LYS H 190 -38.42 8.52 -41.86
CA LYS H 190 -38.08 7.46 -42.78
C LYS H 190 -37.24 8.06 -43.91
N PRO H 191 -36.22 7.35 -44.39
CA PRO H 191 -35.41 7.88 -45.49
C PRO H 191 -36.17 7.90 -46.79
N PHE H 192 -36.57 9.09 -47.24
CA PHE H 192 -37.33 9.22 -48.48
C PHE H 192 -36.40 9.26 -49.69
N ASP H 193 -36.95 9.61 -50.85
CA ASP H 193 -36.27 9.45 -52.13
C ASP H 193 -35.62 10.76 -52.56
N ASN H 194 -34.63 10.63 -53.45
CA ASN H 194 -33.92 11.81 -53.97
C ASN H 194 -34.80 12.65 -54.87
N LYS H 195 -35.87 12.09 -55.44
CA LYS H 195 -36.59 12.77 -56.51
C LYS H 195 -37.51 13.86 -55.98
N SER H 196 -37.65 13.99 -54.67
CA SER H 196 -38.37 15.11 -54.08
C SER H 196 -37.47 16.28 -53.74
N LEU H 197 -36.33 16.39 -54.41
CA LEU H 197 -35.37 17.48 -54.20
C LEU H 197 -35.32 18.35 -55.44
N ILE H 198 -35.38 19.67 -55.25
CA ILE H 198 -35.64 20.57 -56.37
C ILE H 198 -34.61 21.69 -56.50
N LEU H 199 -33.80 21.91 -55.45
CA LEU H 199 -32.68 22.84 -55.44
C LEU H 199 -33.13 24.29 -55.73
N VAL H 200 -33.86 24.84 -54.78
CA VAL H 200 -34.33 26.21 -54.89
C VAL H 200 -33.21 27.18 -54.57
N GLN H 201 -33.40 28.45 -54.90
CA GLN H 201 -32.48 29.51 -54.51
C GLN H 201 -33.18 30.50 -53.61
N LYS H 202 -32.40 31.17 -52.77
CA LYS H 202 -32.93 32.10 -51.80
C LYS H 202 -33.20 33.45 -52.46
N TRP H 203 -34.38 34.01 -52.20
CA TRP H 203 -34.77 35.31 -52.71
C TRP H 203 -35.07 36.23 -51.53
N ASP H 204 -34.36 37.34 -51.43
CA ASP H 204 -34.62 38.31 -50.38
C ASP H 204 -35.70 39.29 -50.83
N TYR H 205 -36.58 39.65 -49.90
CA TYR H 205 -37.66 40.59 -50.18
C TYR H 205 -37.83 41.54 -49.01
N SER H 206 -37.70 42.84 -49.27
CA SER H 206 -37.90 43.87 -48.27
C SER H 206 -39.14 44.69 -48.60
N ALA H 207 -39.53 45.54 -47.67
CA ALA H 207 -40.69 46.40 -47.89
C ALA H 207 -40.36 47.52 -48.88
N LYS H 208 -39.43 48.37 -48.52
CA LYS H 208 -38.80 49.25 -49.50
C LYS H 208 -37.92 48.41 -50.40
N THR H 209 -37.61 48.96 -51.59
CA THR H 209 -36.94 48.26 -52.69
C THR H 209 -37.71 46.98 -53.03
N ASN H 210 -38.91 47.21 -53.60
CA ASN H 210 -39.92 46.18 -53.81
C ASN H 210 -39.47 45.07 -54.78
N LYS H 211 -38.40 45.30 -55.54
CA LYS H 211 -37.80 44.22 -56.31
C LYS H 211 -37.23 43.16 -55.37
N ALA H 212 -37.59 41.90 -55.61
CA ALA H 212 -37.06 40.78 -54.83
C ALA H 212 -35.70 40.42 -55.38
N LYS H 213 -34.65 40.75 -54.65
CA LYS H 213 -33.29 40.59 -55.14
C LYS H 213 -32.87 39.12 -55.08
N PRO H 214 -32.11 38.65 -56.07
CA PRO H 214 -31.63 37.26 -56.02
C PRO H 214 -30.47 37.13 -55.04
N LEU H 215 -30.09 35.87 -54.80
CA LEU H 215 -29.02 35.62 -53.86
C LEU H 215 -28.42 34.27 -54.23
N PRO H 216 -27.08 34.12 -54.20
CA PRO H 216 -26.48 32.89 -54.72
C PRO H 216 -26.49 31.68 -53.80
N LEU H 217 -27.35 31.66 -52.79
CA LEU H 217 -27.61 30.40 -52.09
C LEU H 217 -28.42 29.49 -53.00
N TYR H 218 -28.07 28.21 -52.99
CA TYR H 218 -28.75 27.24 -53.85
C TYR H 218 -29.04 25.96 -53.09
N ARG H 219 -29.67 26.10 -51.92
CA ARG H 219 -30.03 25.00 -51.03
C ARG H 219 -30.85 23.94 -51.75
N GLU H 220 -30.36 22.69 -51.73
CA GLU H 220 -31.17 21.61 -52.29
C GLU H 220 -32.26 21.25 -51.28
N SER H 221 -33.47 21.70 -51.56
CA SER H 221 -34.56 21.62 -50.60
C SER H 221 -35.53 20.52 -50.99
N ILE H 222 -36.35 20.12 -50.03
CA ILE H 222 -37.44 19.18 -50.32
C ILE H 222 -38.50 19.90 -51.12
N SER H 223 -39.02 19.22 -52.16
CA SER H 223 -40.18 19.73 -52.87
C SER H 223 -41.38 19.76 -51.94
N PRO H 224 -42.28 20.73 -52.11
CA PRO H 224 -43.49 20.77 -51.29
C PRO H 224 -44.45 19.64 -51.67
N LEU H 225 -45.50 19.51 -50.83
CA LEU H 225 -46.51 18.44 -50.92
C LEU H 225 -45.88 17.06 -50.81
N THR H 226 -45.06 16.87 -49.78
CA THR H 226 -44.49 15.57 -49.46
C THR H 226 -44.80 15.24 -48.00
N LYS H 227 -45.26 14.02 -47.77
CA LYS H 227 -45.72 13.59 -46.45
C LYS H 227 -44.60 12.84 -45.76
N ILE H 228 -44.19 13.35 -44.59
CA ILE H 228 -43.11 12.76 -43.80
C ILE H 228 -43.64 12.57 -42.38
N GLU H 229 -43.49 11.38 -41.83
CA GLU H 229 -44.00 11.07 -40.51
C GLU H 229 -42.88 11.00 -39.48
N PHE H 230 -43.24 11.27 -38.23
CA PHE H 230 -42.31 11.28 -37.11
C PHE H 230 -42.95 10.57 -35.92
N GLU H 231 -42.16 9.79 -35.20
CA GLU H 231 -42.60 9.24 -33.93
C GLU H 231 -42.08 10.12 -32.81
N ILE H 232 -42.99 10.66 -32.00
CA ILE H 232 -42.64 11.48 -30.85
C ILE H 232 -43.21 10.79 -29.62
N THR H 233 -42.34 10.26 -28.78
CA THR H 233 -42.74 9.51 -27.60
C THR H 233 -42.51 10.37 -26.36
N THR H 234 -43.53 10.46 -25.51
CA THR H 234 -43.44 11.23 -24.27
C THR H 234 -43.74 10.35 -23.08
N THR H 235 -42.98 10.56 -22.01
CA THR H 235 -43.09 9.74 -20.81
C THR H 235 -44.01 10.35 -19.76
N THR H 236 -43.62 11.52 -19.24
CA THR H 236 -44.29 12.06 -18.07
C THR H 236 -45.57 12.80 -18.46
N ASP H 237 -46.27 13.29 -17.44
CA ASP H 237 -47.54 13.96 -17.66
C ASP H 237 -47.33 15.37 -18.21
N GLU H 238 -46.34 16.10 -17.68
CA GLU H 238 -46.09 17.47 -18.12
C GLU H 238 -45.60 17.50 -19.56
N ALA H 239 -44.71 16.60 -19.93
CA ALA H 239 -44.34 16.48 -21.34
C ALA H 239 -45.39 15.75 -22.14
N GLY H 240 -46.30 15.04 -21.49
CA GLY H 240 -47.41 14.44 -22.20
C GLY H 240 -48.38 15.49 -22.69
N ARG H 241 -48.70 16.47 -21.84
CA ARG H 241 -49.73 17.45 -22.16
C ARG H 241 -49.28 18.50 -23.16
N LEU H 242 -47.98 18.74 -23.30
CA LEU H 242 -47.50 19.83 -24.15
C LEU H 242 -47.36 19.42 -25.61
N ILE H 243 -47.82 18.23 -25.99
CA ILE H 243 -47.58 17.71 -27.33
C ILE H 243 -48.86 17.62 -28.14
N GLU H 244 -49.97 17.16 -27.55
CA GLU H 244 -51.24 17.31 -28.26
C GLU H 244 -51.72 18.75 -28.23
N GLU H 245 -51.16 19.58 -27.34
CA GLU H 245 -51.50 20.99 -27.26
C GLU H 245 -50.93 21.78 -28.43
N LEU H 246 -49.97 21.19 -29.18
CA LEU H 246 -49.26 21.87 -30.27
C LEU H 246 -50.17 22.41 -31.35
N GLY H 247 -51.35 21.82 -31.54
CA GLY H 247 -52.32 22.41 -32.45
C GLY H 247 -52.81 23.75 -32.00
N LYS H 248 -52.86 23.98 -30.70
CA LYS H 248 -53.17 25.29 -30.14
C LYS H 248 -51.91 26.09 -29.82
N ARG H 249 -50.74 25.48 -29.88
CA ARG H 249 -49.48 26.16 -29.60
C ARG H 249 -48.82 26.69 -30.86
N ALA H 250 -48.82 25.89 -31.93
CA ALA H 250 -48.18 26.34 -33.17
C ALA H 250 -49.00 27.40 -33.88
N GLN H 251 -50.33 27.34 -33.75
CA GLN H 251 -51.15 28.42 -34.29
C GLN H 251 -50.99 29.69 -33.48
N ALA H 252 -50.90 29.56 -32.15
CA ALA H 252 -50.68 30.73 -31.30
C ALA H 252 -49.29 31.30 -31.49
N PHE H 253 -48.33 30.45 -31.84
CA PHE H 253 -47.03 30.95 -32.27
C PHE H 253 -47.13 31.74 -33.57
N TYR H 254 -47.76 31.14 -34.57
CA TYR H 254 -47.83 31.77 -35.89
C TYR H 254 -48.74 32.98 -35.91
N LYS H 255 -49.77 33.00 -35.06
CA LYS H 255 -50.61 34.19 -34.94
C LYS H 255 -49.83 35.34 -34.31
N ASP H 256 -48.99 35.03 -33.31
CA ASP H 256 -48.09 36.03 -32.77
C ASP H 256 -46.98 36.37 -33.76
N TYR H 257 -46.66 35.43 -34.65
CA TYR H 257 -45.67 35.66 -35.70
C TYR H 257 -46.29 36.21 -36.98
N LYS H 258 -47.61 36.15 -37.13
CA LYS H 258 -48.22 36.93 -38.20
C LYS H 258 -48.33 38.40 -37.80
N ALA H 259 -48.32 38.68 -36.49
CA ALA H 259 -48.58 40.03 -35.98
C ALA H 259 -47.51 41.02 -36.40
N PHE H 260 -46.27 40.55 -36.53
CA PHE H 260 -45.23 41.32 -37.18
C PHE H 260 -44.29 40.34 -37.86
N PHE H 261 -43.61 40.83 -38.91
CA PHE H 261 -42.75 40.16 -39.88
C PHE H 261 -43.57 39.35 -40.90
N LEU H 262 -44.87 39.21 -40.66
CA LEU H 262 -45.80 38.76 -41.69
C LEU H 262 -46.91 39.78 -41.89
N SER H 263 -46.92 40.84 -41.11
CA SER H 263 -47.55 42.09 -41.51
C SER H 263 -46.51 42.88 -42.30
N GLU H 264 -46.80 44.16 -42.57
CA GLU H 264 -45.93 45.16 -43.27
C GLU H 264 -45.36 44.66 -44.61
N PHE H 265 -45.96 43.64 -45.19
CA PHE H 265 -45.60 43.01 -46.45
C PHE H 265 -46.84 42.95 -47.31
N PRO H 266 -46.71 42.78 -48.61
CA PRO H 266 -47.88 42.40 -49.41
C PRO H 266 -48.33 41.00 -49.04
N ASP H 267 -49.64 40.79 -49.16
CA ASP H 267 -50.22 39.48 -48.91
C ASP H 267 -50.00 38.52 -50.06
N ASP H 268 -49.42 38.99 -51.18
CA ASP H 268 -49.19 38.13 -52.33
C ASP H 268 -48.17 37.05 -52.01
N LYS H 269 -47.09 37.40 -51.33
CA LYS H 269 -45.98 36.47 -51.15
C LYS H 269 -46.27 35.46 -50.04
N ILE H 270 -47.00 35.88 -49.01
CA ILE H 270 -47.34 35.01 -47.90
C ILE H 270 -48.45 34.07 -48.33
N GLN H 271 -48.37 32.81 -47.92
CA GLN H 271 -49.38 31.83 -48.28
C GLN H 271 -50.15 31.37 -47.05
N ALA H 272 -51.20 30.59 -47.30
CA ALA H 272 -52.09 30.07 -46.27
C ALA H 272 -51.44 28.90 -45.54
N ASN H 273 -52.15 28.36 -44.57
CA ASN H 273 -51.61 27.34 -43.68
C ASN H 273 -52.15 25.95 -43.97
N LEU H 274 -53.48 25.80 -43.93
CA LEU H 274 -54.31 24.61 -44.21
C LEU H 274 -54.11 23.46 -43.21
N GLN H 275 -53.15 23.58 -42.31
CA GLN H 275 -52.86 22.62 -41.24
C GLN H 275 -52.25 23.41 -40.08
N TYR H 276 -51.58 22.71 -39.19
CA TYR H 276 -50.86 23.35 -38.10
C TYR H 276 -49.49 23.79 -38.60
N PRO H 277 -49.17 25.08 -38.59
CA PRO H 277 -47.92 25.54 -39.22
C PRO H 277 -46.70 25.33 -38.33
N ILE H 278 -45.56 25.11 -38.98
CA ILE H 278 -44.29 24.92 -38.30
C ILE H 278 -43.18 25.28 -39.29
N TYR H 279 -42.03 25.68 -38.76
CA TYR H 279 -40.89 26.13 -39.55
C TYR H 279 -39.70 25.22 -39.29
N LEU H 280 -39.33 24.41 -40.29
CA LEU H 280 -38.11 23.63 -40.21
C LEU H 280 -36.91 24.51 -40.54
N GLY H 281 -35.74 23.90 -40.54
CA GLY H 281 -34.50 24.66 -40.63
C GLY H 281 -34.22 25.22 -42.00
N ALA H 282 -33.22 26.10 -42.03
CA ALA H 282 -32.57 26.63 -43.24
C ALA H 282 -33.58 27.32 -44.16
N GLY H 283 -34.06 28.46 -43.70
CA GLY H 283 -35.08 29.17 -44.41
C GLY H 283 -35.36 30.49 -43.74
N SER H 284 -36.63 30.80 -43.51
CA SER H 284 -37.00 31.96 -42.72
C SER H 284 -36.47 31.79 -41.31
N GLY H 285 -35.49 32.61 -40.93
CA GLY H 285 -34.80 32.45 -39.67
C GLY H 285 -34.81 33.73 -38.86
N ALA H 286 -34.22 33.62 -37.66
CA ALA H 286 -33.98 34.68 -36.68
C ALA H 286 -35.25 35.25 -36.06
N TRP H 287 -36.41 34.79 -36.51
CA TRP H 287 -37.69 35.18 -35.93
C TRP H 287 -38.52 33.92 -35.83
N THR H 288 -38.05 32.87 -36.49
CA THR H 288 -38.53 31.51 -36.27
C THR H 288 -37.55 30.68 -35.46
N LYS H 289 -36.25 30.90 -35.63
CA LYS H 289 -35.23 30.25 -34.82
C LYS H 289 -34.88 31.11 -33.62
N THR H 290 -35.89 31.63 -32.93
CA THR H 290 -35.71 32.67 -31.92
C THR H 290 -36.99 32.83 -31.08
N LEU H 291 -36.86 32.82 -29.76
CA LEU H 291 -37.97 33.36 -28.97
C LEU H 291 -37.91 34.87 -29.17
N PHE H 292 -38.89 35.39 -29.92
CA PHE H 292 -38.67 36.59 -30.73
C PHE H 292 -38.98 37.89 -30.00
N LYS H 293 -39.66 37.84 -28.84
CA LYS H 293 -40.03 39.08 -28.19
C LYS H 293 -38.84 39.74 -27.50
N GLN H 294 -37.90 38.94 -27.01
CA GLN H 294 -36.75 39.50 -26.31
C GLN H 294 -35.50 39.59 -27.16
N ALA H 295 -35.59 39.14 -28.41
CA ALA H 295 -34.43 39.18 -29.28
C ALA H 295 -34.41 40.30 -30.31
N ASP H 296 -35.53 41.00 -30.47
CA ASP H 296 -35.56 42.04 -31.50
C ASP H 296 -34.59 43.19 -31.29
N GLY H 297 -34.52 43.74 -30.08
CA GLY H 297 -33.58 44.82 -29.83
C GLY H 297 -32.15 44.33 -29.85
N ILE H 298 -31.96 43.20 -29.18
CA ILE H 298 -30.67 42.53 -29.04
C ILE H 298 -30.07 41.93 -30.31
N LEU H 299 -30.95 41.35 -31.12
CA LEU H 299 -30.53 40.59 -32.29
C LEU H 299 -29.82 41.45 -33.33
N GLN H 300 -30.24 42.71 -33.50
CA GLN H 300 -29.62 43.51 -34.55
C GLN H 300 -28.25 44.05 -34.17
N ARG H 301 -27.74 43.78 -32.96
CA ARG H 301 -26.42 44.26 -32.60
C ARG H 301 -25.34 43.49 -33.35
N ARG H 302 -25.60 42.24 -33.70
CA ARG H 302 -24.62 41.37 -34.31
C ARG H 302 -24.31 41.72 -35.76
N TYR H 303 -25.04 42.65 -36.37
CA TYR H 303 -24.85 42.92 -37.79
C TYR H 303 -24.70 44.42 -38.04
N SER H 304 -23.82 45.06 -37.28
CA SER H 304 -23.29 46.38 -37.64
C SER H 304 -22.09 46.17 -38.56
N ARG H 305 -22.38 45.75 -39.78
CA ARG H 305 -21.41 45.20 -40.71
C ARG H 305 -21.82 45.63 -42.12
N MET H 306 -21.30 44.93 -43.13
CA MET H 306 -21.72 45.16 -44.50
C MET H 306 -23.01 44.44 -44.83
N LYS H 307 -23.28 43.31 -44.18
CA LYS H 307 -24.53 42.57 -44.37
C LYS H 307 -25.59 42.99 -43.36
N THR H 308 -25.79 44.31 -43.27
CA THR H 308 -26.47 44.94 -42.14
C THR H 308 -27.95 44.61 -42.13
N LYS H 309 -28.41 44.04 -41.02
CA LYS H 309 -29.82 43.78 -40.81
C LYS H 309 -30.56 45.11 -40.68
N MET H 310 -31.73 45.18 -41.32
CA MET H 310 -32.34 46.46 -41.68
C MET H 310 -32.91 47.18 -40.45
N VAL H 311 -33.41 48.40 -40.72
CA VAL H 311 -34.01 49.24 -39.70
C VAL H 311 -35.31 48.61 -39.19
N LYS H 312 -35.98 47.85 -40.03
CA LYS H 312 -37.14 47.06 -39.61
C LYS H 312 -36.66 45.78 -38.91
N LYS H 313 -37.58 44.86 -38.68
CA LYS H 313 -37.22 43.56 -38.09
C LYS H 313 -36.26 42.79 -38.99
N GLY H 314 -36.70 42.44 -40.19
CA GLY H 314 -35.83 41.68 -41.06
C GLY H 314 -36.33 41.65 -42.49
N VAL H 315 -35.77 40.72 -43.25
CA VAL H 315 -36.07 40.55 -44.67
C VAL H 315 -36.82 39.24 -44.84
N LEU H 316 -37.85 39.24 -45.68
CA LEU H 316 -38.58 38.02 -45.98
C LEU H 316 -37.71 37.08 -46.80
N LYS H 317 -37.78 35.79 -46.48
CA LYS H 317 -37.00 34.76 -47.16
C LYS H 317 -37.91 34.03 -48.13
N LEU H 318 -37.53 34.01 -49.40
CA LEU H 318 -38.39 33.49 -50.45
C LEU H 318 -37.61 32.55 -51.36
N THR H 319 -38.37 31.75 -52.11
CA THR H 319 -37.84 30.81 -53.10
C THR H 319 -38.45 31.11 -54.46
N LYS H 320 -38.13 30.25 -55.42
CA LYS H 320 -38.91 30.07 -56.64
C LYS H 320 -38.98 28.57 -56.91
N ALA H 321 -40.11 27.97 -56.53
CA ALA H 321 -40.37 26.55 -56.66
C ALA H 321 -41.53 26.34 -57.63
N PRO H 322 -41.67 25.15 -58.22
CA PRO H 322 -42.81 24.94 -59.13
C PRO H 322 -44.15 24.96 -58.39
N LEU H 323 -45.16 25.45 -59.10
CA LEU H 323 -46.45 25.72 -58.49
C LEU H 323 -47.28 24.44 -58.47
N LYS H 324 -47.71 24.04 -57.28
CA LYS H 324 -48.61 22.90 -57.12
C LYS H 324 -49.73 23.28 -56.16
N THR H 325 -50.85 22.57 -56.28
CA THR H 325 -52.02 22.77 -55.46
C THR H 325 -52.39 21.45 -54.80
N VAL H 326 -53.17 21.54 -53.71
CA VAL H 326 -53.53 20.36 -52.94
C VAL H 326 -54.94 19.89 -53.28
N LYS H 327 -55.83 20.86 -53.61
CA LYS H 327 -57.24 20.62 -53.94
C LYS H 327 -57.99 19.84 -52.87
N ILE H 328 -57.59 20.01 -51.60
CA ILE H 328 -58.23 19.34 -50.48
C ILE H 328 -59.54 20.01 -50.04
N PRO H 329 -59.66 21.39 -49.97
CA PRO H 329 -61.01 21.94 -49.73
C PRO H 329 -61.92 21.86 -50.95
N SER H 330 -63.08 22.49 -50.84
CA SER H 330 -63.99 22.62 -51.97
C SER H 330 -63.35 23.54 -53.01
N GLY H 331 -62.87 22.96 -54.10
CA GLY H 331 -62.09 23.66 -55.09
C GLY H 331 -60.60 23.45 -54.91
N ASN H 332 -59.84 23.81 -55.94
CA ASN H 332 -58.39 23.72 -55.86
C ASN H 332 -57.87 24.83 -54.97
N HIS H 333 -57.26 24.45 -53.83
CA HIS H 333 -56.66 25.43 -52.94
C HIS H 333 -55.43 26.04 -53.61
N SER H 334 -55.48 27.36 -53.81
CA SER H 334 -54.56 28.03 -54.71
C SER H 334 -53.12 28.05 -54.20
N LEU H 335 -52.92 27.88 -52.89
CA LEU H 335 -51.65 27.59 -52.22
C LEU H 335 -50.68 28.78 -52.22
N VAL H 336 -51.00 29.83 -52.95
CA VAL H 336 -50.29 31.10 -52.95
C VAL H 336 -51.33 32.20 -53.03
N LYS H 337 -50.86 33.44 -53.06
CA LYS H 337 -51.70 34.58 -53.36
C LYS H 337 -51.02 35.48 -54.39
N ASN H 338 -50.16 34.88 -55.21
CA ASN H 338 -49.45 35.61 -56.26
C ASN H 338 -49.22 34.70 -57.46
N HIS H 339 -48.69 35.31 -58.50
CA HIS H 339 -48.08 34.58 -59.61
C HIS H 339 -46.59 34.41 -59.32
N GLU H 340 -45.81 34.05 -60.34
CA GLU H 340 -44.33 33.99 -60.38
C GLU H 340 -43.71 33.20 -59.21
N SER H 341 -44.43 32.19 -58.73
CA SER H 341 -43.88 30.98 -58.10
C SER H 341 -43.17 31.24 -56.78
N PHE H 342 -43.46 32.34 -56.09
CA PHE H 342 -42.83 32.62 -54.82
C PHE H 342 -43.45 31.79 -53.71
N TYR H 343 -42.64 30.97 -53.06
CA TYR H 343 -42.97 30.38 -51.76
C TYR H 343 -42.04 31.01 -50.73
N GLU H 344 -42.43 30.93 -49.47
CA GLU H 344 -41.52 31.32 -48.39
C GLU H 344 -40.86 30.07 -47.82
N MET H 345 -39.56 30.13 -47.60
CA MET H 345 -38.78 28.93 -47.35
C MET H 345 -38.98 28.43 -45.93
N GLY H 346 -39.14 27.12 -45.80
CA GLY H 346 -39.25 26.48 -44.50
C GLY H 346 -40.65 26.36 -43.94
N LYS H 347 -41.65 26.88 -44.63
CA LYS H 347 -43.03 26.86 -44.13
C LYS H 347 -43.62 25.47 -44.21
N ALA H 348 -43.55 24.71 -43.12
CA ALA H 348 -44.09 23.35 -43.11
C ALA H 348 -45.43 23.32 -42.39
N ASN H 349 -46.10 22.19 -42.52
CA ASN H 349 -47.39 21.97 -41.89
C ASN H 349 -47.49 20.54 -41.41
N PHE H 350 -48.23 20.34 -40.33
CA PHE H 350 -48.35 19.01 -39.74
C PHE H 350 -49.74 18.86 -39.14
N MET H 351 -50.07 17.61 -38.81
CA MET H 351 -51.15 17.31 -37.89
C MET H 351 -50.70 16.16 -37.01
N ILE H 352 -51.22 16.12 -35.79
CA ILE H 352 -50.70 15.24 -34.76
C ILE H 352 -51.81 14.31 -34.29
N LYS H 353 -51.42 13.09 -33.91
CA LYS H 353 -52.36 12.05 -33.51
C LYS H 353 -51.60 11.00 -32.72
N GLU H 354 -52.19 10.53 -31.64
CA GLU H 354 -51.57 9.49 -30.83
C GLU H 354 -51.64 8.15 -31.55
N ILE H 355 -50.56 7.38 -31.45
CA ILE H 355 -50.39 6.03 -32.02
C ILE H 355 -50.59 6.03 -33.54
#